data_5FIB
#
_entry.id   5FIB
#
_cell.length_a   181.173
_cell.length_b   181.173
_cell.length_c   109.891
_cell.angle_alpha   90.00
_cell.angle_beta   90.00
_cell.angle_gamma   90.00
#
_symmetry.space_group_name_H-M   'P 4 21 2'
#
loop_
_entity.id
_entity.type
_entity.pdbx_description
1 polymer 'Sphingomyelin phosphodiesterase'
2 branched 2-acetamido-2-deoxy-beta-D-glucopyranose-(1-4)-[alpha-L-fucopyranose-(1-6)]2-acetamido-2-deoxy-beta-D-glucopyranose
3 branched alpha-D-mannopyranose-(1-3)-[alpha-D-mannopyranose-(1-6)]beta-D-mannopyranose-(1-4)-2-acetamido-2-deoxy-beta-D-glucopyranose-(1-4)-[alpha-L-fucopyranose-(1-6)]2-acetamido-2-deoxy-beta-D-glucopyranose
4 branched 2-acetamido-2-deoxy-beta-D-glucopyranose-(1-4)-2-acetamido-2-deoxy-beta-D-glucopyranose
5 branched beta-D-mannopyranose-(1-4)-2-acetamido-2-deoxy-beta-D-glucopyranose-(1-4)-[alpha-L-fucopyranose-(1-6)]2-acetamido-2-deoxy-beta-D-glucopyranose
6 branched alpha-D-mannopyranose-(1-3)-[alpha-D-mannopyranose-(1-6)]beta-D-mannopyranose-(1-4)-2-acetamido-2-deoxy-beta-D-glucopyranose-(1-4)-2-acetamido-2-deoxy-beta-D-glucopyranose
7 branched alpha-D-mannopyranose-(1-3)-beta-D-mannopyranose-(1-4)-2-acetamido-2-deoxy-beta-D-glucopyranose-(1-4)-[alpha-L-fucopyranose-(1-6)]2-acetamido-2-deoxy-beta-D-glucopyranose
8 non-polymer 'ZINC ION'
9 non-polymer 'SULFATE ION'
10 non-polymer 2-acetamido-2-deoxy-beta-D-glucopyranose
11 water water
#
_entity_poly.entity_id   1
_entity_poly.type   'polypeptide(L)'
_entity_poly.pdbx_seq_one_letter_code
;DRHHHHHHKLNLTCPACKVLFTALNHGLKKEPNVARVGSVAIKICKMLNIAPLDVCQSAVHLFEDDVVEVWTRSVLSPSE
ACGLLLGSSCGHWDIFSTWNISLPSVPKPPPKPPSPPAPGAPVSRVLFLTDLHWDHEYLEGTDPYCADPLCCRRGSGWPP
NSQKGAGFWGEYSKCDLPLRTLESLLKGLGPAGPFEMVYWTGDIPAHDVWQQSRQDQLRALTTITDLVRKFLGPVPVYPA
VGNHESTPVNGFPPPFIKGNQSSQWLYEAMAKAWEPWLPADALHTLRIGGFYALTPRPGLRLISLNMNFCSRENFWLLIN
STDPAGQLQWLVEELQAAENRGDKVHIIGHIPPGHCLKSWSWNYYKIIARYENTLAGQFFGHTHVDEFEIFYDEETLSRP
LAVAFLAPSATTFINLNPGYRVYQIDGNYPGSSHVVLDHETYILNLTQANAAGGTPSWKRLYRARETYGLPDAMPASWHN
LVYRMRDDEQLFQTFWFLYHKGHPPSEPCGTPCRLATLCAQLSARADSPALCRHLMPN
;
_entity_poly.pdbx_strand_id   A,B
#
loop_
_chem_comp.id
_chem_comp.type
_chem_comp.name
_chem_comp.formula
BMA D-saccharide, beta linking beta-D-mannopyranose 'C6 H12 O6'
FUC L-saccharide, alpha linking alpha-L-fucopyranose 'C6 H12 O5'
MAN D-saccharide, alpha linking alpha-D-mannopyranose 'C6 H12 O6'
NAG D-saccharide, beta linking 2-acetamido-2-deoxy-beta-D-glucopyranose 'C8 H15 N O6'
SO4 non-polymer 'SULFATE ION' 'O4 S -2'
ZN non-polymer 'ZINC ION' 'Zn 2'
#
# COMPACT_ATOMS: atom_id res chain seq x y z
N HIS A 3 0.04 33.98 -47.22
CA HIS A 3 1.00 33.13 -47.90
C HIS A 3 0.34 31.83 -48.36
N HIS A 4 -0.97 31.89 -48.62
CA HIS A 4 -1.73 30.73 -49.07
C HIS A 4 -2.20 30.96 -50.50
N HIS A 5 -2.17 29.90 -51.29
CA HIS A 5 -2.32 29.96 -52.73
C HIS A 5 -3.72 29.51 -53.15
N HIS A 6 -4.41 30.34 -53.93
CA HIS A 6 -5.80 30.08 -54.29
C HIS A 6 -6.14 30.87 -55.55
N HIS A 7 -7.22 30.46 -56.20
CA HIS A 7 -7.79 31.20 -57.32
C HIS A 7 -9.31 31.26 -57.30
N HIS A 8 -9.95 30.73 -56.26
CA HIS A 8 -11.40 30.76 -56.13
C HIS A 8 -11.86 31.31 -54.78
N LYS A 9 -10.98 31.42 -53.80
CA LYS A 9 -11.39 31.78 -52.45
C LYS A 9 -11.74 33.26 -52.35
N LEU A 10 -12.81 33.53 -51.62
CA LEU A 10 -13.18 34.89 -51.24
C LEU A 10 -12.97 35.02 -49.73
N ASN A 11 -12.05 35.90 -49.33
CA ASN A 11 -11.84 36.17 -47.92
C ASN A 11 -12.91 37.09 -47.34
N LEU A 12 -14.06 37.19 -47.99
CA LEU A 12 -15.15 38.01 -47.50
C LEU A 12 -15.86 37.38 -46.31
N THR A 13 -15.72 36.08 -46.10
CA THR A 13 -16.46 35.39 -45.05
C THR A 13 -15.76 35.46 -43.70
N CYS A 14 -14.42 35.52 -43.68
CA CYS A 14 -13.69 35.57 -42.42
C CYS A 14 -14.01 36.85 -41.64
N PRO A 15 -13.84 38.05 -42.20
CA PRO A 15 -14.20 39.25 -41.43
C PRO A 15 -15.69 39.43 -41.27
N ALA A 16 -16.49 38.99 -42.23
CA ALA A 16 -17.94 39.07 -42.07
C ALA A 16 -18.38 38.38 -40.79
N CYS A 17 -17.72 37.28 -40.43
CA CYS A 17 -17.98 36.65 -39.14
C CYS A 17 -17.56 37.55 -38.00
N LYS A 18 -16.33 38.06 -38.04
CA LYS A 18 -15.82 38.89 -36.96
C LYS A 18 -16.67 40.14 -36.77
N VAL A 19 -16.95 40.86 -37.87
CA VAL A 19 -17.78 42.05 -37.78
C VAL A 19 -19.11 41.73 -37.14
N LEU A 20 -19.69 40.58 -37.52
CA LEU A 20 -21.08 40.32 -37.16
C LEU A 20 -21.21 39.97 -35.68
N PHE A 21 -20.32 39.14 -35.16
CA PHE A 21 -20.33 38.85 -33.72
C PHE A 21 -19.93 40.09 -32.93
N THR A 22 -18.92 40.81 -33.39
CA THR A 22 -18.56 42.09 -32.76
C THR A 22 -19.76 43.01 -32.67
N ALA A 23 -20.70 42.90 -33.62
CA ALA A 23 -21.90 43.72 -33.57
C ALA A 23 -22.85 43.25 -32.48
N LEU A 24 -23.01 41.93 -32.33
CA LEU A 24 -23.85 41.39 -31.26
C LEU A 24 -23.45 41.99 -29.91
N ASN A 25 -22.18 41.84 -29.55
CA ASN A 25 -21.72 42.26 -28.23
C ASN A 25 -22.10 43.71 -27.96
N HIS A 26 -21.88 44.60 -28.92
CA HIS A 26 -22.22 46.00 -28.72
C HIS A 26 -23.72 46.19 -28.51
N GLY A 27 -24.54 45.30 -29.08
CA GLY A 27 -25.98 45.39 -28.88
C GLY A 27 -26.47 44.72 -27.62
N LEU A 28 -25.69 43.81 -27.06
CA LEU A 28 -26.07 43.15 -25.82
C LEU A 28 -25.70 43.98 -24.60
N LYS A 29 -24.61 44.75 -24.67
CA LYS A 29 -24.18 45.55 -23.53
C LYS A 29 -25.16 46.68 -23.24
N LYS A 30 -25.83 47.20 -24.27
CA LYS A 30 -26.75 48.32 -24.09
C LYS A 30 -27.73 48.03 -22.96
N GLU A 31 -27.77 48.92 -21.97
CA GLU A 31 -28.70 48.77 -20.84
C GLU A 31 -30.15 48.63 -21.28
N PRO A 32 -30.68 49.45 -22.19
CA PRO A 32 -32.07 49.24 -22.63
C PRO A 32 -32.31 47.89 -23.27
N ASN A 33 -31.27 47.21 -23.75
CA ASN A 33 -31.42 45.86 -24.27
C ASN A 33 -31.38 44.82 -23.16
N VAL A 34 -30.48 45.01 -22.18
CA VAL A 34 -30.39 44.07 -21.07
C VAL A 34 -31.73 43.95 -20.37
N ALA A 35 -32.39 45.08 -20.12
CA ALA A 35 -33.71 45.05 -19.48
C ALA A 35 -34.71 44.27 -20.32
N ARG A 36 -34.57 44.31 -21.65
CA ARG A 36 -35.45 43.54 -22.52
C ARG A 36 -35.25 42.04 -22.32
N VAL A 37 -34.00 41.62 -22.08
CA VAL A 37 -33.70 40.22 -21.84
C VAL A 37 -34.13 39.79 -20.44
N GLY A 38 -34.36 40.73 -19.53
CA GLY A 38 -34.84 40.41 -18.21
C GLY A 38 -36.35 40.45 -18.11
N SER A 39 -36.94 41.56 -18.59
CA SER A 39 -38.39 41.73 -18.44
C SER A 39 -39.17 40.64 -19.17
N VAL A 40 -38.62 40.11 -20.27
CA VAL A 40 -39.28 39.01 -20.96
C VAL A 40 -39.14 37.72 -20.16
N ALA A 41 -38.05 37.56 -19.41
CA ALA A 41 -37.80 36.31 -18.71
C ALA A 41 -38.94 35.96 -17.75
N ILE A 42 -39.54 36.97 -17.13
CA ILE A 42 -40.67 36.72 -16.24
C ILE A 42 -41.79 36.03 -17.01
N LYS A 43 -42.09 36.52 -18.21
CA LYS A 43 -43.13 35.92 -19.02
C LYS A 43 -42.75 34.52 -19.49
N ILE A 44 -41.45 34.26 -19.61
CA ILE A 44 -40.99 32.96 -20.10
C ILE A 44 -41.10 31.89 -19.02
N CYS A 45 -40.89 32.25 -17.76
CA CYS A 45 -40.95 31.25 -16.69
C CYS A 45 -42.34 30.66 -16.56
N LYS A 46 -43.37 31.41 -16.95
CA LYS A 46 -44.70 30.83 -17.09
C LYS A 46 -44.79 29.96 -18.33
N MET A 47 -44.08 30.35 -19.40
CA MET A 47 -44.13 29.61 -20.66
C MET A 47 -43.40 28.28 -20.58
N LEU A 48 -42.40 28.18 -19.70
CA LEU A 48 -41.63 26.94 -19.55
C LEU A 48 -42.05 26.13 -18.32
N ASN A 49 -43.17 26.48 -17.69
CA ASN A 49 -43.68 25.74 -16.53
C ASN A 49 -42.65 25.72 -15.40
N ILE A 50 -42.16 26.90 -15.06
CA ILE A 50 -41.11 27.04 -14.05
C ILE A 50 -41.73 27.31 -12.68
N ALA A 51 -40.93 27.12 -11.63
CA ALA A 51 -41.22 27.37 -10.23
C ALA A 51 -41.77 28.78 -10.04
N PRO A 52 -42.04 29.24 -8.81
CA PRO A 52 -42.69 30.54 -8.63
C PRO A 52 -42.04 31.64 -9.46
N LEU A 53 -42.86 32.37 -10.21
CA LEU A 53 -42.36 33.42 -11.07
C LEU A 53 -41.76 34.57 -10.26
N ASP A 54 -42.23 34.78 -9.03
CA ASP A 54 -41.66 35.82 -8.19
C ASP A 54 -40.16 35.61 -8.02
N VAL A 55 -39.73 34.35 -7.90
CA VAL A 55 -38.30 34.05 -7.87
C VAL A 55 -37.66 34.40 -9.20
N CYS A 56 -38.29 33.96 -10.30
CA CYS A 56 -37.74 34.22 -11.63
C CYS A 56 -37.47 35.71 -11.85
N GLN A 57 -38.40 36.57 -11.43
CA GLN A 57 -38.19 38.00 -11.55
C GLN A 57 -36.92 38.45 -10.85
N SER A 58 -36.37 37.62 -9.96
CA SER A 58 -35.13 37.92 -9.25
C SER A 58 -33.96 37.05 -9.69
N ALA A 59 -34.19 35.76 -9.93
CA ALA A 59 -33.10 34.87 -10.30
C ALA A 59 -32.44 35.30 -11.60
N VAL A 60 -33.25 35.50 -12.64
CA VAL A 60 -32.69 35.86 -13.94
C VAL A 60 -32.09 37.25 -13.90
N HIS A 61 -32.54 38.12 -13.01
CA HIS A 61 -32.01 39.47 -12.95
C HIS A 61 -30.53 39.48 -12.60
N LEU A 62 -30.17 38.79 -11.52
CA LEU A 62 -28.78 38.83 -11.08
C LEU A 62 -27.86 38.11 -12.06
N PHE A 63 -28.30 36.96 -12.57
CA PHE A 63 -27.45 36.17 -13.45
C PHE A 63 -27.18 36.86 -14.79
N GLU A 64 -28.11 37.70 -15.26
CA GLU A 64 -28.07 38.15 -16.65
C GLU A 64 -26.77 38.88 -16.97
N ASP A 65 -26.48 39.96 -16.23
CA ASP A 65 -25.31 40.77 -16.57
C ASP A 65 -24.04 39.93 -16.60
N ASP A 66 -23.91 38.99 -15.67
CA ASP A 66 -22.70 38.20 -15.58
C ASP A 66 -22.64 37.13 -16.67
N VAL A 67 -23.76 36.45 -16.94
CA VAL A 67 -23.75 35.40 -17.95
C VAL A 67 -23.48 35.99 -19.33
N VAL A 68 -24.20 37.07 -19.67
CA VAL A 68 -24.00 37.71 -20.97
C VAL A 68 -22.53 37.99 -21.19
N GLU A 69 -21.90 38.71 -20.25
CA GLU A 69 -20.49 39.03 -20.38
C GLU A 69 -19.65 37.79 -20.63
N VAL A 70 -20.02 36.66 -20.03
CA VAL A 70 -19.24 35.45 -20.20
C VAL A 70 -19.38 34.90 -21.62
N TRP A 71 -20.59 34.99 -22.19
CA TRP A 71 -20.78 34.51 -23.55
C TRP A 71 -20.09 35.42 -24.55
N THR A 72 -20.15 36.74 -24.34
CA THR A 72 -19.47 37.66 -25.23
C THR A 72 -17.95 37.49 -25.15
N ARG A 73 -17.45 37.09 -23.98
CA ARG A 73 -16.02 36.91 -23.78
C ARG A 73 -15.56 35.48 -24.04
N SER A 74 -16.48 34.56 -24.28
CA SER A 74 -16.14 33.16 -24.52
C SER A 74 -16.54 32.75 -25.93
N VAL A 75 -17.83 32.54 -26.15
CA VAL A 75 -18.29 32.03 -27.44
C VAL A 75 -18.38 33.15 -28.46
N LEU A 76 -19.15 34.19 -28.15
CA LEU A 76 -19.31 35.31 -29.08
C LEU A 76 -18.07 36.15 -29.21
N SER A 77 -16.96 35.78 -28.58
CA SER A 77 -15.71 36.45 -28.86
C SER A 77 -15.35 36.22 -30.33
N PRO A 78 -15.05 37.26 -31.09
CA PRO A 78 -14.78 37.05 -32.52
C PRO A 78 -13.71 35.99 -32.77
N SER A 79 -12.63 36.02 -32.00
CA SER A 79 -11.55 35.06 -32.19
C SER A 79 -11.98 33.64 -31.85
N GLU A 80 -13.03 33.46 -31.05
CA GLU A 80 -13.46 32.14 -30.62
C GLU A 80 -14.48 31.54 -31.57
N ALA A 81 -15.54 32.28 -31.88
CA ALA A 81 -16.59 31.76 -32.76
C ALA A 81 -16.05 31.49 -34.16
N CYS A 82 -15.55 32.53 -34.83
CA CYS A 82 -15.05 32.36 -36.19
C CYS A 82 -14.02 31.26 -36.28
N GLY A 83 -13.27 31.01 -35.20
CA GLY A 83 -12.37 29.88 -35.18
C GLY A 83 -13.10 28.55 -35.22
N LEU A 84 -14.33 28.51 -34.71
CA LEU A 84 -15.10 27.27 -34.70
C LEU A 84 -15.62 26.94 -36.09
N LEU A 85 -15.99 27.96 -36.87
CA LEU A 85 -16.60 27.74 -38.18
C LEU A 85 -15.53 27.57 -39.26
N LEU A 86 -14.64 28.54 -39.38
CA LEU A 86 -13.73 28.62 -40.51
C LEU A 86 -12.37 27.98 -40.25
N GLY A 87 -12.12 27.53 -39.03
CA GLY A 87 -10.89 26.82 -38.71
C GLY A 87 -9.82 27.73 -38.15
N SER A 88 -8.58 27.22 -38.20
CA SER A 88 -7.44 27.96 -37.66
C SER A 88 -7.19 29.28 -38.37
N SER A 89 -7.84 29.51 -39.52
CA SER A 89 -7.55 30.71 -40.30
C SER A 89 -8.08 31.98 -39.63
N CYS A 90 -9.21 31.88 -38.92
CA CYS A 90 -9.86 33.06 -38.37
C CYS A 90 -10.04 33.00 -36.86
N GLY A 91 -9.39 32.06 -36.18
CA GLY A 91 -9.42 32.05 -34.73
C GLY A 91 -9.12 30.67 -34.18
N HIS A 92 -9.41 30.52 -32.88
CA HIS A 92 -9.18 29.29 -32.15
C HIS A 92 -10.32 29.10 -31.15
N TRP A 93 -10.76 27.85 -31.01
CA TRP A 93 -11.87 27.49 -30.11
C TRP A 93 -11.27 26.91 -28.84
N ASP A 94 -11.12 27.75 -27.82
CA ASP A 94 -10.44 27.38 -26.58
C ASP A 94 -11.39 26.93 -25.47
N ILE A 95 -12.70 27.02 -25.67
CA ILE A 95 -13.64 26.85 -24.57
C ILE A 95 -13.57 25.42 -24.04
N PHE A 96 -13.37 25.30 -22.72
CA PHE A 96 -13.27 24.01 -22.04
C PHE A 96 -12.32 23.06 -22.75
N SER A 97 -11.31 23.60 -23.42
CA SER A 97 -10.26 22.76 -23.97
C SER A 97 -9.51 22.06 -22.84
N THR A 98 -9.05 20.84 -23.13
CA THR A 98 -8.29 20.10 -22.13
C THR A 98 -6.93 20.75 -21.93
N TRP A 99 -6.45 20.71 -20.68
CA TRP A 99 -5.20 21.32 -20.30
C TRP A 99 -4.53 20.45 -19.26
N ASN A 100 -3.20 20.51 -19.20
CA ASN A 100 -2.43 19.73 -18.26
C ASN A 100 -1.54 20.62 -17.40
N ILE A 101 -0.96 19.99 -16.39
CA ILE A 101 -0.02 20.63 -15.49
C ILE A 101 1.29 19.88 -15.55
N SER A 102 2.38 20.64 -15.43
CA SER A 102 3.73 20.10 -15.48
C SER A 102 4.23 19.85 -14.06
N LEU A 103 4.66 18.61 -13.78
CA LEU A 103 5.26 18.32 -12.49
C LEU A 103 6.74 18.64 -12.50
N PRO A 104 7.33 18.94 -11.35
CA PRO A 104 8.77 19.25 -11.32
C PRO A 104 9.60 18.07 -11.77
N SER A 105 10.86 18.37 -12.10
CA SER A 105 11.80 17.33 -12.52
C SER A 105 12.27 16.46 -11.35
N VAL A 106 11.92 16.83 -10.13
CA VAL A 106 12.40 16.08 -8.95
C VAL A 106 11.85 14.66 -9.01
N PRO A 107 12.69 13.63 -8.90
CA PRO A 107 12.17 12.25 -8.89
C PRO A 107 11.26 12.01 -7.70
N LYS A 108 10.26 11.17 -7.91
CA LYS A 108 9.30 10.86 -6.86
C LYS A 108 9.91 9.87 -5.88
N PRO A 109 9.99 10.18 -4.60
CA PRO A 109 10.58 9.24 -3.64
C PRO A 109 9.71 8.01 -3.47
N PRO A 110 10.28 6.89 -3.02
CA PRO A 110 9.49 5.67 -2.84
C PRO A 110 8.40 5.89 -1.81
N PRO A 111 7.18 5.41 -2.07
CA PRO A 111 6.09 5.61 -1.10
C PRO A 111 6.45 5.02 0.25
N LYS A 112 6.44 5.88 1.27
CA LYS A 112 6.70 5.49 2.65
C LYS A 112 5.40 5.54 3.42
N PRO A 113 4.88 4.43 3.94
CA PRO A 113 3.67 4.50 4.77
C PRO A 113 3.98 5.22 6.07
N PRO A 114 3.09 6.11 6.53
CA PRO A 114 3.33 6.77 7.81
C PRO A 114 3.50 5.75 8.93
N SER A 115 4.32 6.11 9.91
CA SER A 115 4.52 5.21 11.03
C SER A 115 3.47 5.45 12.12
N PRO A 116 3.01 4.41 12.80
CA PRO A 116 2.05 4.64 13.88
C PRO A 116 2.65 5.54 14.94
N PRO A 117 1.82 6.32 15.63
CA PRO A 117 2.35 7.21 16.66
C PRO A 117 2.87 6.43 17.84
N ALA A 118 4.05 6.82 18.34
CA ALA A 118 4.66 6.13 19.45
C ALA A 118 3.77 6.19 20.68
N PRO A 119 3.97 5.28 21.63
CA PRO A 119 3.28 5.42 22.91
C PRO A 119 3.67 6.73 23.59
N GLY A 120 2.69 7.37 24.21
CA GLY A 120 2.92 8.67 24.81
C GLY A 120 3.11 9.79 23.81
N ALA A 121 2.84 9.55 22.54
CA ALA A 121 2.85 10.63 21.55
C ALA A 121 1.60 11.47 21.72
N PRO A 122 1.71 12.79 21.73
CA PRO A 122 0.52 13.63 21.92
C PRO A 122 -0.41 13.57 20.71
N VAL A 123 -1.68 13.89 20.98
CA VAL A 123 -2.71 13.94 19.95
C VAL A 123 -3.33 15.34 19.98
N SER A 124 -3.41 15.97 18.82
CA SER A 124 -4.03 17.29 18.69
C SER A 124 -5.45 17.13 18.17
N ARG A 125 -6.34 18.01 18.65
CA ARG A 125 -7.72 18.04 18.20
C ARG A 125 -7.93 19.26 17.31
N VAL A 126 -8.56 19.04 16.16
CA VAL A 126 -8.81 20.09 15.18
C VAL A 126 -10.32 20.18 14.97
N LEU A 127 -10.87 21.37 15.19
CA LEU A 127 -12.28 21.62 14.92
C LEU A 127 -12.47 21.91 13.45
N PHE A 128 -13.59 21.43 12.89
CA PHE A 128 -13.88 21.58 11.48
C PHE A 128 -15.30 22.09 11.31
N LEU A 129 -15.43 23.38 10.99
CA LEU A 129 -16.71 24.00 10.68
C LEU A 129 -16.86 24.11 9.17
N THR A 130 -18.04 23.75 8.66
CA THR A 130 -18.29 23.83 7.23
C THR A 130 -19.78 24.06 6.99
N ASP A 131 -20.08 24.77 5.90
CA ASP A 131 -21.45 24.96 5.44
C ASP A 131 -22.37 25.41 6.58
N LEU A 132 -22.00 26.54 7.18
CA LEU A 132 -22.84 27.11 8.24
C LEU A 132 -24.17 27.59 7.68
N HIS A 133 -24.14 28.39 6.62
CA HIS A 133 -25.35 28.83 5.91
C HIS A 133 -26.31 29.53 6.87
N TRP A 134 -25.89 30.73 7.28
CA TRP A 134 -26.71 31.58 8.13
C TRP A 134 -27.81 32.23 7.30
N ASP A 135 -29.05 32.11 7.77
CA ASP A 135 -30.22 32.71 7.13
C ASP A 135 -30.75 33.82 8.03
N HIS A 136 -30.39 35.06 7.71
CA HIS A 136 -30.84 36.19 8.53
C HIS A 136 -32.35 36.26 8.62
N GLU A 137 -33.06 35.74 7.63
CA GLU A 137 -34.51 35.85 7.56
C GLU A 137 -35.21 34.61 8.10
N TYR A 138 -34.52 33.78 8.88
CA TYR A 138 -35.17 32.62 9.48
C TYR A 138 -36.18 33.06 10.52
N LEU A 139 -37.37 32.45 10.48
CA LEU A 139 -38.44 32.81 11.40
C LEU A 139 -39.13 31.54 11.88
N GLU A 140 -39.55 31.56 13.15
CA GLU A 140 -40.15 30.38 13.76
C GLU A 140 -41.63 30.32 13.42
N GLY A 141 -42.10 29.12 13.07
CA GLY A 141 -43.50 28.90 12.79
C GLY A 141 -43.91 29.10 11.35
N THR A 142 -43.00 29.48 10.47
CA THR A 142 -43.34 29.69 9.07
C THR A 142 -43.33 28.36 8.31
N ASP A 143 -43.95 28.37 7.15
CA ASP A 143 -44.14 27.15 6.37
C ASP A 143 -42.79 26.54 6.01
N PRO A 144 -42.49 25.30 6.42
CA PRO A 144 -41.27 24.64 5.95
C PRO A 144 -41.41 24.01 4.57
N TYR A 145 -42.64 23.92 4.03
CA TYR A 145 -42.87 23.29 2.74
C TYR A 145 -43.42 24.30 1.75
N CYS A 146 -42.80 25.47 1.68
CA CYS A 146 -43.22 26.51 0.76
C CYS A 146 -42.82 26.13 -0.67
N ALA A 147 -43.11 27.02 -1.62
CA ALA A 147 -42.78 26.77 -3.01
C ALA A 147 -41.40 27.27 -3.40
N ASP A 148 -40.83 28.22 -2.65
CA ASP A 148 -39.52 28.74 -2.97
C ASP A 148 -38.46 27.66 -2.77
N PRO A 149 -37.26 27.86 -3.32
CA PRO A 149 -36.16 26.94 -3.03
C PRO A 149 -35.75 26.91 -1.56
N LEU A 150 -36.03 27.97 -0.81
CA LEU A 150 -35.67 28.05 0.60
C LEU A 150 -36.87 28.54 1.40
N CYS A 151 -37.20 27.81 2.47
CA CYS A 151 -38.37 28.13 3.28
C CYS A 151 -37.96 28.44 4.72
N CYS A 152 -38.91 28.34 5.66
CA CYS A 152 -38.70 28.65 7.07
C CYS A 152 -38.26 30.09 7.29
N ARG A 153 -38.55 30.98 6.35
CA ARG A 153 -38.04 32.35 6.39
C ARG A 153 -39.17 33.32 6.06
N ARG A 154 -38.88 34.60 6.22
CA ARG A 154 -39.80 35.65 5.81
C ARG A 154 -40.08 35.54 4.31
N GLY A 155 -41.36 35.56 3.95
CA GLY A 155 -41.78 35.42 2.58
C GLY A 155 -42.32 34.05 2.23
N SER A 156 -41.99 33.03 3.02
CA SER A 156 -42.50 31.68 2.79
C SER A 156 -43.90 31.48 3.38
N GLY A 157 -44.47 32.51 3.99
CA GLY A 157 -45.81 32.42 4.52
C GLY A 157 -45.95 31.41 5.63
N TRP A 158 -47.14 31.31 6.20
CA TRP A 158 -47.40 30.42 7.33
C TRP A 158 -48.11 29.16 6.85
N PRO A 159 -48.01 28.07 7.62
CA PRO A 159 -48.51 26.77 7.14
C PRO A 159 -50.01 26.68 7.26
N PRO A 160 -50.66 25.88 6.42
CA PRO A 160 -52.11 25.76 6.44
C PRO A 160 -52.60 24.67 7.38
N ASN A 161 -53.91 24.65 7.59
CA ASN A 161 -54.58 23.58 8.34
C ASN A 161 -53.95 23.39 9.72
N SER A 162 -53.45 24.48 10.31
CA SER A 162 -52.81 24.44 11.62
C SER A 162 -51.63 23.47 11.63
N GLN A 163 -51.00 23.25 10.48
CA GLN A 163 -49.84 22.38 10.42
C GLN A 163 -48.73 22.92 11.31
N LYS A 164 -47.71 22.09 11.51
CA LYS A 164 -46.61 22.44 12.41
C LYS A 164 -45.60 23.31 11.68
N GLY A 165 -45.40 24.53 12.18
CA GLY A 165 -44.51 25.47 11.56
C GLY A 165 -43.06 25.08 11.73
N ALA A 166 -42.18 26.04 11.43
CA ALA A 166 -40.74 25.82 11.48
C ALA A 166 -40.27 25.83 12.93
N GLY A 167 -39.38 24.89 13.26
CA GLY A 167 -38.86 24.81 14.60
C GLY A 167 -38.07 26.04 15.00
N PHE A 168 -37.90 26.19 16.31
CA PHE A 168 -37.20 27.36 16.84
C PHE A 168 -35.70 27.31 16.54
N TRP A 169 -35.14 26.11 16.39
CA TRP A 169 -33.71 25.94 16.17
C TRP A 169 -33.37 25.50 14.75
N GLY A 170 -34.36 25.37 13.87
CA GLY A 170 -34.14 24.83 12.55
C GLY A 170 -35.28 23.89 12.20
N GLU A 171 -35.19 23.21 11.05
CA GLU A 171 -36.28 22.33 10.65
C GLU A 171 -35.79 21.34 9.61
N TYR A 172 -36.33 20.12 9.68
CA TYR A 172 -36.02 19.06 8.72
C TYR A 172 -36.69 19.38 7.38
N SER A 173 -36.00 20.19 6.57
CA SER A 173 -36.50 20.54 5.24
C SER A 173 -35.48 21.37 4.48
N LYS A 174 -35.94 22.02 3.40
CA LYS A 174 -35.09 22.93 2.61
C LYS A 174 -35.01 24.29 3.30
N CYS A 175 -34.44 24.28 4.50
CA CYS A 175 -34.32 25.46 5.34
C CYS A 175 -32.88 25.60 5.82
N ASP A 176 -32.53 26.80 6.26
CA ASP A 176 -31.22 27.09 6.82
C ASP A 176 -31.37 27.47 8.29
N LEU A 177 -30.25 27.93 8.89
CA LEU A 177 -30.21 28.09 10.34
C LEU A 177 -30.39 29.55 10.75
N PRO A 178 -31.08 29.80 11.86
CA PRO A 178 -31.01 31.13 12.48
C PRO A 178 -29.68 31.33 13.16
N LEU A 179 -29.37 32.59 13.46
CA LEU A 179 -28.07 32.90 14.07
C LEU A 179 -27.94 32.24 15.43
N ARG A 180 -29.02 32.19 16.20
CA ARG A 180 -28.96 31.61 17.54
C ARG A 180 -28.41 30.20 17.51
N THR A 181 -28.82 29.40 16.53
CA THR A 181 -28.38 28.01 16.46
C THR A 181 -26.88 27.90 16.17
N LEU A 182 -26.28 28.92 15.57
CA LEU A 182 -24.83 28.92 15.41
C LEU A 182 -24.12 29.37 16.68
N GLU A 183 -24.72 30.33 17.40
CA GLU A 183 -24.20 30.71 18.71
C GLU A 183 -24.24 29.53 19.66
N SER A 184 -25.30 28.72 19.59
CA SER A 184 -25.40 27.53 20.42
C SER A 184 -24.30 26.53 20.09
N LEU A 185 -23.98 26.40 18.80
CA LEU A 185 -22.92 25.47 18.39
C LEU A 185 -21.58 25.89 18.98
N LEU A 186 -21.25 27.17 18.88
CA LEU A 186 -19.95 27.65 19.33
C LEU A 186 -19.84 27.74 20.85
N LYS A 187 -20.98 27.81 21.57
CA LYS A 187 -20.93 27.82 23.02
C LYS A 187 -20.67 26.43 23.60
N GLY A 188 -21.12 25.38 22.92
CA GLY A 188 -21.00 24.03 23.44
C GLY A 188 -19.73 23.33 23.03
N LEU A 189 -18.69 24.08 22.68
CA LEU A 189 -17.41 23.52 22.30
C LEU A 189 -16.50 23.25 23.48
N GLY A 190 -16.97 23.47 24.71
CA GLY A 190 -16.18 23.21 25.89
C GLY A 190 -15.71 21.77 25.96
N PRO A 191 -16.66 20.84 26.11
CA PRO A 191 -16.26 19.42 26.20
C PRO A 191 -15.59 18.90 24.94
N ALA A 192 -16.06 19.31 23.75
CA ALA A 192 -15.45 18.82 22.52
C ALA A 192 -14.02 19.28 22.37
N GLY A 193 -13.68 20.44 22.92
CA GLY A 193 -12.31 20.93 22.89
C GLY A 193 -11.43 20.27 23.93
N PRO A 194 -10.26 20.85 24.22
CA PRO A 194 -9.71 22.05 23.59
C PRO A 194 -9.16 21.78 22.19
N PHE A 195 -9.05 22.82 21.37
CA PHE A 195 -8.57 22.68 20.00
C PHE A 195 -7.26 23.43 19.83
N GLU A 196 -6.42 22.91 18.95
CA GLU A 196 -5.19 23.58 18.57
C GLU A 196 -5.40 24.58 17.44
N MET A 197 -6.43 24.37 16.62
CA MET A 197 -6.71 25.20 15.47
C MET A 197 -8.02 24.73 14.85
N VAL A 198 -8.59 25.57 13.99
CA VAL A 198 -9.88 25.28 13.36
C VAL A 198 -9.75 25.45 11.86
N TYR A 199 -10.40 24.56 11.11
CA TYR A 199 -10.55 24.68 9.67
C TYR A 199 -11.99 25.02 9.36
N TRP A 200 -12.20 26.05 8.55
CA TRP A 200 -13.53 26.63 8.33
C TRP A 200 -13.73 26.81 6.82
N THR A 201 -14.44 25.87 6.19
CA THR A 201 -14.50 25.79 4.74
C THR A 201 -15.70 26.51 4.14
N GLY A 202 -16.07 27.67 4.67
CA GLY A 202 -16.98 28.57 3.97
C GLY A 202 -18.41 28.07 3.79
N ASP A 203 -19.08 28.69 2.81
CA ASP A 203 -20.53 28.60 2.61
C ASP A 203 -21.25 29.22 3.81
N ILE A 204 -20.97 30.50 4.05
CA ILE A 204 -21.51 31.23 5.19
C ILE A 204 -22.95 31.66 4.90
N PRO A 205 -23.24 32.28 3.76
CA PRO A 205 -24.59 32.80 3.54
C PRO A 205 -25.56 31.70 3.14
N ALA A 206 -26.85 32.01 3.28
CA ALA A 206 -27.90 31.03 3.08
C ALA A 206 -28.15 30.80 1.60
N HIS A 207 -29.13 29.95 1.30
CA HIS A 207 -29.47 29.58 -0.07
C HIS A 207 -30.50 30.50 -0.70
N ASP A 208 -30.71 31.69 -0.13
CA ASP A 208 -31.60 32.68 -0.73
C ASP A 208 -30.89 33.39 -1.88
N VAL A 209 -30.34 32.60 -2.81
CA VAL A 209 -29.46 33.15 -3.84
C VAL A 209 -30.15 34.22 -4.67
N TRP A 210 -31.47 34.12 -4.85
CA TRP A 210 -32.16 35.00 -5.78
C TRP A 210 -32.19 36.46 -5.33
N GLN A 211 -31.98 36.74 -4.04
CA GLN A 211 -32.11 38.09 -3.50
C GLN A 211 -30.92 38.44 -2.61
N GLN A 212 -29.72 38.13 -3.07
CA GLN A 212 -28.49 38.35 -2.31
C GLN A 212 -27.73 39.54 -2.90
N SER A 213 -27.77 40.67 -2.20
CA SER A 213 -26.92 41.79 -2.57
C SER A 213 -25.50 41.56 -2.05
N ARG A 214 -24.58 42.45 -2.45
CA ARG A 214 -23.22 42.35 -1.96
C ARG A 214 -23.12 42.79 -0.49
N GLN A 215 -24.05 43.60 -0.02
CA GLN A 215 -24.06 43.96 1.39
C GLN A 215 -24.49 42.80 2.27
N ASP A 216 -25.41 41.97 1.78
CA ASP A 216 -25.85 40.81 2.52
C ASP A 216 -24.77 39.73 2.58
N GLN A 217 -23.91 39.67 1.56
CA GLN A 217 -22.84 38.68 1.56
C GLN A 217 -21.68 39.11 2.47
N LEU A 218 -21.38 40.40 2.50
CA LEU A 218 -20.38 40.90 3.44
C LEU A 218 -20.93 40.95 4.86
N ARG A 219 -22.24 41.14 5.01
CA ARG A 219 -22.85 41.10 6.33
C ARG A 219 -22.71 39.71 6.94
N ALA A 220 -23.00 38.67 6.16
CA ALA A 220 -22.82 37.31 6.63
C ALA A 220 -21.35 37.01 6.90
N LEU A 221 -20.45 37.59 6.11
CA LEU A 221 -19.02 37.35 6.30
C LEU A 221 -18.55 37.85 7.66
N THR A 222 -18.81 39.13 7.96
CA THR A 222 -18.30 39.72 9.18
C THR A 222 -19.08 39.27 10.41
N THR A 223 -20.38 39.05 10.28
CA THR A 223 -21.17 38.59 11.42
C THR A 223 -20.65 37.26 11.93
N ILE A 224 -20.58 36.26 11.05
CA ILE A 224 -20.17 34.92 11.47
C ILE A 224 -18.70 34.91 11.84
N THR A 225 -17.86 35.58 11.06
CA THR A 225 -16.44 35.65 11.39
C THR A 225 -16.22 36.33 12.74
N ASP A 226 -17.09 37.26 13.12
CA ASP A 226 -16.99 37.86 14.45
C ASP A 226 -17.49 36.91 15.53
N LEU A 227 -18.56 36.17 15.24
CA LEU A 227 -19.09 35.20 16.20
C LEU A 227 -18.11 34.06 16.43
N VAL A 228 -17.46 33.59 15.36
CA VAL A 228 -16.50 32.49 15.49
C VAL A 228 -15.28 32.94 16.28
N ARG A 229 -14.71 34.09 15.93
CA ARG A 229 -13.55 34.58 16.67
C ARG A 229 -13.89 34.82 18.13
N LYS A 230 -15.16 35.12 18.43
CA LYS A 230 -15.55 35.41 19.81
C LYS A 230 -15.40 34.17 20.68
N PHE A 231 -15.91 33.03 20.23
CA PHE A 231 -15.96 31.82 21.04
C PHE A 231 -14.74 30.92 20.89
N LEU A 232 -13.89 31.17 19.89
CA LEU A 232 -12.65 30.42 19.74
C LEU A 232 -11.45 31.13 20.32
N GLY A 233 -11.57 32.43 20.61
CA GLY A 233 -10.52 33.16 21.28
C GLY A 233 -9.17 33.04 20.60
N PRO A 234 -8.12 32.75 21.36
CA PRO A 234 -6.76 32.73 20.76
C PRO A 234 -6.56 31.61 19.75
N VAL A 235 -7.48 30.64 19.67
CA VAL A 235 -7.34 29.53 18.74
C VAL A 235 -7.37 30.08 17.32
N PRO A 236 -6.35 29.82 16.50
CA PRO A 236 -6.41 30.32 15.12
C PRO A 236 -7.43 29.55 14.30
N VAL A 237 -8.11 30.26 13.41
CA VAL A 237 -9.09 29.68 12.50
C VAL A 237 -8.60 29.92 11.08
N TYR A 238 -8.38 28.85 10.34
CA TYR A 238 -7.88 28.94 8.97
C TYR A 238 -9.01 28.60 8.01
N PRO A 239 -9.62 29.59 7.34
CA PRO A 239 -10.81 29.30 6.52
C PRO A 239 -10.53 29.18 5.03
N ALA A 240 -11.53 28.68 4.31
CA ALA A 240 -11.46 28.52 2.86
C ALA A 240 -12.72 29.12 2.24
N VAL A 241 -12.64 29.39 0.94
CA VAL A 241 -13.70 30.09 0.23
C VAL A 241 -14.73 29.08 -0.25
N GLY A 242 -15.98 29.27 0.18
CA GLY A 242 -17.09 28.47 -0.31
C GLY A 242 -17.71 29.05 -1.56
N ASN A 243 -18.77 28.39 -2.04
CA ASN A 243 -19.38 28.76 -3.30
C ASN A 243 -20.60 29.68 -3.15
N HIS A 244 -21.12 29.84 -1.93
CA HIS A 244 -22.18 30.81 -1.68
C HIS A 244 -21.64 32.13 -1.14
N GLU A 245 -20.32 32.33 -1.18
CA GLU A 245 -19.73 33.51 -0.58
C GLU A 245 -19.90 34.72 -1.49
N SER A 246 -19.81 34.52 -2.80
CA SER A 246 -19.96 35.59 -3.77
C SER A 246 -21.41 35.65 -4.25
N THR A 247 -21.77 36.80 -4.82
CA THR A 247 -23.06 36.95 -5.49
C THR A 247 -22.86 37.49 -6.90
N PRO A 248 -23.46 36.86 -7.91
CA PRO A 248 -24.35 35.69 -7.84
C PRO A 248 -23.64 34.40 -7.44
N VAL A 249 -24.41 33.43 -6.92
CA VAL A 249 -23.83 32.21 -6.41
C VAL A 249 -22.94 31.56 -7.47
N ASN A 250 -21.83 30.98 -7.01
CA ASN A 250 -20.85 30.31 -7.84
C ASN A 250 -20.12 31.26 -8.77
N GLY A 251 -20.35 32.57 -8.65
CA GLY A 251 -19.72 33.52 -9.55
C GLY A 251 -18.38 34.03 -9.04
N PHE A 252 -17.29 33.38 -9.45
CA PHE A 252 -15.94 33.74 -9.01
C PHE A 252 -15.07 34.01 -10.23
N PRO A 253 -15.08 35.22 -10.76
CA PRO A 253 -14.23 35.55 -11.92
C PRO A 253 -12.77 35.46 -11.56
N PRO A 254 -11.95 34.78 -12.36
CA PRO A 254 -10.52 34.66 -12.04
C PRO A 254 -9.87 36.03 -11.89
N PRO A 255 -8.58 36.07 -11.50
CA PRO A 255 -7.95 37.37 -11.23
C PRO A 255 -7.77 38.23 -12.47
N PHE A 256 -7.68 37.64 -13.66
CA PHE A 256 -7.41 38.45 -14.86
C PHE A 256 -8.56 39.39 -15.18
N ILE A 257 -9.77 39.12 -14.67
CA ILE A 257 -10.87 40.06 -14.79
C ILE A 257 -10.69 41.16 -13.76
N LYS A 258 -10.94 42.39 -14.17
CA LYS A 258 -10.74 43.56 -13.33
C LYS A 258 -12.03 44.37 -13.29
N GLY A 259 -12.08 45.30 -12.33
CA GLY A 259 -13.22 46.18 -12.20
C GLY A 259 -14.32 45.61 -11.32
N ASN A 260 -15.29 46.48 -11.04
CA ASN A 260 -16.45 46.17 -10.19
C ASN A 260 -16.91 44.72 -10.31
N GLN A 261 -16.85 44.16 -11.53
CA GLN A 261 -17.35 42.81 -11.76
C GLN A 261 -16.41 41.71 -11.28
N SER A 262 -15.16 42.05 -10.91
CA SER A 262 -14.29 41.06 -10.32
C SER A 262 -14.78 40.70 -8.92
N SER A 263 -14.11 39.73 -8.30
CA SER A 263 -14.41 39.34 -6.93
C SER A 263 -13.48 40.00 -5.92
N GLN A 264 -12.85 41.12 -6.30
CA GLN A 264 -12.02 41.87 -5.37
C GLN A 264 -12.82 42.39 -4.19
N TRP A 265 -14.11 42.68 -4.40
CA TRP A 265 -14.95 43.15 -3.30
C TRP A 265 -15.03 42.12 -2.18
N LEU A 266 -14.93 40.83 -2.53
CA LEU A 266 -15.04 39.75 -1.57
C LEU A 266 -13.69 39.43 -0.94
N TYR A 267 -12.70 39.10 -1.77
CA TYR A 267 -11.40 38.68 -1.25
C TYR A 267 -10.76 39.75 -0.37
N GLU A 268 -10.99 41.02 -0.68
CA GLU A 268 -10.38 42.08 0.13
C GLU A 268 -11.14 42.30 1.43
N ALA A 269 -12.44 41.97 1.46
CA ALA A 269 -13.18 42.04 2.71
C ALA A 269 -12.81 40.87 3.62
N MET A 270 -12.57 39.70 3.02
CA MET A 270 -12.05 38.57 3.78
C MET A 270 -10.71 38.90 4.42
N ALA A 271 -9.78 39.44 3.62
CA ALA A 271 -8.46 39.78 4.12
C ALA A 271 -8.52 40.73 5.31
N LYS A 272 -9.62 41.47 5.48
CA LYS A 272 -9.79 42.31 6.66
C LYS A 272 -10.43 41.55 7.82
N ALA A 273 -11.45 40.75 7.52
CA ALA A 273 -12.10 39.98 8.58
C ALA A 273 -11.20 38.88 9.12
N TRP A 274 -10.35 38.30 8.26
CA TRP A 274 -9.50 37.18 8.64
C TRP A 274 -8.06 37.61 8.92
N GLU A 275 -7.80 38.91 9.01
CA GLU A 275 -6.45 39.36 9.33
C GLU A 275 -5.93 38.82 10.66
N PRO A 276 -6.73 38.76 11.73
CA PRO A 276 -6.20 38.26 13.01
C PRO A 276 -5.70 36.82 12.95
N TRP A 277 -6.15 36.04 11.97
CA TRP A 277 -5.80 34.63 11.87
C TRP A 277 -4.67 34.35 10.90
N LEU A 278 -4.62 35.06 9.80
CA LEU A 278 -3.70 34.74 8.71
C LEU A 278 -2.50 35.68 8.72
N PRO A 279 -1.31 35.19 8.39
CA PRO A 279 -0.14 36.09 8.33
C PRO A 279 -0.18 36.99 7.11
N ALA A 280 0.86 37.81 6.94
CA ALA A 280 0.87 38.77 5.84
C ALA A 280 0.89 38.06 4.49
N ASP A 281 1.91 37.23 4.25
CA ASP A 281 2.05 36.59 2.94
C ASP A 281 0.81 35.79 2.57
N ALA A 282 0.09 35.28 3.57
CA ALA A 282 -1.16 34.55 3.29
C ALA A 282 -2.24 35.50 2.82
N LEU A 283 -2.33 36.68 3.45
CA LEU A 283 -3.34 37.66 3.04
C LEU A 283 -3.10 38.14 1.61
N HIS A 284 -1.85 38.23 1.18
CA HIS A 284 -1.54 38.70 -0.16
C HIS A 284 -2.28 37.86 -1.20
N THR A 285 -2.02 36.55 -1.22
CA THR A 285 -2.68 35.69 -2.19
C THR A 285 -4.19 35.58 -1.94
N LEU A 286 -4.62 35.79 -0.70
CA LEU A 286 -6.06 35.76 -0.42
C LEU A 286 -6.79 36.82 -1.23
N ARG A 287 -6.31 38.07 -1.14
CA ARG A 287 -6.93 39.16 -1.89
C ARG A 287 -7.02 38.85 -3.37
N ILE A 288 -5.95 38.28 -3.95
CA ILE A 288 -5.89 38.09 -5.40
C ILE A 288 -6.87 37.02 -5.84
N GLY A 289 -6.75 35.81 -5.28
CA GLY A 289 -7.47 34.67 -5.81
C GLY A 289 -8.23 33.85 -4.78
N GLY A 290 -8.21 34.27 -3.53
CA GLY A 290 -8.98 33.59 -2.50
C GLY A 290 -8.39 32.28 -2.02
N PHE A 291 -7.10 32.03 -2.25
CA PHE A 291 -6.42 30.86 -1.72
C PHE A 291 -5.11 31.32 -1.08
N TYR A 292 -4.53 30.45 -0.26
CA TYR A 292 -3.36 30.84 0.51
C TYR A 292 -2.75 29.59 1.15
N ALA A 293 -1.55 29.79 1.70
CA ALA A 293 -0.82 28.75 2.42
C ALA A 293 -0.07 29.38 3.57
N LEU A 294 0.16 28.58 4.62
CA LEU A 294 0.85 29.06 5.81
C LEU A 294 1.37 27.86 6.58
N THR A 295 2.07 28.14 7.68
CA THR A 295 2.59 27.10 8.56
C THR A 295 1.90 27.22 9.91
N PRO A 296 0.94 26.34 10.24
CA PRO A 296 0.28 26.45 11.55
C PRO A 296 1.14 25.95 12.69
N ARG A 297 2.14 25.13 12.41
CA ARG A 297 3.02 24.56 13.43
C ARG A 297 4.20 23.91 12.75
N PRO A 298 5.30 23.69 13.47
CA PRO A 298 6.52 23.18 12.83
C PRO A 298 6.26 21.87 12.10
N GLY A 299 6.85 21.74 10.92
CA GLY A 299 6.77 20.51 10.16
C GLY A 299 5.44 20.26 9.49
N LEU A 300 4.54 21.24 9.47
CA LEU A 300 3.25 21.09 8.82
C LEU A 300 2.96 22.35 8.00
N ARG A 301 2.45 22.13 6.79
CA ARG A 301 2.08 23.21 5.89
C ARG A 301 0.59 23.13 5.62
N LEU A 302 -0.11 24.25 5.80
CA LEU A 302 -1.54 24.33 5.54
C LEU A 302 -1.78 25.05 4.22
N ILE A 303 -2.64 24.47 3.38
CA ILE A 303 -2.93 25.02 2.06
C ILE A 303 -4.44 25.10 1.90
N SER A 304 -4.96 26.31 1.70
CA SER A 304 -6.38 26.55 1.53
C SER A 304 -6.63 26.91 0.07
N LEU A 305 -7.29 26.01 -0.66
CA LEU A 305 -7.56 26.20 -2.07
C LEU A 305 -8.93 26.83 -2.28
N ASN A 306 -9.03 27.62 -3.34
CA ASN A 306 -10.32 28.16 -3.78
C ASN A 306 -10.88 27.19 -4.82
N MET A 307 -11.71 26.26 -4.35
CA MET A 307 -12.26 25.23 -5.22
C MET A 307 -13.31 25.76 -6.18
N ASN A 308 -13.66 27.05 -6.11
CA ASN A 308 -14.55 27.63 -7.10
C ASN A 308 -13.92 27.65 -8.49
N PHE A 309 -12.59 27.76 -8.55
CA PHE A 309 -11.88 27.73 -9.83
C PHE A 309 -11.83 26.32 -10.42
N CYS A 310 -12.70 25.43 -9.94
CA CYS A 310 -12.88 24.11 -10.52
C CYS A 310 -14.35 23.79 -10.76
N SER A 311 -15.26 24.64 -10.33
CA SER A 311 -16.67 24.29 -10.24
C SER A 311 -17.37 24.41 -11.58
N ARG A 312 -18.04 23.33 -12.00
CA ARG A 312 -18.95 23.41 -13.14
C ARG A 312 -19.87 24.61 -13.01
N GLU A 313 -20.35 24.87 -11.80
CA GLU A 313 -21.31 25.95 -11.56
C GLU A 313 -20.71 27.34 -11.76
N ASN A 314 -19.39 27.44 -11.92
CA ASN A 314 -18.73 28.74 -12.10
C ASN A 314 -18.71 29.06 -13.59
N PHE A 315 -19.70 29.84 -14.04
CA PHE A 315 -19.83 30.10 -15.46
C PHE A 315 -18.68 30.94 -15.99
N TRP A 316 -18.04 31.75 -15.14
CA TRP A 316 -16.91 32.55 -15.58
C TRP A 316 -15.76 31.72 -16.14
N LEU A 317 -15.76 30.40 -15.95
CA LEU A 317 -14.63 29.58 -16.38
C LEU A 317 -14.65 29.29 -17.87
N LEU A 318 -15.76 29.54 -18.56
CA LEU A 318 -15.81 29.42 -20.01
C LEU A 318 -14.65 30.16 -20.66
N ILE A 319 -14.54 31.45 -20.36
CA ILE A 319 -13.53 32.34 -20.94
C ILE A 319 -12.20 31.63 -21.02
N ASN A 320 -11.71 31.16 -19.87
CA ASN A 320 -10.48 30.39 -19.82
C ASN A 320 -10.58 29.44 -18.63
N SER A 321 -10.75 28.15 -18.92
CA SER A 321 -10.89 27.13 -17.88
C SER A 321 -9.57 26.42 -17.61
N THR A 322 -8.45 26.93 -18.12
CA THR A 322 -7.15 26.34 -17.85
C THR A 322 -6.60 26.90 -16.55
N ASP A 323 -6.36 26.00 -15.58
CA ASP A 323 -5.76 26.32 -14.29
C ASP A 323 -6.08 27.75 -13.84
N PRO A 324 -7.34 28.09 -13.66
CA PRO A 324 -7.69 29.48 -13.33
C PRO A 324 -6.93 29.96 -12.09
N ALA A 325 -6.43 31.19 -12.17
CA ALA A 325 -5.60 31.82 -11.16
C ALA A 325 -4.23 31.16 -11.01
N GLY A 326 -3.89 30.21 -11.89
CA GLY A 326 -2.64 29.49 -11.75
C GLY A 326 -2.55 28.64 -10.52
N GLN A 327 -3.70 28.28 -9.93
CA GLN A 327 -3.70 27.68 -8.59
C GLN A 327 -2.96 26.35 -8.58
N LEU A 328 -3.26 25.45 -9.52
CA LEU A 328 -2.63 24.14 -9.51
C LEU A 328 -1.12 24.25 -9.67
N GLN A 329 -0.67 25.14 -10.55
CA GLN A 329 0.77 25.39 -10.67
C GLN A 329 1.35 25.87 -9.36
N TRP A 330 0.61 26.73 -8.66
CA TRP A 330 1.05 27.23 -7.35
C TRP A 330 1.06 26.13 -6.30
N LEU A 331 -0.01 25.33 -6.27
CA LEU A 331 -0.05 24.19 -5.34
C LEU A 331 1.16 23.29 -5.54
N VAL A 332 1.45 22.91 -6.79
CA VAL A 332 2.60 22.06 -7.05
C VAL A 332 3.86 22.66 -6.47
N GLU A 333 4.03 23.98 -6.62
CA GLU A 333 5.20 24.64 -6.07
C GLU A 333 5.23 24.55 -4.54
N GLU A 334 4.06 24.73 -3.91
CA GLU A 334 3.99 24.62 -2.46
C GLU A 334 4.32 23.20 -2.00
N LEU A 335 3.64 22.20 -2.56
CA LEU A 335 3.93 20.82 -2.20
C LEU A 335 5.40 20.48 -2.39
N GLN A 336 5.92 20.77 -3.58
CA GLN A 336 7.32 20.42 -3.87
C GLN A 336 8.27 21.07 -2.88
N ALA A 337 8.02 22.33 -2.53
CA ALA A 337 8.85 22.98 -1.52
C ALA A 337 8.76 22.24 -0.20
N ALA A 338 7.55 21.87 0.21
CA ALA A 338 7.38 21.10 1.44
C ALA A 338 8.15 19.78 1.38
N GLU A 339 8.07 19.08 0.25
CA GLU A 339 8.79 17.83 0.09
C GLU A 339 10.28 18.01 0.36
N ASN A 340 10.85 19.13 -0.10
CA ASN A 340 12.27 19.38 0.13
C ASN A 340 12.55 19.68 1.59
N ARG A 341 11.65 20.44 2.25
CA ARG A 341 11.80 20.75 3.67
C ARG A 341 11.55 19.54 4.56
N GLY A 342 11.06 18.44 4.01
CA GLY A 342 10.64 17.32 4.84
C GLY A 342 9.34 17.55 5.58
N ASP A 343 8.57 18.57 5.21
CA ASP A 343 7.32 18.87 5.85
C ASP A 343 6.20 18.00 5.29
N LYS A 344 5.11 17.92 6.06
CA LYS A 344 3.86 17.35 5.58
C LYS A 344 2.88 18.50 5.29
N VAL A 345 1.74 18.15 4.69
CA VAL A 345 0.83 19.16 4.15
C VAL A 345 -0.61 18.77 4.49
N HIS A 346 -1.40 19.78 4.83
CA HIS A 346 -2.85 19.67 4.94
C HIS A 346 -3.50 20.54 3.87
N ILE A 347 -4.43 19.98 3.12
CA ILE A 347 -5.17 20.70 2.10
C ILE A 347 -6.61 20.84 2.58
N ILE A 348 -7.10 22.08 2.63
CA ILE A 348 -8.48 22.37 2.97
C ILE A 348 -9.12 23.12 1.81
N GLY A 349 -10.37 22.77 1.50
CA GLY A 349 -11.14 23.47 0.50
C GLY A 349 -12.61 23.25 0.75
N HIS A 350 -13.42 23.72 -0.20
CA HIS A 350 -14.87 23.57 -0.06
C HIS A 350 -15.40 22.42 -0.92
N ILE A 351 -15.33 22.58 -2.23
CA ILE A 351 -15.89 21.57 -3.13
C ILE A 351 -14.90 20.42 -3.26
N PRO A 352 -15.30 19.18 -2.98
CA PRO A 352 -14.36 18.07 -3.07
C PRO A 352 -13.85 17.90 -4.49
N PRO A 353 -12.63 17.37 -4.64
CA PRO A 353 -12.08 17.20 -6.01
C PRO A 353 -12.96 16.35 -6.90
N GLY A 354 -13.77 15.46 -6.35
CA GLY A 354 -14.61 14.59 -7.16
C GLY A 354 -15.72 15.31 -7.88
N HIS A 355 -16.03 16.56 -7.49
CA HIS A 355 -17.10 17.34 -8.10
C HIS A 355 -16.58 18.42 -9.03
N CYS A 356 -15.29 18.40 -9.35
CA CYS A 356 -14.68 19.46 -10.15
C CYS A 356 -14.79 19.15 -11.64
N LEU A 357 -14.31 20.09 -12.46
CA LEU A 357 -14.25 19.88 -13.89
C LEU A 357 -13.27 18.77 -14.23
N LYS A 358 -13.56 18.05 -15.33
CA LYS A 358 -12.85 16.81 -15.60
C LYS A 358 -11.34 17.02 -15.67
N SER A 359 -10.89 18.08 -16.35
CA SER A 359 -9.46 18.30 -16.51
C SER A 359 -8.82 18.76 -15.21
N TRP A 360 -9.45 19.72 -14.53
CA TRP A 360 -8.97 20.14 -13.21
C TRP A 360 -8.84 18.95 -12.28
N SER A 361 -9.90 18.16 -12.15
CA SER A 361 -9.89 17.03 -11.23
C SER A 361 -8.81 16.02 -11.60
N TRP A 362 -8.59 15.81 -12.89
CA TRP A 362 -7.58 14.83 -13.31
C TRP A 362 -6.18 15.30 -12.95
N ASN A 363 -5.92 16.62 -12.99
CA ASN A 363 -4.60 17.12 -12.63
C ASN A 363 -4.42 17.17 -11.12
N TYR A 364 -5.48 17.52 -10.37
CA TYR A 364 -5.42 17.40 -8.92
C TYR A 364 -5.16 15.95 -8.52
N TYR A 365 -5.89 15.02 -9.12
CA TYR A 365 -5.72 13.60 -8.81
C TYR A 365 -4.28 13.16 -9.02
N LYS A 366 -3.64 13.64 -10.10
CA LYS A 366 -2.26 13.24 -10.37
C LYS A 366 -1.26 13.97 -9.47
N ILE A 367 -1.61 15.14 -8.95
CA ILE A 367 -0.75 15.83 -8.00
C ILE A 367 -0.74 15.10 -6.67
N ILE A 368 -1.93 14.76 -6.15
CA ILE A 368 -2.03 13.99 -4.92
C ILE A 368 -1.13 12.77 -4.99
N ALA A 369 -1.26 11.98 -6.07
CA ALA A 369 -0.47 10.76 -6.20
C ALA A 369 1.02 11.05 -6.18
N ARG A 370 1.45 12.13 -6.85
CA ARG A 370 2.87 12.46 -6.88
C ARG A 370 3.38 12.77 -5.48
N TYR A 371 2.59 13.48 -4.69
CA TYR A 371 2.99 13.93 -3.36
C TYR A 371 2.23 13.16 -2.27
N GLU A 372 2.11 11.84 -2.45
CA GLU A 372 1.42 11.01 -1.48
C GLU A 372 2.16 10.98 -0.14
N ASN A 373 3.49 10.98 -0.18
CA ASN A 373 4.26 10.96 1.06
C ASN A 373 4.22 12.30 1.77
N THR A 374 4.14 13.39 1.02
CA THR A 374 4.11 14.72 1.64
C THR A 374 2.72 15.07 2.17
N LEU A 375 1.68 14.48 1.61
CA LEU A 375 0.31 14.79 2.03
C LEU A 375 -0.02 14.08 3.32
N ALA A 376 -0.62 14.81 4.27
CA ALA A 376 -1.05 14.25 5.54
C ALA A 376 -2.56 14.34 5.77
N GLY A 377 -3.27 15.15 5.00
CA GLY A 377 -4.71 15.27 5.17
C GLY A 377 -5.39 16.10 4.10
N GLN A 378 -6.60 15.71 3.73
CA GLN A 378 -7.45 16.47 2.83
C GLN A 378 -8.82 16.63 3.47
N PHE A 379 -9.29 17.87 3.56
CA PHE A 379 -10.56 18.17 4.22
C PHE A 379 -11.40 19.07 3.32
N PHE A 380 -12.66 18.70 3.13
CA PHE A 380 -13.56 19.43 2.26
C PHE A 380 -14.96 19.40 2.85
N GLY A 381 -15.88 20.12 2.19
CA GLY A 381 -17.27 20.13 2.60
C GLY A 381 -18.22 20.16 1.42
N HIS A 382 -19.14 21.14 1.41
CA HIS A 382 -20.02 21.39 0.28
C HIS A 382 -21.15 20.38 0.17
N THR A 383 -20.85 19.08 0.18
CA THR A 383 -21.89 18.07 0.02
C THR A 383 -22.89 18.05 1.16
N HIS A 384 -22.62 18.76 2.26
CA HIS A 384 -23.52 18.83 3.41
C HIS A 384 -23.70 17.50 4.12
N VAL A 385 -22.81 16.54 3.84
CA VAL A 385 -23.03 15.16 4.25
C VAL A 385 -21.71 14.56 4.75
N ASP A 386 -21.84 13.54 5.58
CA ASP A 386 -20.69 12.82 6.13
C ASP A 386 -20.28 11.74 5.13
N GLU A 387 -19.15 11.94 4.46
CA GLU A 387 -18.64 10.96 3.51
C GLU A 387 -17.17 11.27 3.24
N PHE A 388 -16.55 10.47 2.38
CA PHE A 388 -15.13 10.58 2.11
C PHE A 388 -14.88 10.24 0.64
N GLU A 389 -13.65 10.53 0.19
CA GLU A 389 -13.22 10.22 -1.16
C GLU A 389 -11.81 9.65 -1.11
N ILE A 390 -11.62 8.47 -1.69
CA ILE A 390 -10.35 7.76 -1.65
C ILE A 390 -9.61 8.01 -2.96
N PHE A 391 -8.33 8.32 -2.85
CA PHE A 391 -7.46 8.49 -4.02
C PHE A 391 -6.65 7.22 -4.23
N TYR A 392 -6.40 6.89 -5.49
CA TYR A 392 -5.63 5.72 -5.87
C TYR A 392 -4.46 6.12 -6.76
N ASP A 393 -3.61 5.15 -7.06
CA ASP A 393 -2.48 5.40 -7.94
C ASP A 393 -2.97 5.62 -9.36
N GLU A 394 -2.37 6.60 -10.04
CA GLU A 394 -2.87 7.04 -11.33
C GLU A 394 -2.84 5.93 -12.36
N GLU A 395 -1.84 5.04 -12.30
CA GLU A 395 -1.65 4.05 -13.35
C GLU A 395 -2.67 2.92 -13.28
N THR A 396 -2.81 2.28 -12.12
CA THR A 396 -3.61 1.07 -11.99
C THR A 396 -4.90 1.25 -11.23
N LEU A 397 -5.06 2.34 -10.46
CA LEU A 397 -6.28 2.58 -9.70
C LEU A 397 -6.56 1.41 -8.75
N SER A 398 -5.52 0.88 -8.13
CA SER A 398 -5.65 -0.26 -7.23
C SER A 398 -5.09 0.01 -5.84
N ARG A 399 -4.23 1.01 -5.67
CA ARG A 399 -3.55 1.24 -4.40
C ARG A 399 -4.06 2.52 -3.75
N PRO A 400 -4.82 2.45 -2.66
CA PRO A 400 -5.21 3.68 -1.96
C PRO A 400 -3.99 4.37 -1.38
N LEU A 401 -3.82 5.65 -1.72
CA LEU A 401 -2.66 6.42 -1.30
C LEU A 401 -3.00 7.73 -0.59
N ALA A 402 -4.28 8.07 -0.48
CA ALA A 402 -4.71 9.27 0.23
C ALA A 402 -6.22 9.24 0.32
N VAL A 403 -6.75 10.00 1.29
CA VAL A 403 -8.18 10.04 1.54
C VAL A 403 -8.56 11.48 1.89
N ALA A 404 -9.72 11.90 1.41
CA ALA A 404 -10.26 13.24 1.68
C ALA A 404 -11.57 13.09 2.43
N PHE A 405 -11.72 13.85 3.50
CA PHE A 405 -12.87 13.75 4.38
C PHE A 405 -13.85 14.87 4.07
N LEU A 406 -15.06 14.51 3.66
CA LEU A 406 -16.11 15.47 3.36
C LEU A 406 -16.98 15.60 4.61
N ALA A 407 -16.66 16.59 5.44
CA ALA A 407 -17.39 16.79 6.68
C ALA A 407 -18.85 17.13 6.38
N PRO A 408 -19.77 16.74 7.24
CA PRO A 408 -21.17 17.15 7.07
C PRO A 408 -21.36 18.59 7.54
N SER A 409 -22.51 19.14 7.17
CA SER A 409 -22.75 20.58 7.29
C SER A 409 -23.34 20.94 8.64
N ALA A 410 -23.06 22.17 9.08
CA ALA A 410 -23.74 22.71 10.24
C ALA A 410 -25.22 22.94 9.97
N THR A 411 -25.58 23.18 8.71
CA THR A 411 -26.94 23.55 8.38
C THR A 411 -27.83 22.33 8.19
N THR A 412 -29.14 22.56 8.24
CA THR A 412 -30.14 21.53 8.04
C THR A 412 -30.44 21.27 6.57
N PHE A 413 -30.00 22.15 5.68
CA PHE A 413 -30.25 22.04 4.25
C PHE A 413 -29.54 20.82 3.65
N ILE A 414 -30.24 19.77 3.19
CA ILE A 414 -31.70 19.63 3.18
C ILE A 414 -32.11 18.43 4.03
N ASN A 415 -32.96 18.66 5.03
CA ASN A 415 -33.55 17.58 5.81
C ASN A 415 -32.48 16.84 6.61
N LEU A 416 -31.67 17.59 7.34
CA LEU A 416 -30.57 17.03 8.09
C LEU A 416 -30.50 17.65 9.49
N ASN A 417 -29.80 16.97 10.38
CA ASN A 417 -29.48 17.54 11.68
C ASN A 417 -28.27 18.47 11.54
N PRO A 418 -28.26 19.62 12.22
CA PRO A 418 -27.02 20.39 12.30
C PRO A 418 -25.90 19.52 12.85
N GLY A 419 -24.67 19.82 12.45
CA GLY A 419 -23.55 19.02 12.90
C GLY A 419 -22.23 19.71 12.66
N TYR A 420 -21.23 19.29 13.43
CA TYR A 420 -19.85 19.67 13.19
C TYR A 420 -18.96 18.45 13.45
N ARG A 421 -17.66 18.66 13.35
CA ARG A 421 -16.71 17.56 13.22
C ARG A 421 -15.41 17.95 13.89
N VAL A 422 -14.86 17.04 14.70
CA VAL A 422 -13.57 17.24 15.35
C VAL A 422 -12.64 16.13 14.88
N TYR A 423 -11.43 16.52 14.47
CA TYR A 423 -10.43 15.58 14.00
C TYR A 423 -9.34 15.41 15.05
N GLN A 424 -8.94 14.16 15.28
CA GLN A 424 -7.78 13.85 16.10
C GLN A 424 -6.62 13.55 15.16
N ILE A 425 -5.57 14.36 15.24
CA ILE A 425 -4.41 14.21 14.36
C ILE A 425 -3.17 13.98 15.21
N ASP A 426 -2.17 13.37 14.59
CA ASP A 426 -0.88 13.19 15.24
C ASP A 426 -0.35 14.55 15.69
N GLY A 427 -0.14 14.69 17.00
CA GLY A 427 0.11 15.98 17.61
C GLY A 427 1.35 16.72 17.14
N ASN A 428 1.67 17.79 17.86
CA ASN A 428 2.73 18.72 17.47
C ASN A 428 4.04 18.28 18.10
N TYR A 429 4.87 17.59 17.33
CA TYR A 429 6.18 17.17 17.81
C TYR A 429 7.05 16.71 16.65
N PRO A 430 8.38 16.83 16.75
CA PRO A 430 9.23 16.43 15.63
C PRO A 430 9.09 14.94 15.33
N GLY A 431 8.99 14.61 14.05
CA GLY A 431 8.74 13.25 13.62
C GLY A 431 7.29 12.87 13.57
N SER A 432 6.38 13.80 13.87
CA SER A 432 4.95 13.50 13.81
C SER A 432 4.52 13.30 12.36
N SER A 433 3.60 12.37 12.15
CA SER A 433 3.05 12.14 10.83
C SER A 433 2.00 13.17 10.45
N HIS A 434 1.44 13.87 11.43
CA HIS A 434 0.42 14.90 11.24
C HIS A 434 -0.86 14.34 10.62
N VAL A 435 -0.99 13.03 10.47
CA VAL A 435 -2.12 12.44 9.76
C VAL A 435 -3.34 12.42 10.66
N VAL A 436 -4.50 12.13 10.08
CA VAL A 436 -5.71 11.92 10.86
C VAL A 436 -5.62 10.56 11.52
N LEU A 437 -5.83 10.53 12.84
CA LEU A 437 -5.86 9.28 13.60
C LEU A 437 -7.28 8.79 13.85
N ASP A 438 -8.22 9.72 14.05
CA ASP A 438 -9.63 9.41 14.24
C ASP A 438 -10.38 10.73 14.13
N HIS A 439 -11.70 10.65 13.98
CA HIS A 439 -12.52 11.84 13.96
C HIS A 439 -13.85 11.57 14.65
N GLU A 440 -14.46 12.64 15.18
CA GLU A 440 -15.72 12.57 15.90
C GLU A 440 -16.70 13.55 15.28
N THR A 441 -17.98 13.17 15.29
CA THR A 441 -19.04 13.98 14.72
C THR A 441 -20.08 14.29 15.80
N TYR A 442 -20.39 15.57 15.97
CA TYR A 442 -21.42 16.03 16.88
C TYR A 442 -22.62 16.56 16.09
N ILE A 443 -23.81 16.43 16.67
CA ILE A 443 -25.04 16.85 16.02
C ILE A 443 -25.91 17.60 17.03
N LEU A 444 -27.05 18.08 16.54
CA LEU A 444 -28.08 18.71 17.36
C LEU A 444 -29.41 18.08 16.96
N ASN A 445 -29.82 17.05 17.69
CA ASN A 445 -31.07 16.35 17.41
C ASN A 445 -32.25 17.32 17.50
N LEU A 446 -32.75 17.77 16.35
CA LEU A 446 -33.79 18.79 16.33
C LEU A 446 -35.08 18.30 16.96
N THR A 447 -35.42 17.03 16.78
CA THR A 447 -36.63 16.50 17.40
C THR A 447 -36.63 16.76 18.90
N GLN A 448 -35.46 16.77 19.53
CA GLN A 448 -35.36 17.03 20.96
C GLN A 448 -35.40 18.53 21.26
N ALA A 449 -34.57 19.31 20.55
CA ALA A 449 -34.43 20.73 20.87
C ALA A 449 -35.72 21.49 20.58
N ASN A 450 -36.38 21.20 19.46
CA ASN A 450 -37.61 21.89 19.12
C ASN A 450 -38.79 21.40 19.95
N ALA A 451 -38.69 20.22 20.55
CA ALA A 451 -39.76 19.70 21.38
C ALA A 451 -40.11 20.69 22.49
N ALA A 452 -41.36 20.63 22.95
CA ALA A 452 -41.82 21.52 24.01
C ALA A 452 -40.87 21.46 25.20
N GLY A 453 -40.50 22.63 25.71
CA GLY A 453 -39.51 22.70 26.76
C GLY A 453 -38.15 22.15 26.38
N GLY A 454 -37.88 22.04 25.08
CA GLY A 454 -36.66 21.40 24.61
C GLY A 454 -35.41 22.09 25.13
N THR A 455 -34.28 21.45 24.86
CA THR A 455 -32.97 21.93 25.29
C THR A 455 -32.01 21.87 24.12
N PRO A 456 -31.22 22.92 23.86
CA PRO A 456 -30.19 22.84 22.82
C PRO A 456 -28.91 22.20 23.33
N SER A 457 -28.81 20.88 23.21
CA SER A 457 -27.65 20.13 23.69
C SER A 457 -26.98 19.47 22.50
N TRP A 458 -25.72 19.82 22.27
CA TRP A 458 -24.94 19.25 21.17
C TRP A 458 -24.25 17.98 21.68
N LYS A 459 -24.68 16.83 21.19
CA LYS A 459 -24.18 15.54 21.62
C LYS A 459 -23.36 14.89 20.51
N ARG A 460 -22.34 14.14 20.90
CA ARG A 460 -21.51 13.42 19.95
C ARG A 460 -22.31 12.29 19.31
N LEU A 461 -22.41 12.31 17.98
CA LEU A 461 -23.16 11.26 17.30
C LEU A 461 -22.38 9.95 17.25
N TYR A 462 -21.07 10.01 16.98
CA TYR A 462 -20.29 8.79 16.88
C TYR A 462 -18.81 9.13 16.79
N ARG A 463 -17.99 8.09 16.98
CA ARG A 463 -16.55 8.16 16.79
C ARG A 463 -16.18 7.22 15.66
N ALA A 464 -15.26 7.66 14.80
CA ALA A 464 -15.06 6.99 13.52
C ALA A 464 -14.60 5.55 13.68
N ARG A 465 -13.40 5.36 14.22
CA ARG A 465 -12.85 4.01 14.34
C ARG A 465 -13.77 3.10 15.15
N GLU A 466 -14.31 3.62 16.26
CA GLU A 466 -15.11 2.81 17.17
C GLU A 466 -16.24 2.08 16.43
N THR A 467 -17.03 2.83 15.66
CA THR A 467 -18.23 2.26 15.07
C THR A 467 -17.91 1.37 13.87
N TYR A 468 -16.96 1.78 13.04
CA TYR A 468 -16.62 1.03 11.84
C TYR A 468 -15.52 0.00 12.08
N GLY A 469 -15.00 -0.09 13.29
CA GLY A 469 -13.95 -1.05 13.59
C GLY A 469 -12.76 -0.90 12.67
N LEU A 470 -12.16 0.28 12.68
CA LEU A 470 -11.04 0.57 11.81
C LEU A 470 -9.73 0.50 12.58
N PRO A 471 -8.72 -0.20 12.09
CA PRO A 471 -7.41 -0.14 12.77
C PRO A 471 -6.84 1.26 12.83
N ASP A 472 -7.17 2.09 11.84
CA ASP A 472 -6.66 3.46 11.79
C ASP A 472 -7.51 4.25 10.80
N ALA A 473 -7.15 5.52 10.61
CA ALA A 473 -7.81 6.39 9.65
C ALA A 473 -7.00 6.54 8.36
N MET A 474 -6.27 5.50 7.97
CA MET A 474 -5.48 5.53 6.76
C MET A 474 -6.34 5.21 5.54
N PRO A 475 -5.87 5.56 4.34
CA PRO A 475 -6.69 5.29 3.14
C PRO A 475 -7.08 3.84 3.00
N ALA A 476 -6.17 2.91 3.32
CA ALA A 476 -6.46 1.50 3.12
C ALA A 476 -7.60 1.01 4.02
N SER A 477 -7.85 1.68 5.14
CA SER A 477 -8.91 1.25 6.04
C SER A 477 -10.28 1.69 5.54
N TRP A 478 -10.36 2.87 4.92
CA TRP A 478 -11.61 3.30 4.30
C TRP A 478 -11.88 2.49 3.04
N HIS A 479 -10.85 2.24 2.23
CA HIS A 479 -11.01 1.34 1.09
C HIS A 479 -11.66 0.04 1.51
N ASN A 480 -11.11 -0.61 2.53
CA ASN A 480 -11.69 -1.86 3.02
C ASN A 480 -13.12 -1.64 3.48
N LEU A 481 -13.39 -0.51 4.14
CA LEU A 481 -14.74 -0.26 4.65
C LEU A 481 -15.76 -0.24 3.53
N VAL A 482 -15.44 0.42 2.41
CA VAL A 482 -16.40 0.53 1.31
C VAL A 482 -16.83 -0.85 0.84
N TYR A 483 -15.85 -1.71 0.51
CA TYR A 483 -16.19 -3.03 0.02
C TYR A 483 -16.80 -3.90 1.12
N ARG A 484 -16.48 -3.64 2.38
CA ARG A 484 -17.18 -4.31 3.47
C ARG A 484 -18.66 -3.98 3.44
N MET A 485 -19.00 -2.70 3.20
CA MET A 485 -20.40 -2.30 3.09
C MET A 485 -21.04 -2.83 1.81
N ARG A 486 -20.26 -3.12 0.77
CA ARG A 486 -20.81 -3.71 -0.44
C ARG A 486 -21.43 -5.07 -0.15
N ASP A 487 -20.94 -5.76 0.87
CA ASP A 487 -21.43 -7.08 1.23
C ASP A 487 -22.27 -7.08 2.51
N ASP A 488 -21.88 -6.31 3.52
CA ASP A 488 -22.58 -6.29 4.80
C ASP A 488 -23.64 -5.19 4.76
N GLU A 489 -24.91 -5.60 4.78
CA GLU A 489 -25.99 -4.63 4.67
C GLU A 489 -26.14 -3.80 5.94
N GLN A 490 -26.07 -4.45 7.11
CA GLN A 490 -26.26 -3.73 8.36
C GLN A 490 -25.20 -2.65 8.54
N LEU A 491 -23.95 -2.94 8.13
CA LEU A 491 -22.89 -1.94 8.24
C LEU A 491 -23.21 -0.73 7.37
N PHE A 492 -23.64 -0.96 6.13
CA PHE A 492 -23.97 0.15 5.25
C PHE A 492 -25.10 1.00 5.83
N GLN A 493 -26.13 0.35 6.38
CA GLN A 493 -27.22 1.10 6.98
C GLN A 493 -26.72 1.97 8.13
N THR A 494 -25.67 1.54 8.83
CA THR A 494 -25.04 2.40 9.82
C THR A 494 -24.40 3.61 9.16
N PHE A 495 -23.54 3.37 8.17
CA PHE A 495 -22.97 4.47 7.39
C PHE A 495 -24.07 5.36 6.84
N TRP A 496 -25.11 4.76 6.25
CA TRP A 496 -26.23 5.53 5.74
C TRP A 496 -26.86 6.39 6.83
N PHE A 497 -26.99 5.84 8.04
CA PHE A 497 -27.58 6.62 9.13
C PHE A 497 -26.70 7.80 9.51
N LEU A 498 -25.38 7.58 9.60
CA LEU A 498 -24.46 8.66 9.95
C LEU A 498 -24.29 9.62 8.78
N TYR A 499 -24.29 9.09 7.56
CA TYR A 499 -24.31 9.88 6.34
C TYR A 499 -25.19 11.11 6.51
N HIS A 500 -26.45 10.90 6.88
CA HIS A 500 -27.41 11.97 7.07
C HIS A 500 -27.40 12.56 8.48
N LYS A 501 -26.28 12.41 9.21
CA LYS A 501 -26.16 12.96 10.56
C LYS A 501 -27.26 12.45 11.48
N GLY A 502 -27.69 11.21 11.28
CA GLY A 502 -28.66 10.61 12.16
C GLY A 502 -30.10 10.95 11.87
N HIS A 503 -30.41 11.36 10.64
CA HIS A 503 -31.78 11.64 10.22
C HIS A 503 -31.96 11.12 8.80
N PRO A 504 -32.08 9.80 8.64
CA PRO A 504 -32.17 9.23 7.29
C PRO A 504 -33.49 9.59 6.63
N PRO A 505 -33.58 9.47 5.31
CA PRO A 505 -34.86 9.71 4.64
C PRO A 505 -35.82 8.55 4.89
N SER A 506 -37.09 8.81 4.55
CA SER A 506 -38.11 7.77 4.72
C SER A 506 -37.92 6.65 3.71
N GLU A 507 -37.63 7.00 2.46
CA GLU A 507 -37.46 6.01 1.41
C GLU A 507 -36.27 5.10 1.70
N PRO A 508 -36.47 3.79 1.82
CA PRO A 508 -35.32 2.90 2.00
C PRO A 508 -34.36 2.94 0.81
N CYS A 509 -33.08 2.76 1.11
CA CYS A 509 -32.02 2.79 0.10
C CYS A 509 -31.74 1.35 -0.33
N GLY A 510 -32.22 1.00 -1.52
CA GLY A 510 -32.07 -0.35 -2.03
C GLY A 510 -30.72 -0.58 -2.69
N THR A 511 -30.61 -1.73 -3.35
CA THR A 511 -29.37 -2.11 -4.00
C THR A 511 -28.83 -1.06 -4.95
N PRO A 512 -29.63 -0.49 -5.87
CA PRO A 512 -29.05 0.53 -6.79
C PRO A 512 -28.70 1.82 -6.08
N CYS A 513 -29.40 2.17 -4.99
CA CYS A 513 -29.04 3.37 -4.23
C CYS A 513 -27.77 3.15 -3.41
N ARG A 514 -27.54 1.92 -2.95
CA ARG A 514 -26.33 1.63 -2.18
C ARG A 514 -25.10 1.65 -3.07
N LEU A 515 -25.11 0.87 -4.15
CA LEU A 515 -23.95 0.81 -5.04
C LEU A 515 -23.58 2.19 -5.56
N ALA A 516 -24.56 3.07 -5.75
CA ALA A 516 -24.25 4.42 -6.19
C ALA A 516 -23.55 5.21 -5.09
N THR A 517 -24.00 5.06 -3.84
CA THR A 517 -23.42 5.83 -2.75
C THR A 517 -22.01 5.34 -2.41
N LEU A 518 -21.77 4.03 -2.50
CA LEU A 518 -20.42 3.53 -2.32
C LEU A 518 -19.50 3.99 -3.46
N CYS A 519 -20.02 3.96 -4.70
CA CYS A 519 -19.24 4.45 -5.84
C CYS A 519 -18.73 5.86 -5.59
N ALA A 520 -19.55 6.70 -4.96
CA ALA A 520 -19.14 8.07 -4.68
C ALA A 520 -17.91 8.11 -3.78
N GLN A 521 -17.78 7.15 -2.86
CA GLN A 521 -16.68 7.17 -1.91
C GLN A 521 -15.35 6.84 -2.58
N LEU A 522 -15.38 6.06 -3.65
CA LEU A 522 -14.17 5.69 -4.37
C LEU A 522 -13.83 6.66 -5.49
N SER A 523 -14.69 7.65 -5.76
CA SER A 523 -14.57 8.50 -6.94
C SER A 523 -14.11 9.89 -6.52
N ALA A 524 -12.79 10.03 -6.36
CA ALA A 524 -12.17 11.34 -6.15
C ALA A 524 -11.75 11.99 -7.47
N ARG A 525 -11.88 11.28 -8.59
CA ARG A 525 -11.58 11.82 -9.91
C ARG A 525 -12.89 11.90 -10.69
N ALA A 526 -13.23 13.10 -11.15
CA ALA A 526 -14.47 13.28 -11.89
C ALA A 526 -14.44 12.50 -13.20
N ASP A 527 -15.61 12.01 -13.60
CA ASP A 527 -15.79 11.32 -14.87
C ASP A 527 -14.79 10.16 -15.01
N SER A 528 -14.89 9.23 -14.07
CA SER A 528 -14.03 8.04 -14.06
C SER A 528 -14.86 6.85 -13.58
N PRO A 529 -15.56 6.17 -14.48
CA PRO A 529 -16.37 5.01 -14.06
C PRO A 529 -15.56 3.79 -13.68
N ALA A 530 -14.32 3.66 -14.18
CA ALA A 530 -13.51 2.50 -13.84
C ALA A 530 -13.30 2.35 -12.34
N LEU A 531 -13.39 3.45 -11.58
CA LEU A 531 -13.19 3.38 -10.14
C LEU A 531 -14.25 2.55 -9.44
N CYS A 532 -15.40 2.35 -10.07
CA CYS A 532 -16.50 1.58 -9.48
C CYS A 532 -16.72 0.26 -10.20
N ARG A 533 -15.73 -0.20 -10.96
CA ARG A 533 -15.85 -1.46 -11.68
C ARG A 533 -16.14 -2.62 -10.74
N HIS A 534 -15.62 -2.56 -9.51
CA HIS A 534 -15.76 -3.66 -8.56
C HIS A 534 -17.05 -3.58 -7.75
N LEU A 535 -17.81 -2.49 -7.85
CA LEU A 535 -19.07 -2.37 -7.14
C LEU A 535 -20.25 -2.91 -7.93
N MET A 536 -20.17 -2.87 -9.27
CA MET A 536 -21.30 -3.24 -10.11
C MET A 536 -20.87 -4.27 -11.16
N HIS B 3 0.11 -37.92 -42.50
CA HIS B 3 -1.25 -37.51 -42.81
C HIS B 3 -1.29 -36.06 -43.27
N HIS B 4 -0.12 -35.48 -43.55
CA HIS B 4 -0.02 -34.12 -44.04
C HIS B 4 0.39 -34.12 -45.51
N HIS B 5 0.03 -33.03 -46.18
CA HIS B 5 0.15 -32.94 -47.64
C HIS B 5 1.55 -32.48 -48.01
N HIS B 6 2.24 -33.28 -48.83
CA HIS B 6 3.62 -33.02 -49.19
C HIS B 6 3.98 -33.85 -50.42
N HIS B 7 4.92 -33.33 -51.21
CA HIS B 7 5.45 -34.07 -52.35
C HIS B 7 6.96 -33.99 -52.43
N HIS B 8 7.64 -33.54 -51.37
CA HIS B 8 9.09 -33.46 -51.32
C HIS B 8 9.68 -34.00 -50.04
N LYS B 9 8.89 -34.17 -48.99
CA LYS B 9 9.42 -34.48 -47.66
C LYS B 9 9.84 -35.94 -47.56
N LEU B 10 10.94 -36.16 -46.85
CA LEU B 10 11.37 -37.49 -46.43
C LEU B 10 11.31 -37.54 -44.91
N ASN B 11 10.52 -38.48 -44.38
CA ASN B 11 10.51 -38.68 -42.94
C ASN B 11 11.59 -39.66 -42.50
N LEU B 12 12.76 -39.60 -43.14
CA LEU B 12 13.92 -40.36 -42.70
C LEU B 12 14.74 -39.60 -41.66
N THR B 13 14.67 -38.26 -41.69
CA THR B 13 15.46 -37.47 -40.76
C THR B 13 14.91 -37.51 -39.34
N CYS B 14 13.58 -37.67 -39.20
CA CYS B 14 12.97 -37.68 -37.87
C CYS B 14 13.42 -38.89 -37.05
N PRO B 15 13.14 -40.12 -37.48
CA PRO B 15 13.50 -41.25 -36.60
C PRO B 15 15.00 -41.45 -36.46
N ALA B 16 15.78 -41.19 -37.51
CA ALA B 16 17.23 -41.33 -37.40
C ALA B 16 17.77 -40.50 -36.23
N CYS B 17 17.18 -39.32 -36.00
CA CYS B 17 17.55 -38.55 -34.82
C CYS B 17 17.21 -39.30 -33.55
N LYS B 18 16.00 -39.84 -33.45
CA LYS B 18 15.60 -40.57 -32.27
C LYS B 18 16.47 -41.79 -32.04
N VAL B 19 16.76 -42.55 -33.10
CA VAL B 19 17.62 -43.73 -32.96
C VAL B 19 19.00 -43.32 -32.46
N LEU B 20 19.53 -42.22 -32.99
CA LEU B 20 20.87 -41.78 -32.58
C LEU B 20 20.91 -41.44 -31.10
N PHE B 21 19.97 -40.62 -30.64
CA PHE B 21 19.96 -40.21 -29.24
C PHE B 21 19.60 -41.38 -28.33
N THR B 22 18.66 -42.23 -28.75
CA THR B 22 18.39 -43.45 -28.01
C THR B 22 19.65 -44.30 -27.86
N ALA B 23 20.55 -44.23 -28.83
CA ALA B 23 21.79 -45.00 -28.77
C ALA B 23 22.80 -44.37 -27.82
N LEU B 24 22.85 -43.04 -27.74
CA LEU B 24 23.74 -42.39 -26.78
C LEU B 24 23.33 -42.73 -25.35
N ASN B 25 22.04 -42.65 -25.05
CA ASN B 25 21.56 -42.98 -23.72
C ASN B 25 21.87 -44.42 -23.37
N HIS B 26 21.48 -45.35 -24.25
CA HIS B 26 21.75 -46.77 -24.00
C HIS B 26 23.25 -47.02 -23.85
N GLY B 27 24.06 -46.36 -24.67
CA GLY B 27 25.50 -46.56 -24.63
C GLY B 27 26.23 -45.75 -23.59
N LEU B 28 25.59 -44.74 -23.02
CA LEU B 28 26.22 -43.92 -21.98
C LEU B 28 25.93 -44.44 -20.58
N LYS B 29 24.77 -45.05 -20.37
CA LYS B 29 24.46 -45.62 -19.05
C LYS B 29 25.38 -46.78 -18.70
N LYS B 30 25.95 -47.46 -19.69
CA LYS B 30 26.85 -48.57 -19.42
C LYS B 30 27.96 -48.15 -18.46
N GLU B 31 28.16 -48.97 -17.42
CA GLU B 31 29.17 -48.62 -16.40
C GLU B 31 30.57 -48.48 -16.97
N PRO B 32 31.03 -49.32 -17.91
CA PRO B 32 32.37 -49.09 -18.47
C PRO B 32 32.55 -47.70 -19.06
N ASN B 33 31.49 -47.12 -19.62
CA ASN B 33 31.58 -45.80 -20.23
C ASN B 33 31.46 -44.67 -19.23
N VAL B 34 30.85 -44.92 -18.06
CA VAL B 34 30.85 -43.90 -17.01
C VAL B 34 32.25 -43.74 -16.43
N ALA B 35 33.04 -44.81 -16.44
CA ALA B 35 34.39 -44.74 -15.88
C ALA B 35 35.30 -43.84 -16.70
N ARG B 36 35.22 -43.93 -18.03
CA ARG B 36 36.03 -43.06 -18.88
C ARG B 36 35.62 -41.60 -18.70
N VAL B 37 34.33 -41.34 -18.52
CA VAL B 37 33.89 -39.97 -18.24
C VAL B 37 34.31 -39.56 -16.83
N GLY B 38 34.45 -40.52 -15.92
CA GLY B 38 34.90 -40.23 -14.58
C GLY B 38 36.41 -40.06 -14.50
N SER B 39 37.16 -41.07 -14.95
CA SER B 39 38.61 -41.01 -14.87
C SER B 39 39.17 -39.81 -15.64
N VAL B 40 38.48 -39.38 -16.68
CA VAL B 40 38.91 -38.20 -17.43
C VAL B 40 38.63 -36.94 -16.63
N ALA B 41 37.45 -36.85 -16.00
CA ALA B 41 37.09 -35.65 -15.25
C ALA B 41 38.14 -35.30 -14.21
N ILE B 42 38.78 -36.31 -13.62
CA ILE B 42 39.86 -36.05 -12.68
C ILE B 42 41.08 -35.52 -13.41
N LYS B 43 41.44 -36.16 -14.53
CA LYS B 43 42.50 -35.65 -15.37
C LYS B 43 42.18 -34.26 -15.92
N ILE B 44 40.90 -33.90 -16.00
CA ILE B 44 40.51 -32.60 -16.52
C ILE B 44 40.71 -31.52 -15.46
N CYS B 45 40.52 -31.84 -14.17
CA CYS B 45 40.74 -30.83 -13.14
C CYS B 45 42.17 -30.31 -13.14
N LYS B 46 43.10 -31.03 -13.77
CA LYS B 46 44.44 -30.50 -14.00
C LYS B 46 44.45 -29.52 -15.17
N MET B 47 43.77 -29.88 -16.26
CA MET B 47 43.78 -29.04 -17.46
C MET B 47 43.01 -27.75 -17.24
N LEU B 48 41.84 -27.82 -16.61
CA LEU B 48 41.00 -26.65 -16.41
C LEU B 48 41.37 -25.87 -15.15
N ASN B 49 42.43 -26.27 -14.44
CA ASN B 49 42.93 -25.54 -13.29
C ASN B 49 41.81 -25.28 -12.28
N ILE B 50 41.49 -26.30 -11.49
CA ILE B 50 40.40 -26.26 -10.54
C ILE B 50 41.02 -26.38 -9.14
N ALA B 51 40.17 -26.22 -8.12
CA ALA B 51 40.51 -26.37 -6.70
C ALA B 51 41.20 -27.72 -6.47
N PRO B 52 41.37 -28.21 -5.24
CA PRO B 52 42.15 -29.44 -5.06
C PRO B 52 41.73 -30.55 -6.02
N LEU B 53 42.73 -31.17 -6.65
CA LEU B 53 42.47 -32.33 -7.49
C LEU B 53 42.04 -33.54 -6.65
N ASP B 54 42.50 -33.60 -5.41
CA ASP B 54 42.05 -34.66 -4.50
C ASP B 54 40.54 -34.67 -4.39
N VAL B 55 39.94 -33.50 -4.20
CA VAL B 55 38.50 -33.42 -4.06
C VAL B 55 37.80 -33.84 -5.34
N CYS B 56 38.31 -33.40 -6.49
CA CYS B 56 37.74 -33.82 -7.78
C CYS B 56 37.58 -35.34 -7.84
N GLN B 57 38.63 -36.06 -7.46
CA GLN B 57 38.61 -37.51 -7.54
C GLN B 57 37.51 -38.11 -6.66
N SER B 58 37.21 -37.47 -5.53
CA SER B 58 36.20 -37.99 -4.61
C SER B 58 34.81 -37.48 -4.93
N ALA B 59 34.68 -36.27 -5.48
CA ALA B 59 33.37 -35.71 -5.77
C ALA B 59 32.76 -36.31 -7.02
N VAL B 60 33.55 -36.45 -8.08
CA VAL B 60 33.01 -36.93 -9.35
C VAL B 60 32.46 -38.34 -9.19
N HIS B 61 33.12 -39.17 -8.38
CA HIS B 61 32.67 -40.55 -8.19
C HIS B 61 31.22 -40.60 -7.72
N LEU B 62 30.85 -39.74 -6.77
CA LEU B 62 29.49 -39.71 -6.27
C LEU B 62 28.55 -38.91 -7.16
N PHE B 63 29.07 -37.83 -7.78
CA PHE B 63 28.22 -36.95 -8.57
C PHE B 63 27.82 -37.58 -9.90
N GLU B 64 28.69 -38.43 -10.48
CA GLU B 64 28.57 -38.77 -11.89
C GLU B 64 27.28 -39.51 -12.20
N ASP B 65 27.01 -40.61 -11.49
CA ASP B 65 25.92 -41.51 -11.87
C ASP B 65 24.59 -40.76 -11.93
N ASP B 66 24.36 -39.84 -11.00
CA ASP B 66 23.09 -39.13 -10.97
C ASP B 66 22.99 -38.13 -12.13
N VAL B 67 24.05 -37.37 -12.38
CA VAL B 67 23.99 -36.35 -13.43
C VAL B 67 23.89 -37.00 -14.80
N VAL B 68 24.56 -38.13 -15.00
CA VAL B 68 24.39 -38.90 -16.23
C VAL B 68 22.91 -39.22 -16.44
N GLU B 69 22.32 -39.92 -15.47
CA GLU B 69 20.90 -40.24 -15.53
C GLU B 69 20.06 -39.04 -15.93
N VAL B 70 20.38 -37.87 -15.38
CA VAL B 70 19.56 -36.68 -15.63
C VAL B 70 19.62 -36.30 -17.11
N TRP B 71 20.81 -36.35 -17.71
N TRP B 71 20.84 -36.28 -17.67
CA TRP B 71 20.91 -35.88 -19.09
CA TRP B 71 21.02 -35.96 -19.08
C TRP B 71 20.18 -36.80 -20.06
C TRP B 71 20.11 -36.80 -19.96
N THR B 72 20.25 -38.12 -19.85
CA THR B 72 19.52 -39.05 -20.71
C THR B 72 18.01 -38.92 -20.55
N ARG B 73 17.56 -38.25 -19.50
CA ARG B 73 16.14 -38.03 -19.25
C ARG B 73 15.68 -36.61 -19.57
N SER B 74 16.61 -35.70 -19.84
CA SER B 74 16.27 -34.30 -20.07
C SER B 74 16.75 -33.85 -21.44
N VAL B 75 18.05 -33.73 -21.67
CA VAL B 75 18.58 -33.13 -22.88
C VAL B 75 18.73 -34.16 -23.98
N LEU B 76 19.37 -35.30 -23.69
CA LEU B 76 19.49 -36.36 -24.68
C LEU B 76 18.19 -37.12 -24.90
N SER B 77 17.14 -36.79 -24.15
CA SER B 77 15.86 -37.43 -24.37
C SER B 77 15.44 -37.25 -25.82
N PRO B 78 15.10 -38.33 -26.54
CA PRO B 78 14.76 -38.17 -27.97
C PRO B 78 13.64 -37.16 -28.21
N SER B 79 12.56 -37.24 -27.44
CA SER B 79 11.45 -36.29 -27.63
C SER B 79 11.91 -34.85 -27.42
N GLU B 80 12.87 -34.64 -26.54
CA GLU B 80 13.33 -33.29 -26.25
C GLU B 80 14.28 -32.78 -27.34
N ALA B 81 15.34 -33.55 -27.62
CA ALA B 81 16.34 -33.10 -28.59
C ALA B 81 15.75 -33.04 -30.00
N CYS B 82 15.24 -34.17 -30.49
CA CYS B 82 14.68 -34.18 -31.84
C CYS B 82 13.53 -33.19 -31.98
N GLY B 83 12.85 -32.88 -30.88
CA GLY B 83 11.85 -31.83 -30.92
C GLY B 83 12.46 -30.45 -31.09
N LEU B 84 13.70 -30.27 -30.64
CA LEU B 84 14.35 -28.98 -30.75
C LEU B 84 14.88 -28.72 -32.15
N LEU B 85 15.24 -29.77 -32.89
CA LEU B 85 15.89 -29.62 -34.18
C LEU B 85 14.89 -29.62 -35.32
N LEU B 86 13.94 -30.54 -35.29
CA LEU B 86 12.98 -30.73 -36.37
C LEU B 86 11.62 -30.12 -36.05
N GLY B 87 11.50 -29.45 -34.90
CA GLY B 87 10.29 -28.72 -34.58
C GLY B 87 9.25 -29.56 -33.87
N SER B 88 8.03 -29.05 -33.89
CA SER B 88 6.89 -29.71 -33.26
C SER B 88 6.47 -30.98 -33.97
N SER B 89 7.17 -31.40 -35.03
CA SER B 89 6.82 -32.61 -35.76
C SER B 89 7.41 -33.87 -35.15
N CYS B 90 8.49 -33.75 -34.37
CA CYS B 90 9.16 -34.91 -33.80
C CYS B 90 9.33 -34.82 -32.28
N GLY B 91 8.71 -33.85 -31.64
CA GLY B 91 8.76 -33.76 -30.20
C GLY B 91 8.56 -32.33 -29.74
N HIS B 92 8.87 -32.10 -28.46
CA HIS B 92 8.73 -30.79 -27.85
C HIS B 92 9.90 -30.55 -26.90
N TRP B 93 10.41 -29.33 -26.92
CA TRP B 93 11.53 -28.91 -26.06
C TRP B 93 10.91 -28.19 -24.86
N ASP B 94 10.81 -28.91 -23.73
CA ASP B 94 10.17 -28.40 -22.53
C ASP B 94 11.15 -27.81 -21.53
N ILE B 95 12.44 -28.06 -21.68
CA ILE B 95 13.40 -27.81 -20.61
C ILE B 95 13.34 -26.35 -20.17
N PHE B 96 13.17 -26.15 -18.86
CA PHE B 96 13.13 -24.81 -18.26
C PHE B 96 12.15 -23.89 -18.97
N SER B 97 11.08 -24.46 -19.51
CA SER B 97 10.01 -23.65 -20.06
C SER B 97 9.24 -22.98 -18.92
N THR B 98 9.03 -21.67 -19.05
CA THR B 98 8.27 -20.94 -18.05
C THR B 98 6.88 -21.57 -17.88
N TRP B 99 6.28 -21.30 -16.72
CA TRP B 99 5.00 -21.90 -16.37
C TRP B 99 4.30 -20.98 -15.38
N ASN B 100 2.98 -21.12 -15.30
CA ASN B 100 2.16 -20.26 -14.45
C ASN B 100 1.17 -21.11 -13.65
N ILE B 101 0.92 -20.69 -12.42
CA ILE B 101 -0.02 -21.35 -11.52
C ILE B 101 -1.35 -20.62 -11.60
N SER B 102 -2.44 -21.37 -11.51
CA SER B 102 -3.79 -20.82 -11.60
C SER B 102 -4.31 -20.56 -10.19
N LEU B 103 -4.53 -19.28 -9.87
CA LEU B 103 -5.11 -18.93 -8.59
C LEU B 103 -6.61 -19.25 -8.58
N PRO B 104 -7.22 -19.31 -7.39
CA PRO B 104 -8.65 -19.64 -7.33
C PRO B 104 -9.50 -18.58 -8.00
N SER B 105 -10.66 -19.02 -8.49
CA SER B 105 -11.66 -18.14 -9.07
C SER B 105 -12.30 -17.23 -8.02
N VAL B 106 -12.05 -17.47 -6.75
CA VAL B 106 -12.71 -16.72 -5.67
C VAL B 106 -12.20 -15.28 -5.68
N PRO B 107 -13.04 -14.29 -5.37
CA PRO B 107 -12.54 -12.92 -5.28
C PRO B 107 -11.60 -12.75 -4.10
N LYS B 108 -10.56 -11.94 -4.30
CA LYS B 108 -9.66 -11.64 -3.20
C LYS B 108 -10.31 -10.63 -2.27
N PRO B 109 -10.25 -10.84 -0.96
CA PRO B 109 -10.88 -9.90 -0.03
C PRO B 109 -10.06 -8.63 0.09
N PRO B 110 -10.69 -7.51 0.45
CA PRO B 110 -9.92 -6.26 0.63
C PRO B 110 -8.92 -6.41 1.75
N PRO B 111 -7.71 -5.85 1.60
CA PRO B 111 -6.65 -6.10 2.59
C PRO B 111 -6.98 -5.49 3.94
N LYS B 112 -7.07 -6.37 4.98
CA LYS B 112 -7.15 -6.01 6.39
C LYS B 112 -5.78 -6.12 7.03
N PRO B 113 -5.35 -5.17 7.85
CA PRO B 113 -4.12 -5.34 8.61
C PRO B 113 -4.37 -6.16 9.86
N PRO B 114 -3.40 -6.95 10.31
CA PRO B 114 -3.54 -7.61 11.61
C PRO B 114 -3.76 -6.59 12.71
N SER B 115 -4.72 -6.85 13.58
CA SER B 115 -5.00 -5.93 14.67
C SER B 115 -3.94 -6.09 15.76
N PRO B 116 -3.43 -4.99 16.32
CA PRO B 116 -2.41 -5.12 17.36
C PRO B 116 -2.95 -5.87 18.56
N PRO B 117 -2.11 -6.63 19.24
CA PRO B 117 -2.60 -7.40 20.39
C PRO B 117 -3.03 -6.49 21.53
N ALA B 118 -4.03 -6.96 22.28
CA ALA B 118 -4.54 -6.19 23.39
C ALA B 118 -3.49 -6.11 24.49
N PRO B 119 -3.70 -5.23 25.48
CA PRO B 119 -2.77 -5.19 26.61
C PRO B 119 -2.81 -6.49 27.39
N GLY B 120 -1.63 -6.96 27.79
CA GLY B 120 -1.55 -8.21 28.53
C GLY B 120 -1.92 -9.45 27.74
N ALA B 121 -2.15 -9.32 26.44
CA ALA B 121 -2.41 -10.50 25.63
C ALA B 121 -1.20 -11.42 25.68
N PRO B 122 -1.39 -12.74 25.73
CA PRO B 122 -0.24 -13.63 25.85
C PRO B 122 0.65 -13.55 24.61
N VAL B 123 1.95 -13.63 24.84
CA VAL B 123 2.96 -13.67 23.77
C VAL B 123 3.61 -15.04 23.79
N SER B 124 3.88 -15.57 22.61
CA SER B 124 4.54 -16.85 22.45
C SER B 124 5.95 -16.67 21.93
N ARG B 125 6.84 -17.54 22.37
CA ARG B 125 8.22 -17.57 21.89
C ARG B 125 8.42 -18.82 21.05
N VAL B 126 8.85 -18.65 19.81
CA VAL B 126 9.11 -19.75 18.89
C VAL B 126 10.60 -19.78 18.62
N LEU B 127 11.26 -20.83 19.09
CA LEU B 127 12.66 -21.03 18.75
C LEU B 127 12.79 -21.31 17.26
N PHE B 128 13.88 -20.83 16.66
CA PHE B 128 14.15 -21.04 15.24
C PHE B 128 15.60 -21.50 15.07
N LEU B 129 15.77 -22.80 14.86
CA LEU B 129 17.06 -23.38 14.52
C LEU B 129 17.14 -23.56 13.02
N THR B 130 18.31 -23.26 12.45
CA THR B 130 18.50 -23.48 11.02
C THR B 130 19.99 -23.59 10.73
N ASP B 131 20.31 -24.42 9.73
CA ASP B 131 21.67 -24.56 9.24
C ASP B 131 22.63 -24.93 10.38
N LEU B 132 22.33 -26.05 11.02
CA LEU B 132 23.20 -26.56 12.07
C LEU B 132 24.53 -27.03 11.51
N HIS B 133 24.48 -27.77 10.40
CA HIS B 133 25.67 -28.21 9.69
C HIS B 133 26.67 -28.88 10.65
N TRP B 134 26.24 -30.00 11.22
CA TRP B 134 27.12 -30.77 12.08
C TRP B 134 28.23 -31.42 11.25
N ASP B 135 29.47 -31.25 11.69
CA ASP B 135 30.63 -31.86 11.06
C ASP B 135 31.14 -32.95 12.01
N HIS B 136 30.91 -34.21 11.65
CA HIS B 136 31.33 -35.32 12.49
C HIS B 136 32.83 -35.56 12.44
N GLU B 137 33.55 -34.92 11.52
CA GLU B 137 35.00 -35.06 11.43
C GLU B 137 35.73 -33.82 11.91
N TYR B 138 35.04 -32.89 12.56
CA TYR B 138 35.69 -31.69 13.06
C TYR B 138 36.74 -32.07 14.10
N LEU B 139 37.92 -31.47 13.99
CA LEU B 139 39.01 -31.74 14.93
C LEU B 139 39.69 -30.43 15.29
N GLU B 140 39.75 -30.15 16.59
CA GLU B 140 40.35 -28.92 17.07
C GLU B 140 41.86 -28.94 16.87
N GLY B 141 42.41 -27.82 16.44
CA GLY B 141 43.83 -27.71 16.22
C GLY B 141 44.30 -28.00 14.81
N THR B 142 43.40 -28.36 13.91
CA THR B 142 43.77 -28.57 12.52
C THR B 142 43.76 -27.24 11.77
N ASP B 143 44.25 -27.29 10.53
CA ASP B 143 44.32 -26.10 9.70
C ASP B 143 42.92 -25.58 9.37
N PRO B 144 42.55 -24.38 9.78
CA PRO B 144 41.25 -23.83 9.35
C PRO B 144 41.28 -23.25 7.96
N TYR B 145 42.46 -23.01 7.37
CA TYR B 145 42.56 -22.42 6.05
C TYR B 145 43.23 -23.37 5.08
N CYS B 146 42.74 -24.60 5.02
CA CYS B 146 43.24 -25.60 4.09
C CYS B 146 42.84 -25.21 2.67
N ALA B 147 43.09 -26.11 1.72
CA ALA B 147 42.70 -25.87 0.33
C ALA B 147 41.32 -26.43 0.01
N ASP B 148 40.79 -27.30 0.84
CA ASP B 148 39.52 -27.94 0.56
C ASP B 148 38.37 -26.96 0.78
N PRO B 149 37.19 -27.26 0.23
CA PRO B 149 36.02 -26.40 0.50
C PRO B 149 35.61 -26.37 1.96
N LEU B 150 36.12 -27.28 2.79
CA LEU B 150 35.77 -27.34 4.20
C LEU B 150 37.01 -27.74 4.99
N CYS B 151 37.32 -27.00 6.04
CA CYS B 151 38.52 -27.26 6.83
C CYS B 151 38.19 -27.52 8.30
N CYS B 152 39.20 -27.45 9.17
CA CYS B 152 39.05 -27.73 10.60
C CYS B 152 38.61 -29.16 10.87
N ARG B 153 38.99 -30.10 10.01
CA ARG B 153 38.50 -31.48 10.12
C ARG B 153 39.59 -32.44 9.69
N ARG B 154 39.27 -33.74 9.75
CA ARG B 154 40.17 -34.76 9.25
C ARG B 154 40.39 -34.54 7.75
N GLY B 155 41.66 -34.46 7.36
CA GLY B 155 42.03 -34.13 6.00
C GLY B 155 42.47 -32.69 5.80
N SER B 156 42.09 -31.80 6.72
CA SER B 156 42.49 -30.40 6.63
C SER B 156 43.97 -30.21 6.90
N GLY B 157 44.64 -31.19 7.48
CA GLY B 157 46.03 -31.03 7.81
C GLY B 157 46.23 -30.03 8.95
N TRP B 158 47.47 -29.57 9.06
CA TRP B 158 47.88 -28.69 10.14
C TRP B 158 48.25 -27.31 9.59
N PRO B 159 48.05 -26.25 10.38
CA PRO B 159 48.43 -24.92 9.90
C PRO B 159 49.94 -24.78 9.89
N PRO B 160 50.49 -23.95 8.99
CA PRO B 160 51.95 -23.87 8.88
C PRO B 160 52.56 -22.82 9.78
N ASN B 161 53.83 -23.04 10.12
CA ASN B 161 54.64 -22.07 10.84
C ASN B 161 54.18 -21.89 12.28
N SER B 162 53.70 -22.96 12.91
CA SER B 162 53.26 -22.92 14.30
C SER B 162 52.15 -21.91 14.52
N GLN B 163 51.32 -21.68 13.50
CA GLN B 163 50.17 -20.81 13.66
C GLN B 163 49.12 -21.49 14.53
N LYS B 164 48.11 -20.72 14.92
CA LYS B 164 47.05 -21.23 15.78
C LYS B 164 46.10 -22.11 14.97
N GLY B 165 45.73 -23.24 15.54
CA GLY B 165 44.86 -24.19 14.88
C GLY B 165 43.40 -23.77 14.97
N ALA B 166 42.53 -24.75 14.73
CA ALA B 166 41.09 -24.51 14.81
C ALA B 166 40.62 -24.45 16.25
N GLY B 167 39.61 -23.62 16.50
CA GLY B 167 39.12 -23.43 17.84
C GLY B 167 38.36 -24.64 18.37
N PHE B 168 38.18 -24.66 19.68
CA PHE B 168 37.54 -25.81 20.33
C PHE B 168 36.05 -25.87 19.99
N TRP B 169 35.38 -24.72 19.94
CA TRP B 169 33.95 -24.66 19.68
C TRP B 169 33.63 -24.33 18.22
N GLY B 170 34.63 -24.25 17.36
CA GLY B 170 34.48 -23.79 16.01
C GLY B 170 35.54 -22.76 15.67
N GLU B 171 35.48 -22.27 14.44
CA GLU B 171 36.46 -21.30 13.97
C GLU B 171 35.84 -20.35 12.96
N TYR B 172 36.39 -19.14 12.92
CA TYR B 172 36.01 -18.13 11.92
C TYR B 172 36.69 -18.48 10.61
N SER B 173 36.05 -19.33 9.82
CA SER B 173 36.59 -19.75 8.53
C SER B 173 35.55 -20.62 7.84
N LYS B 174 35.98 -21.28 6.76
CA LYS B 174 35.13 -22.22 6.03
C LYS B 174 35.07 -23.55 6.77
N CYS B 175 34.52 -23.49 7.97
CA CYS B 175 34.43 -24.64 8.86
C CYS B 175 33.03 -24.73 9.44
N ASP B 176 32.63 -25.96 9.80
CA ASP B 176 31.34 -26.22 10.41
C ASP B 176 31.51 -26.50 11.90
N LEU B 177 30.42 -26.99 12.56
CA LEU B 177 30.43 -27.11 14.01
C LEU B 177 30.73 -28.53 14.45
N PRO B 178 31.45 -28.71 15.55
CA PRO B 178 31.51 -30.01 16.21
C PRO B 178 30.27 -30.24 17.06
N LEU B 179 30.00 -31.52 17.33
CA LEU B 179 28.75 -31.87 18.00
C LEU B 179 28.57 -31.14 19.31
N ARG B 180 29.65 -30.88 20.05
CA ARG B 180 29.52 -30.25 21.36
C ARG B 180 28.95 -28.84 21.25
N THR B 181 29.37 -28.09 20.23
CA THR B 181 28.84 -26.74 20.06
C THR B 181 27.32 -26.78 19.86
N LEU B 182 26.82 -27.77 19.12
CA LEU B 182 25.38 -27.93 19.00
C LEU B 182 24.78 -28.33 20.33
N GLU B 183 25.38 -29.30 21.02
CA GLU B 183 24.92 -29.67 22.35
C GLU B 183 24.93 -28.47 23.29
N SER B 184 25.97 -27.63 23.20
CA SER B 184 26.02 -26.42 24.01
C SER B 184 24.86 -25.50 23.68
N LEU B 185 24.52 -25.37 22.40
CA LEU B 185 23.41 -24.53 21.99
C LEU B 185 22.11 -24.96 22.67
N LEU B 186 21.78 -26.25 22.59
CA LEU B 186 20.52 -26.72 23.14
C LEU B 186 20.48 -26.62 24.65
N LYS B 187 21.64 -26.75 25.32
CA LYS B 187 21.66 -26.63 26.78
C LYS B 187 21.40 -25.20 27.22
N GLY B 188 21.97 -24.22 26.53
CA GLY B 188 21.84 -22.82 26.91
C GLY B 188 20.52 -22.18 26.55
N LEU B 189 19.54 -22.95 26.07
CA LEU B 189 18.27 -22.37 25.65
C LEU B 189 17.43 -21.88 26.82
N GLY B 190 17.82 -22.19 28.06
CA GLY B 190 17.04 -21.82 29.22
C GLY B 190 16.54 -20.39 29.17
N PRO B 191 17.44 -19.42 29.32
CA PRO B 191 17.00 -18.02 29.30
C PRO B 191 16.30 -17.62 28.01
N ALA B 192 16.74 -18.17 26.87
CA ALA B 192 16.09 -17.84 25.61
C ALA B 192 14.63 -18.25 25.58
N GLY B 193 14.24 -19.23 26.41
CA GLY B 193 12.88 -19.72 26.43
C GLY B 193 12.00 -18.96 27.42
N PRO B 194 10.85 -19.55 27.80
CA PRO B 194 10.33 -20.84 27.35
C PRO B 194 9.74 -20.80 25.95
N PHE B 195 9.64 -21.95 25.30
CA PHE B 195 9.18 -22.02 23.91
C PHE B 195 7.87 -22.79 23.81
N GLU B 196 6.96 -22.29 22.98
CA GLU B 196 5.74 -23.00 22.67
C GLU B 196 5.95 -24.05 21.59
N MET B 197 6.92 -23.83 20.70
CA MET B 197 7.25 -24.76 19.63
C MET B 197 8.54 -24.31 18.98
N VAL B 198 9.00 -25.08 18.00
CA VAL B 198 10.26 -24.82 17.31
C VAL B 198 10.05 -24.99 15.82
N TYR B 199 10.68 -24.12 15.04
CA TYR B 199 10.79 -24.27 13.60
C TYR B 199 12.24 -24.58 13.27
N TRP B 200 12.45 -25.65 12.49
CA TRP B 200 13.78 -26.18 12.23
C TRP B 200 13.93 -26.38 10.73
N THR B 201 14.58 -25.43 10.05
CA THR B 201 14.65 -25.43 8.60
C THR B 201 15.87 -26.16 8.04
N GLY B 202 16.33 -27.20 8.72
CA GLY B 202 17.20 -28.18 8.08
C GLY B 202 18.65 -27.75 7.92
N ASP B 203 19.29 -28.36 6.93
CA ASP B 203 20.74 -28.30 6.72
C ASP B 203 21.48 -28.89 7.94
N ILE B 204 21.38 -30.21 8.05
CA ILE B 204 21.93 -30.93 9.18
C ILE B 204 23.37 -31.33 8.91
N PRO B 205 23.68 -31.95 7.77
CA PRO B 205 25.07 -32.36 7.50
C PRO B 205 25.93 -31.16 7.15
N ALA B 206 27.24 -31.38 7.19
CA ALA B 206 28.21 -30.34 6.91
C ALA B 206 28.48 -30.25 5.40
N HIS B 207 29.41 -29.38 5.02
CA HIS B 207 29.70 -29.11 3.62
C HIS B 207 30.79 -30.01 3.06
N ASP B 208 30.99 -31.21 3.62
CA ASP B 208 31.91 -32.19 3.06
C ASP B 208 31.21 -32.99 1.95
N VAL B 209 30.67 -32.23 0.99
CA VAL B 209 29.77 -32.78 -0.02
C VAL B 209 30.42 -33.89 -0.83
N TRP B 210 31.75 -33.87 -0.97
CA TRP B 210 32.42 -34.82 -1.85
C TRP B 210 32.52 -36.22 -1.26
N GLN B 211 32.18 -36.41 0.01
CA GLN B 211 32.35 -37.70 0.67
C GLN B 211 31.15 -37.99 1.58
N GLN B 212 29.95 -37.92 1.00
CA GLN B 212 28.71 -38.12 1.76
C GLN B 212 27.95 -39.30 1.17
N SER B 213 27.91 -40.39 1.92
CA SER B 213 27.07 -41.53 1.56
C SER B 213 25.69 -41.35 2.18
N ARG B 214 24.71 -42.08 1.63
CA ARG B 214 23.36 -42.03 2.18
C ARG B 214 23.34 -42.46 3.65
N GLN B 215 24.28 -43.32 4.05
CA GLN B 215 24.37 -43.71 5.45
C GLN B 215 24.77 -42.53 6.32
N ASP B 216 25.82 -41.80 5.91
CA ASP B 216 26.26 -40.64 6.68
C ASP B 216 25.13 -39.64 6.86
N GLN B 217 24.40 -39.36 5.77
CA GLN B 217 23.30 -38.40 5.85
C GLN B 217 22.23 -38.87 6.84
N LEU B 218 21.85 -40.15 6.78
CA LEU B 218 20.84 -40.66 7.70
C LEU B 218 21.34 -40.66 9.14
N ARG B 219 22.63 -40.96 9.33
CA ARG B 219 23.20 -40.87 10.67
C ARG B 219 23.09 -39.44 11.21
N ALA B 220 23.47 -38.46 10.40
CA ALA B 220 23.33 -37.07 10.81
C ALA B 220 21.87 -36.73 11.10
N LEU B 221 20.95 -37.28 10.31
CA LEU B 221 19.53 -37.01 10.53
C LEU B 221 19.10 -37.47 11.92
N THR B 222 19.39 -38.72 12.27
CA THR B 222 18.94 -39.25 13.56
C THR B 222 19.75 -38.65 14.71
N THR B 223 21.07 -38.63 14.57
CA THR B 223 21.93 -38.11 15.64
C THR B 223 21.46 -36.73 16.10
N ILE B 224 21.19 -35.83 15.16
CA ILE B 224 20.84 -34.46 15.52
C ILE B 224 19.36 -34.37 15.89
N THR B 225 18.51 -35.15 15.22
CA THR B 225 17.10 -35.19 15.62
C THR B 225 16.96 -35.69 17.05
N ASP B 226 17.69 -36.74 17.41
CA ASP B 226 17.71 -37.20 18.80
C ASP B 226 18.17 -36.09 19.74
N LEU B 227 19.31 -35.48 19.42
CA LEU B 227 19.86 -34.44 20.29
C LEU B 227 18.86 -33.32 20.52
N VAL B 228 18.19 -32.87 19.46
CA VAL B 228 17.19 -31.81 19.60
C VAL B 228 16.05 -32.27 20.50
N ARG B 229 15.49 -33.44 20.21
CA ARG B 229 14.37 -33.93 21.02
C ARG B 229 14.79 -34.15 22.46
N LYS B 230 16.08 -34.44 22.70
CA LYS B 230 16.57 -34.63 24.06
C LYS B 230 16.35 -33.37 24.90
N PHE B 231 16.71 -32.21 24.36
CA PHE B 231 16.72 -30.97 25.12
C PHE B 231 15.44 -30.16 25.00
N LEU B 232 14.61 -30.44 24.00
CA LEU B 232 13.32 -29.75 23.87
C LEU B 232 12.17 -30.54 24.47
N GLY B 233 12.30 -31.86 24.60
CA GLY B 233 11.32 -32.66 25.29
C GLY B 233 9.92 -32.52 24.72
N PRO B 234 8.95 -32.14 25.57
CA PRO B 234 7.56 -32.08 25.09
C PRO B 234 7.34 -31.03 24.02
N VAL B 235 8.25 -30.07 23.86
CA VAL B 235 8.06 -28.98 22.92
C VAL B 235 8.06 -29.53 21.50
N PRO B 236 7.02 -29.30 20.71
CA PRO B 236 7.01 -29.82 19.34
C PRO B 236 7.99 -29.08 18.46
N VAL B 237 8.71 -29.83 17.64
CA VAL B 237 9.67 -29.27 16.68
C VAL B 237 9.16 -29.61 15.29
N TYR B 238 8.77 -28.58 14.53
CA TYR B 238 8.28 -28.76 13.18
C TYR B 238 9.38 -28.40 12.20
N PRO B 239 10.00 -29.38 11.51
CA PRO B 239 11.14 -29.06 10.65
C PRO B 239 10.81 -28.94 9.17
N ALA B 240 11.82 -28.55 8.39
CA ALA B 240 11.70 -28.44 6.94
C ALA B 240 12.98 -28.96 6.30
N VAL B 241 12.85 -29.43 5.06
CA VAL B 241 13.96 -30.09 4.37
C VAL B 241 14.92 -29.05 3.83
N GLY B 242 16.20 -29.20 4.14
CA GLY B 242 17.25 -28.37 3.58
C GLY B 242 17.83 -28.96 2.31
N ASN B 243 18.93 -28.36 1.85
CA ASN B 243 19.54 -28.74 0.59
C ASN B 243 20.80 -29.58 0.75
N HIS B 244 21.22 -29.85 1.99
CA HIS B 244 22.32 -30.78 2.25
C HIS B 244 21.84 -32.11 2.80
N GLU B 245 20.53 -32.28 2.99
CA GLU B 245 20.02 -33.48 3.64
C GLU B 245 20.16 -34.69 2.74
N SER B 246 20.04 -34.50 1.43
CA SER B 246 20.22 -35.58 0.47
C SER B 246 21.68 -35.66 0.02
N THR B 247 21.98 -36.68 -0.76
CA THR B 247 23.30 -36.79 -1.38
C THR B 247 23.16 -37.41 -2.78
N PRO B 248 23.80 -36.78 -3.78
CA PRO B 248 24.67 -35.60 -3.74
C PRO B 248 23.93 -34.33 -3.33
N VAL B 249 24.68 -33.36 -2.81
CA VAL B 249 24.09 -32.13 -2.30
C VAL B 249 23.22 -31.49 -3.38
N ASN B 250 22.09 -30.91 -2.95
CA ASN B 250 21.17 -30.18 -3.80
C ASN B 250 20.30 -31.10 -4.66
N GLY B 251 20.67 -32.37 -4.78
CA GLY B 251 19.96 -33.29 -5.65
C GLY B 251 18.70 -33.86 -5.06
N PHE B 252 17.55 -33.29 -5.43
CA PHE B 252 16.24 -33.70 -4.89
C PHE B 252 15.31 -34.02 -6.05
N PRO B 253 15.32 -35.26 -6.53
CA PRO B 253 14.47 -35.62 -7.67
C PRO B 253 13.00 -35.55 -7.31
N PRO B 254 12.14 -34.98 -8.15
CA PRO B 254 10.72 -34.91 -7.84
C PRO B 254 10.12 -36.29 -7.69
N PRO B 255 8.88 -36.39 -7.21
CA PRO B 255 8.30 -37.72 -6.94
C PRO B 255 8.11 -38.59 -8.16
N PHE B 256 7.96 -38.00 -9.36
CA PHE B 256 7.69 -38.82 -10.53
C PHE B 256 8.84 -39.77 -10.84
N ILE B 257 10.02 -39.54 -10.27
CA ILE B 257 11.13 -40.47 -10.41
C ILE B 257 10.99 -41.57 -9.38
N LYS B 258 11.10 -42.82 -9.83
CA LYS B 258 10.93 -43.99 -8.97
C LYS B 258 12.23 -44.79 -8.93
N GLY B 259 12.33 -45.65 -7.93
CA GLY B 259 13.43 -46.59 -7.82
C GLY B 259 14.46 -46.17 -6.78
N ASN B 260 15.57 -46.90 -6.79
CA ASN B 260 16.65 -46.64 -5.85
C ASN B 260 17.14 -45.21 -5.95
N GLN B 261 17.05 -44.61 -7.14
CA GLN B 261 17.59 -43.26 -7.36
C GLN B 261 16.67 -42.17 -6.83
N SER B 262 15.41 -42.47 -6.54
CA SER B 262 14.53 -41.49 -5.94
C SER B 262 14.95 -41.18 -4.51
N SER B 263 14.42 -40.08 -3.98
CA SER B 263 14.76 -39.63 -2.63
C SER B 263 13.84 -40.23 -1.57
N GLN B 264 13.23 -41.39 -1.85
CA GLN B 264 12.40 -42.06 -0.85
C GLN B 264 13.22 -42.41 0.39
N TRP B 265 14.45 -42.90 0.20
CA TRP B 265 15.30 -43.28 1.32
C TRP B 265 15.34 -42.19 2.38
N LEU B 266 15.35 -40.92 1.96
CA LEU B 266 15.45 -39.81 2.89
C LEU B 266 14.10 -39.41 3.47
N TYR B 267 13.10 -39.19 2.60
CA TYR B 267 11.79 -38.77 3.08
C TYR B 267 11.20 -39.81 4.02
N GLU B 268 11.43 -41.09 3.75
CA GLU B 268 10.87 -42.14 4.62
C GLU B 268 11.60 -42.16 5.96
N ALA B 269 12.93 -42.00 5.94
CA ALA B 269 13.67 -41.89 7.19
C ALA B 269 13.18 -40.69 8.00
N MET B 270 12.93 -39.56 7.33
CA MET B 270 12.45 -38.37 8.03
C MET B 270 11.14 -38.66 8.75
N ALA B 271 10.20 -39.32 8.06
CA ALA B 271 8.91 -39.60 8.68
C ALA B 271 9.05 -40.43 9.94
N LYS B 272 10.06 -41.31 9.99
CA LYS B 272 10.32 -42.06 11.21
C LYS B 272 10.95 -41.17 12.27
N ALA B 273 12.02 -40.46 11.91
CA ALA B 273 12.74 -39.65 12.88
C ALA B 273 11.85 -38.58 13.51
N TRP B 274 10.96 -37.99 12.71
CA TRP B 274 10.12 -36.88 13.15
C TRP B 274 8.71 -37.31 13.51
N GLU B 275 8.46 -38.61 13.61
CA GLU B 275 7.15 -39.09 14.02
C GLU B 275 6.68 -38.51 15.35
N PRO B 276 7.54 -38.31 16.35
CA PRO B 276 7.05 -37.73 17.62
C PRO B 276 6.46 -36.36 17.49
N TRP B 277 6.83 -35.59 16.46
CA TRP B 277 6.40 -34.21 16.31
C TRP B 277 5.26 -34.04 15.32
N LEU B 278 5.20 -34.86 14.29
CA LEU B 278 4.26 -34.67 13.19
C LEU B 278 3.10 -35.66 13.27
N PRO B 279 1.86 -35.19 13.08
CA PRO B 279 0.72 -36.13 13.06
C PRO B 279 0.72 -37.04 11.84
N ALA B 280 -0.23 -37.97 11.79
CA ALA B 280 -0.24 -38.95 10.71
C ALA B 280 -0.52 -38.28 9.37
N ASP B 281 -1.50 -37.39 9.32
CA ASP B 281 -1.81 -36.70 8.07
C ASP B 281 -0.59 -35.97 7.53
N ALA B 282 0.23 -35.41 8.43
CA ALA B 282 1.44 -34.70 7.99
C ALA B 282 2.50 -35.66 7.48
N LEU B 283 2.72 -36.77 8.20
CA LEU B 283 3.72 -37.73 7.77
C LEU B 283 3.42 -38.30 6.39
N HIS B 284 2.13 -38.30 6.00
CA HIS B 284 1.76 -38.88 4.71
C HIS B 284 2.42 -38.11 3.56
N THR B 285 2.24 -36.78 3.54
CA THR B 285 2.81 -35.98 2.47
C THR B 285 4.33 -35.88 2.59
N LEU B 286 4.86 -35.94 3.81
CA LEU B 286 6.30 -35.87 4.00
C LEU B 286 7.01 -36.97 3.22
N ARG B 287 6.54 -38.21 3.36
CA ARG B 287 7.16 -39.33 2.64
C ARG B 287 7.18 -39.10 1.15
N ILE B 288 6.20 -38.38 0.61
CA ILE B 288 6.09 -38.21 -0.84
C ILE B 288 7.06 -37.16 -1.35
N GLY B 289 6.96 -35.93 -0.83
CA GLY B 289 7.70 -34.82 -1.39
C GLY B 289 8.42 -33.93 -0.40
N GLY B 290 8.60 -34.40 0.84
CA GLY B 290 9.39 -33.65 1.80
C GLY B 290 8.75 -32.40 2.34
N PHE B 291 7.49 -32.14 2.03
CA PHE B 291 6.75 -31.01 2.56
C PHE B 291 5.49 -31.51 3.24
N TYR B 292 4.86 -30.64 4.03
CA TYR B 292 3.70 -31.04 4.82
C TYR B 292 3.03 -29.80 5.38
N ALA B 293 1.87 -30.02 6.02
CA ALA B 293 1.15 -28.97 6.71
C ALA B 293 0.42 -29.57 7.89
N LEU B 294 0.15 -28.73 8.89
CA LEU B 294 -0.53 -29.17 10.10
C LEU B 294 -1.02 -27.94 10.85
N THR B 295 -1.83 -28.20 11.88
CA THR B 295 -2.36 -27.14 12.74
C THR B 295 -1.65 -27.21 14.08
N PRO B 296 -0.59 -26.42 14.30
CA PRO B 296 0.12 -26.53 15.58
C PRO B 296 -0.70 -26.05 16.75
N ARG B 297 -1.66 -25.16 16.52
CA ARG B 297 -2.52 -24.63 17.55
C ARG B 297 -3.76 -24.06 16.89
N PRO B 298 -4.83 -23.83 17.64
CA PRO B 298 -6.09 -23.40 17.01
C PRO B 298 -5.92 -22.12 16.22
N GLY B 299 -6.56 -22.08 15.04
CA GLY B 299 -6.57 -20.90 14.21
C GLY B 299 -5.27 -20.61 13.48
N LEU B 300 -4.31 -21.52 13.52
CA LEU B 300 -3.02 -21.34 12.87
C LEU B 300 -2.69 -22.58 12.05
N ARG B 301 -2.20 -22.36 10.84
CA ARG B 301 -1.83 -23.44 9.92
C ARG B 301 -0.35 -23.28 9.59
N LEU B 302 0.44 -24.30 9.89
CA LEU B 302 1.86 -24.29 9.59
C LEU B 302 2.12 -25.08 8.31
N ILE B 303 2.77 -24.45 7.35
CA ILE B 303 3.09 -25.07 6.06
C ILE B 303 4.60 -25.12 5.94
N SER B 304 5.14 -26.34 5.79
CA SER B 304 6.56 -26.57 5.62
C SER B 304 6.80 -26.92 4.16
N LEU B 305 7.55 -26.08 3.45
CA LEU B 305 7.78 -26.26 2.03
C LEU B 305 9.15 -26.88 1.79
N ASN B 306 9.23 -27.64 0.69
CA ASN B 306 10.50 -28.21 0.22
C ASN B 306 10.99 -27.29 -0.89
N MET B 307 11.79 -26.28 -0.52
CA MET B 307 12.29 -25.33 -1.49
C MET B 307 13.31 -25.93 -2.44
N ASN B 308 13.73 -27.18 -2.21
CA ASN B 308 14.62 -27.84 -3.16
C ASN B 308 13.98 -27.98 -4.53
N PHE B 309 12.65 -27.97 -4.60
CA PHE B 309 11.93 -28.02 -5.86
C PHE B 309 11.89 -26.67 -6.58
N CYS B 310 12.62 -25.67 -6.08
CA CYS B 310 12.73 -24.37 -6.72
C CYS B 310 14.18 -23.97 -6.99
N SER B 311 15.15 -24.79 -6.57
CA SER B 311 16.54 -24.38 -6.51
C SER B 311 17.23 -24.57 -7.87
N ARG B 312 17.97 -23.54 -8.29
CA ARG B 312 18.84 -23.68 -9.46
C ARG B 312 19.80 -24.84 -9.27
N GLU B 313 20.25 -25.08 -8.04
CA GLU B 313 21.24 -26.11 -7.76
C GLU B 313 20.68 -27.52 -7.91
N ASN B 314 19.36 -27.66 -8.01
CA ASN B 314 18.72 -28.98 -8.12
C ASN B 314 18.70 -29.38 -9.59
N PHE B 315 19.76 -30.07 -10.01
CA PHE B 315 19.90 -30.41 -11.42
C PHE B 315 18.79 -31.35 -11.91
N TRP B 316 18.12 -32.06 -11.00
CA TRP B 316 17.03 -32.95 -11.40
C TRP B 316 15.87 -32.18 -12.02
N LEU B 317 15.76 -30.87 -11.76
CA LEU B 317 14.62 -30.10 -12.26
C LEU B 317 14.71 -29.86 -13.76
N LEU B 318 15.86 -30.10 -14.39
CA LEU B 318 15.96 -30.07 -15.84
C LEU B 318 14.83 -30.86 -16.49
N ILE B 319 14.65 -32.11 -16.06
CA ILE B 319 13.66 -33.00 -16.66
C ILE B 319 12.31 -32.30 -16.79
N ASN B 320 11.89 -31.62 -15.72
CA ASN B 320 10.63 -30.89 -15.74
C ASN B 320 10.60 -29.94 -14.56
N SER B 321 10.94 -28.68 -14.80
CA SER B 321 11.00 -27.67 -13.75
C SER B 321 9.63 -27.09 -13.41
N THR B 322 8.56 -27.56 -14.05
CA THR B 322 7.24 -27.02 -13.80
C THR B 322 6.70 -27.56 -12.48
N ASP B 323 6.42 -26.65 -11.55
CA ASP B 323 5.82 -26.93 -10.24
C ASP B 323 6.13 -28.34 -9.76
N PRO B 324 7.40 -28.67 -9.54
CA PRO B 324 7.76 -30.05 -9.17
C PRO B 324 6.95 -30.53 -7.97
N ALA B 325 6.52 -31.79 -8.03
CA ALA B 325 5.71 -32.42 -7.00
C ALA B 325 4.34 -31.76 -6.84
N GLY B 326 4.00 -30.80 -7.69
CA GLY B 326 2.74 -30.10 -7.57
C GLY B 326 2.61 -29.35 -6.25
N GLN B 327 3.71 -28.76 -5.79
CA GLN B 327 3.72 -28.13 -4.46
C GLN B 327 2.91 -26.84 -4.46
N LEU B 328 3.13 -25.97 -5.45
CA LEU B 328 2.40 -24.70 -5.47
C LEU B 328 0.89 -24.93 -5.52
N GLN B 329 0.45 -25.82 -6.41
CA GLN B 329 -0.98 -26.12 -6.47
C GLN B 329 -1.48 -26.63 -5.13
N TRP B 330 -0.65 -27.42 -4.45
CA TRP B 330 -1.00 -27.88 -3.10
C TRP B 330 -1.02 -26.71 -2.12
N LEU B 331 -0.06 -25.80 -2.22
CA LEU B 331 -0.02 -24.65 -1.33
C LEU B 331 -1.25 -23.77 -1.53
N VAL B 332 -1.57 -23.45 -2.79
CA VAL B 332 -2.76 -22.64 -3.07
C VAL B 332 -3.99 -23.27 -2.44
N GLU B 333 -4.12 -24.59 -2.56
CA GLU B 333 -5.29 -25.27 -2.00
C GLU B 333 -5.35 -25.08 -0.49
N GLU B 334 -4.21 -25.18 0.18
CA GLU B 334 -4.18 -24.99 1.63
C GLU B 334 -4.52 -23.55 2.01
N LEU B 335 -3.90 -22.58 1.34
CA LEU B 335 -4.14 -21.18 1.67
C LEU B 335 -5.60 -20.81 1.47
N GLN B 336 -6.19 -21.24 0.35
CA GLN B 336 -7.60 -20.92 0.12
C GLN B 336 -8.49 -21.60 1.14
N ALA B 337 -8.17 -22.84 1.51
CA ALA B 337 -8.88 -23.48 2.61
C ALA B 337 -8.74 -22.66 3.88
N ALA B 338 -7.55 -22.13 4.14
CA ALA B 338 -7.36 -21.30 5.33
C ALA B 338 -8.26 -20.08 5.31
N GLU B 339 -8.45 -19.48 4.12
CA GLU B 339 -9.33 -18.32 4.02
C GLU B 339 -10.74 -18.64 4.50
N ASN B 340 -11.31 -19.73 3.99
CA ASN B 340 -12.65 -20.13 4.41
C ASN B 340 -12.71 -20.31 5.92
N ARG B 341 -11.72 -20.99 6.49
CA ARG B 341 -11.71 -21.22 7.93
C ARG B 341 -11.61 -19.91 8.71
N GLY B 342 -11.00 -18.89 8.13
CA GLY B 342 -10.58 -17.74 8.89
C GLY B 342 -9.27 -17.93 9.60
N ASP B 343 -8.53 -19.01 9.28
CA ASP B 343 -7.27 -19.30 9.93
C ASP B 343 -6.13 -18.53 9.28
N LYS B 344 -5.08 -18.30 10.05
CA LYS B 344 -3.85 -17.67 9.57
C LYS B 344 -2.81 -18.74 9.27
N VAL B 345 -1.73 -18.34 8.62
CA VAL B 345 -0.75 -19.28 8.09
C VAL B 345 0.66 -18.82 8.41
N HIS B 346 1.51 -19.77 8.78
CA HIS B 346 2.95 -19.61 8.82
C HIS B 346 3.57 -20.53 7.77
N ILE B 347 4.49 -20.00 6.98
CA ILE B 347 5.24 -20.78 6.01
C ILE B 347 6.69 -20.86 6.47
N ILE B 348 7.24 -22.07 6.48
CA ILE B 348 8.63 -22.29 6.80
C ILE B 348 9.26 -23.11 5.68
N GLY B 349 10.54 -22.85 5.43
CA GLY B 349 11.28 -23.54 4.40
C GLY B 349 12.74 -23.16 4.52
N HIS B 350 13.56 -23.75 3.65
CA HIS B 350 15.01 -23.52 3.73
C HIS B 350 15.44 -22.37 2.83
N ILE B 351 15.40 -22.59 1.52
CA ILE B 351 15.89 -21.59 0.57
C ILE B 351 14.88 -20.45 0.48
N PRO B 352 15.30 -19.19 0.64
CA PRO B 352 14.34 -18.10 0.57
C PRO B 352 13.83 -17.92 -0.85
N PRO B 353 12.60 -17.43 -1.01
CA PRO B 353 12.04 -17.31 -2.37
C PRO B 353 12.91 -16.53 -3.33
N GLY B 354 13.57 -15.47 -2.84
CA GLY B 354 14.41 -14.65 -3.71
C GLY B 354 15.49 -15.42 -4.43
N HIS B 355 15.86 -16.60 -3.93
CA HIS B 355 16.93 -17.40 -4.51
C HIS B 355 16.42 -18.54 -5.39
N CYS B 356 15.12 -18.63 -5.62
CA CYS B 356 14.55 -19.72 -6.40
C CYS B 356 14.71 -19.44 -7.90
N LEU B 357 14.23 -20.38 -8.71
CA LEU B 357 14.16 -20.18 -10.16
C LEU B 357 13.12 -19.13 -10.50
N LYS B 358 13.30 -18.50 -11.67
CA LYS B 358 12.45 -17.37 -12.04
C LYS B 358 10.98 -17.75 -12.00
N SER B 359 10.62 -18.88 -12.59
CA SER B 359 9.21 -19.23 -12.70
C SER B 359 8.62 -19.55 -11.33
N TRP B 360 9.23 -20.47 -10.59
CA TRP B 360 8.76 -20.80 -9.24
C TRP B 360 8.66 -19.53 -8.39
N SER B 361 9.70 -18.71 -8.40
CA SER B 361 9.71 -17.49 -7.60
C SER B 361 8.54 -16.59 -7.97
N TRP B 362 8.37 -16.32 -9.26
CA TRP B 362 7.32 -15.41 -9.70
C TRP B 362 5.94 -15.90 -9.28
N ASN B 363 5.72 -17.22 -9.33
CA ASN B 363 4.43 -17.76 -8.91
C ASN B 363 4.27 -17.70 -7.40
N TYR B 364 5.34 -18.01 -6.65
CA TYR B 364 5.27 -17.85 -5.21
C TYR B 364 4.94 -16.41 -4.84
N TYR B 365 5.48 -15.45 -5.60
CA TYR B 365 5.27 -14.04 -5.30
C TYR B 365 3.80 -13.66 -5.45
N LYS B 366 3.16 -14.07 -6.54
CA LYS B 366 1.77 -13.70 -6.76
C LYS B 366 0.86 -14.36 -5.74
N ILE B 367 1.23 -15.54 -5.24
CA ILE B 367 0.43 -16.23 -4.23
C ILE B 367 0.45 -15.44 -2.92
N ILE B 368 1.64 -15.03 -2.47
CA ILE B 368 1.74 -14.25 -1.24
C ILE B 368 0.86 -13.01 -1.35
N ALA B 369 0.97 -12.29 -2.48
CA ALA B 369 0.16 -11.10 -2.67
C ALA B 369 -1.33 -11.42 -2.59
N ARG B 370 -1.72 -12.57 -3.12
CA ARG B 370 -3.13 -12.96 -3.10
C ARG B 370 -3.60 -13.22 -1.68
N TYR B 371 -2.78 -13.90 -0.88
CA TYR B 371 -3.16 -14.34 0.46
C TYR B 371 -2.46 -13.52 1.55
N GLU B 372 -2.34 -12.22 1.33
CA GLU B 372 -1.63 -11.38 2.29
C GLU B 372 -2.34 -11.35 3.63
N ASN B 373 -3.68 -11.27 3.63
CA ASN B 373 -4.42 -11.20 4.89
C ASN B 373 -4.36 -12.53 5.64
N THR B 374 -4.23 -13.64 4.92
CA THR B 374 -4.21 -14.95 5.57
C THR B 374 -2.84 -15.28 6.14
N LEU B 375 -1.78 -14.75 5.55
CA LEU B 375 -0.43 -15.02 6.04
C LEU B 375 -0.13 -14.25 7.31
N ALA B 376 0.49 -14.94 8.27
CA ALA B 376 0.93 -14.31 9.50
C ALA B 376 2.45 -14.26 9.65
N GLY B 377 3.18 -15.05 8.86
CA GLY B 377 4.62 -15.03 8.91
C GLY B 377 5.28 -15.94 7.88
N GLN B 378 6.50 -15.57 7.47
CA GLN B 378 7.29 -16.38 6.56
C GLN B 378 8.71 -16.48 7.12
N PHE B 379 9.25 -17.70 7.18
CA PHE B 379 10.53 -17.94 7.82
C PHE B 379 11.37 -18.87 6.97
N PHE B 380 12.62 -18.47 6.72
CA PHE B 380 13.55 -19.26 5.91
C PHE B 380 14.95 -19.12 6.49
N GLY B 381 15.89 -19.82 5.87
CA GLY B 381 17.29 -19.74 6.26
C GLY B 381 18.22 -19.83 5.06
N HIS B 382 19.13 -20.80 5.08
CA HIS B 382 19.98 -21.11 3.93
C HIS B 382 21.11 -20.11 3.73
N THR B 383 20.80 -18.81 3.82
CA THR B 383 21.81 -17.79 3.61
C THR B 383 22.82 -17.71 4.75
N HIS B 384 22.56 -18.37 5.88
CA HIS B 384 23.41 -18.33 7.06
C HIS B 384 23.52 -16.93 7.66
N VAL B 385 22.66 -16.00 7.24
CA VAL B 385 22.82 -14.59 7.53
C VAL B 385 21.50 -14.05 8.07
N ASP B 386 21.60 -12.96 8.83
CA ASP B 386 20.42 -12.31 9.40
C ASP B 386 19.97 -11.22 8.43
N GLU B 387 18.93 -11.51 7.66
CA GLU B 387 18.38 -10.56 6.70
C GLU B 387 16.90 -10.89 6.51
N PHE B 388 16.26 -10.22 5.56
CA PHE B 388 14.84 -10.41 5.31
C PHE B 388 14.53 -10.11 3.85
N GLU B 389 13.29 -10.37 3.46
CA GLU B 389 12.84 -10.15 2.09
C GLU B 389 11.42 -9.61 2.12
N ILE B 390 11.23 -8.40 1.59
CA ILE B 390 9.92 -7.73 1.63
C ILE B 390 9.15 -8.06 0.36
N PHE B 391 7.89 -8.41 0.52
CA PHE B 391 6.98 -8.66 -0.59
C PHE B 391 6.08 -7.45 -0.81
N TYR B 392 5.83 -7.14 -2.08
CA TYR B 392 5.00 -6.00 -2.46
C TYR B 392 3.79 -6.47 -3.26
N ASP B 393 2.85 -5.55 -3.43
CA ASP B 393 1.70 -5.82 -4.30
C ASP B 393 2.16 -5.89 -5.75
N GLU B 394 1.62 -6.89 -6.46
CA GLU B 394 2.09 -7.12 -7.83
C GLU B 394 1.80 -5.94 -8.74
N GLU B 395 0.70 -5.21 -8.50
CA GLU B 395 0.26 -4.22 -9.46
C GLU B 395 1.21 -3.03 -9.53
N THR B 396 1.65 -2.51 -8.38
CA THR B 396 2.46 -1.31 -8.33
C THR B 396 3.83 -1.50 -7.69
N LEU B 397 4.09 -2.63 -7.05
CA LEU B 397 5.37 -2.89 -6.41
C LEU B 397 5.79 -1.72 -5.51
N SER B 398 4.84 -1.26 -4.71
CA SER B 398 5.07 -0.10 -3.84
C SER B 398 4.47 -0.24 -2.45
N ARG B 399 3.55 -1.16 -2.22
CA ARG B 399 2.94 -1.35 -0.90
C ARG B 399 3.49 -2.62 -0.27
N PRO B 400 4.24 -2.54 0.83
CA PRO B 400 4.72 -3.77 1.48
C PRO B 400 3.59 -4.49 2.18
N LEU B 401 3.30 -5.72 1.73
CA LEU B 401 2.18 -6.50 2.24
C LEU B 401 2.64 -7.73 3.01
N ALA B 402 3.93 -8.00 3.06
CA ALA B 402 4.44 -9.19 3.73
C ALA B 402 5.95 -9.11 3.78
N VAL B 403 6.53 -9.81 4.75
CA VAL B 403 7.97 -9.89 4.92
C VAL B 403 8.33 -11.32 5.29
N ALA B 404 9.50 -11.75 4.86
CA ALA B 404 10.03 -13.07 5.17
C ALA B 404 11.35 -12.90 5.92
N PHE B 405 11.48 -13.59 7.05
CA PHE B 405 12.65 -13.47 7.91
C PHE B 405 13.63 -14.58 7.59
N LEU B 406 14.86 -14.20 7.25
CA LEU B 406 15.93 -15.15 6.95
C LEU B 406 16.83 -15.21 8.17
N ALA B 407 16.64 -16.25 8.99
CA ALA B 407 17.40 -16.36 10.23
C ALA B 407 18.84 -16.77 9.95
N PRO B 408 19.77 -16.33 10.79
CA PRO B 408 21.18 -16.69 10.58
C PRO B 408 21.48 -18.09 11.09
N SER B 409 22.53 -18.67 10.52
CA SER B 409 22.83 -20.07 10.78
C SER B 409 23.32 -20.27 12.22
N ALA B 410 23.27 -21.53 12.65
CA ALA B 410 23.99 -21.93 13.85
C ALA B 410 25.47 -22.14 13.56
N THR B 411 25.81 -22.53 12.33
CA THR B 411 27.19 -22.85 12.00
C THR B 411 28.02 -21.60 11.82
N THR B 412 29.34 -21.79 11.84
CA THR B 412 30.30 -20.73 11.54
C THR B 412 30.46 -20.49 10.04
N PHE B 413 30.15 -21.49 9.22
CA PHE B 413 30.29 -21.40 7.78
C PHE B 413 29.48 -20.22 7.21
N ILE B 414 30.11 -19.15 6.71
CA ILE B 414 31.56 -18.95 6.63
C ILE B 414 31.95 -17.69 7.39
N ASN B 415 32.96 -17.81 8.26
CA ASN B 415 33.51 -16.67 8.97
C ASN B 415 32.42 -15.94 9.76
N LEU B 416 31.68 -16.71 10.57
CA LEU B 416 30.55 -16.18 11.31
C LEU B 416 30.59 -16.71 12.73
N ASN B 417 29.90 -16.00 13.62
CA ASN B 417 29.59 -16.49 14.95
C ASN B 417 28.38 -17.42 14.91
N PRO B 418 28.39 -18.52 15.66
CA PRO B 418 27.17 -19.33 15.77
C PRO B 418 26.03 -18.52 16.37
N GLY B 419 24.82 -18.77 15.90
CA GLY B 419 23.67 -18.05 16.40
C GLY B 419 22.37 -18.79 16.16
N TYR B 420 21.36 -18.42 16.93
CA TYR B 420 20.00 -18.89 16.71
C TYR B 420 19.03 -17.75 16.96
N ARG B 421 17.76 -18.02 16.68
CA ARG B 421 16.74 -16.99 16.56
C ARG B 421 15.51 -17.39 17.36
N VAL B 422 14.89 -16.41 18.03
CA VAL B 422 13.65 -16.60 18.77
C VAL B 422 12.67 -15.52 18.34
N TYR B 423 11.49 -15.94 17.89
CA TYR B 423 10.45 -15.02 17.48
C TYR B 423 9.41 -14.86 18.58
N GLN B 424 8.94 -13.63 18.76
CA GLN B 424 7.82 -13.33 19.63
C GLN B 424 6.58 -13.13 18.74
N ILE B 425 5.66 -14.09 18.78
CA ILE B 425 4.45 -14.02 17.98
C ILE B 425 3.26 -13.82 18.90
N ASP B 426 2.17 -13.35 18.32
CA ASP B 426 0.94 -13.18 19.08
C ASP B 426 0.50 -14.51 19.65
N GLY B 427 0.12 -14.50 20.93
CA GLY B 427 -0.06 -15.73 21.68
C GLY B 427 -1.12 -16.67 21.18
N ASN B 428 -1.35 -17.74 21.94
CA ASN B 428 -2.31 -18.79 21.59
C ASN B 428 -3.63 -18.48 22.30
N TYR B 429 -4.52 -17.80 21.59
CA TYR B 429 -5.83 -17.44 22.15
C TYR B 429 -6.77 -17.10 21.01
N PRO B 430 -8.08 -17.14 21.25
CA PRO B 430 -9.05 -16.84 20.18
C PRO B 430 -8.97 -15.38 19.75
N GLY B 431 -8.92 -15.15 18.44
CA GLY B 431 -8.78 -13.83 17.89
C GLY B 431 -7.35 -13.38 17.73
N SER B 432 -6.38 -14.23 18.04
CA SER B 432 -4.98 -13.85 17.89
C SER B 432 -4.64 -13.67 16.42
N SER B 433 -3.80 -12.66 16.14
CA SER B 433 -3.34 -12.43 14.78
C SER B 433 -2.27 -13.42 14.36
N HIS B 434 -1.56 -14.03 15.32
CA HIS B 434 -0.50 -15.00 15.08
C HIS B 434 0.72 -14.39 14.40
N VAL B 435 0.80 -13.07 14.29
CA VAL B 435 1.88 -12.44 13.54
C VAL B 435 3.14 -12.39 14.39
N VAL B 436 4.24 -11.97 13.78
CA VAL B 436 5.48 -11.71 14.51
C VAL B 436 5.41 -10.32 15.11
N LEU B 437 5.68 -10.22 16.41
CA LEU B 437 5.68 -8.94 17.10
C LEU B 437 7.08 -8.38 17.32
N ASP B 438 8.09 -9.25 17.32
CA ASP B 438 9.48 -8.86 17.52
C ASP B 438 10.29 -10.15 17.35
N HIS B 439 11.61 -10.01 17.30
CA HIS B 439 12.45 -11.21 17.26
C HIS B 439 13.82 -10.90 17.85
N GLU B 440 14.40 -11.92 18.48
CA GLU B 440 15.66 -11.81 19.19
C GLU B 440 16.65 -12.81 18.62
N THR B 441 17.92 -12.42 18.61
CA THR B 441 19.00 -13.26 18.07
C THR B 441 20.03 -13.49 19.17
N TYR B 442 20.44 -14.74 19.32
CA TYR B 442 21.45 -15.14 20.30
C TYR B 442 22.64 -15.73 19.56
N ILE B 443 23.85 -15.46 20.06
CA ILE B 443 25.08 -15.91 19.42
C ILE B 443 26.05 -16.42 20.48
N LEU B 444 27.08 -17.11 19.99
CA LEU B 444 28.19 -17.58 20.81
C LEU B 444 29.46 -16.88 20.31
N ASN B 445 29.91 -15.88 21.05
CA ASN B 445 31.11 -15.12 20.69
C ASN B 445 32.32 -16.06 20.79
N LEU B 446 32.75 -16.59 19.64
CA LEU B 446 33.83 -17.58 19.64
C LEU B 446 35.14 -17.00 20.13
N THR B 447 35.40 -15.72 19.84
CA THR B 447 36.63 -15.09 20.33
C THR B 447 36.76 -15.25 21.83
N GLN B 448 35.64 -15.27 22.56
CA GLN B 448 35.65 -15.46 24.00
C GLN B 448 35.61 -16.93 24.39
N ALA B 449 34.85 -17.74 23.65
CA ALA B 449 34.69 -19.15 24.02
C ALA B 449 35.97 -19.92 23.82
N ASN B 450 36.68 -19.68 22.72
CA ASN B 450 37.93 -20.38 22.44
C ASN B 450 39.12 -19.79 23.18
N ALA B 451 38.95 -18.64 23.83
CA ALA B 451 40.05 -18.04 24.57
C ALA B 451 40.49 -18.96 25.71
N ALA B 452 41.76 -18.84 26.09
CA ALA B 452 42.28 -19.60 27.21
C ALA B 452 41.40 -19.38 28.44
N GLY B 453 40.93 -20.49 29.01
CA GLY B 453 40.01 -20.41 30.13
C GLY B 453 38.67 -19.80 29.77
N GLY B 454 38.27 -19.90 28.51
CA GLY B 454 36.97 -19.42 28.10
C GLY B 454 35.88 -20.44 28.36
N THR B 455 34.64 -19.96 28.31
CA THR B 455 33.47 -20.80 28.55
C THR B 455 32.40 -20.45 27.53
N PRO B 456 31.73 -21.45 26.95
CA PRO B 456 30.65 -21.15 26.00
C PRO B 456 29.48 -20.49 26.69
N SER B 457 29.22 -19.23 26.37
CA SER B 457 28.10 -18.48 26.94
C SER B 457 27.26 -17.94 25.79
N TRP B 458 26.10 -18.54 25.57
CA TRP B 458 25.19 -18.09 24.52
C TRP B 458 24.46 -16.86 25.03
N LYS B 459 24.80 -15.70 24.47
CA LYS B 459 24.25 -14.42 24.88
C LYS B 459 23.34 -13.87 23.80
N ARG B 460 22.53 -12.89 24.18
CA ARG B 460 21.60 -12.25 23.24
C ARG B 460 22.32 -11.11 22.53
N LEU B 461 22.37 -11.17 21.20
CA LEU B 461 23.06 -10.12 20.45
C LEU B 461 22.21 -8.86 20.35
N TYR B 462 20.91 -8.99 20.12
CA TYR B 462 20.09 -7.80 19.96
C TYR B 462 18.62 -8.18 19.94
N ARG B 463 17.78 -7.16 20.12
CA ARG B 463 16.33 -7.25 19.98
C ARG B 463 15.92 -6.33 18.84
N ALA B 464 15.11 -6.84 17.91
CA ALA B 464 14.91 -6.16 16.64
C ALA B 464 14.31 -4.78 16.81
N ARG B 465 13.08 -4.71 17.33
CA ARG B 465 12.40 -3.43 17.45
C ARG B 465 13.26 -2.42 18.23
N GLU B 466 13.93 -2.88 19.28
CA GLU B 466 14.70 -1.96 20.12
C GLU B 466 15.82 -1.31 19.33
N THR B 467 16.59 -2.10 18.56
CA THR B 467 17.80 -1.59 17.94
C THR B 467 17.53 -0.79 16.67
N TYR B 468 16.49 -1.14 15.92
CA TYR B 468 16.12 -0.40 14.73
C TYR B 468 15.03 0.63 14.98
N GLY B 469 14.58 0.77 16.22
CA GLY B 469 13.53 1.72 16.54
C GLY B 469 12.31 1.54 15.67
N LEU B 470 11.80 0.32 15.60
CA LEU B 470 10.62 0.05 14.79
C LEU B 470 9.36 0.18 15.65
N PRO B 471 8.30 0.81 15.14
CA PRO B 471 7.05 0.81 15.90
C PRO B 471 6.43 -0.56 16.05
N ASP B 472 6.66 -1.45 15.08
CA ASP B 472 6.14 -2.81 15.12
C ASP B 472 6.97 -3.66 14.17
N ALA B 473 6.63 -4.94 14.08
CA ALA B 473 7.33 -5.88 13.20
C ALA B 473 6.58 -6.11 11.89
N MET B 474 5.77 -5.14 11.46
CA MET B 474 4.99 -5.30 10.25
C MET B 474 5.85 -5.08 9.02
N PRO B 475 5.37 -5.51 7.84
CA PRO B 475 6.16 -5.30 6.62
C PRO B 475 6.45 -3.84 6.34
N ALA B 476 5.50 -2.95 6.65
CA ALA B 476 5.72 -1.52 6.43
C ALA B 476 6.91 -0.99 7.21
N SER B 477 7.16 -1.55 8.41
CA SER B 477 8.26 -1.08 9.23
C SER B 477 9.61 -1.49 8.63
N TRP B 478 9.70 -2.72 8.10
CA TRP B 478 10.94 -3.15 7.47
C TRP B 478 11.18 -2.40 6.16
N HIS B 479 10.10 -2.14 5.42
CA HIS B 479 10.21 -1.30 4.23
C HIS B 479 10.92 0.00 4.54
N ASN B 480 10.40 0.75 5.52
CA ASN B 480 10.99 2.04 5.87
C ASN B 480 12.40 1.89 6.44
N LEU B 481 12.67 0.77 7.13
CA LEU B 481 14.01 0.56 7.64
C LEU B 481 15.04 0.52 6.52
N VAL B 482 14.70 -0.10 5.39
CA VAL B 482 15.63 -0.20 4.28
C VAL B 482 16.01 1.19 3.78
N TYR B 483 15.00 2.01 3.43
CA TYR B 483 15.28 3.32 2.87
C TYR B 483 15.86 4.26 3.93
N ARG B 484 15.55 4.04 5.21
CA ARG B 484 16.25 4.77 6.26
C ARG B 484 17.75 4.49 6.21
N MET B 485 18.13 3.22 6.06
CA MET B 485 19.53 2.85 6.04
C MET B 485 20.25 3.42 4.83
N ARG B 486 19.57 3.53 3.68
CA ARG B 486 20.19 4.14 2.51
C ARG B 486 20.73 5.52 2.82
N ASP B 487 20.11 6.23 3.77
CA ASP B 487 20.51 7.58 4.15
C ASP B 487 21.30 7.61 5.45
N ASP B 488 20.90 6.83 6.45
CA ASP B 488 21.58 6.82 7.75
C ASP B 488 22.69 5.77 7.69
N GLU B 489 23.92 6.24 7.56
CA GLU B 489 25.06 5.32 7.43
C GLU B 489 25.27 4.52 8.70
N GLN B 490 25.25 5.19 9.86
CA GLN B 490 25.47 4.49 11.11
C GLN B 490 24.46 3.37 11.31
N LEU B 491 23.22 3.61 10.91
CA LEU B 491 22.18 2.59 11.07
C LEU B 491 22.48 1.36 10.21
N PHE B 492 22.90 1.57 8.97
CA PHE B 492 23.23 0.43 8.12
C PHE B 492 24.40 -0.37 8.69
N GLN B 493 25.41 0.32 9.21
CA GLN B 493 26.54 -0.37 9.82
C GLN B 493 26.07 -1.27 10.95
N THR B 494 25.08 -0.83 11.71
CA THR B 494 24.47 -1.70 12.71
C THR B 494 23.88 -2.94 12.06
N PHE B 495 23.01 -2.74 11.07
CA PHE B 495 22.45 -3.87 10.32
C PHE B 495 23.56 -4.74 9.75
N TRP B 496 24.61 -4.13 9.21
CA TRP B 496 25.73 -4.88 8.66
C TRP B 496 26.43 -5.70 9.75
N PHE B 497 26.62 -5.11 10.93
CA PHE B 497 27.28 -5.80 12.02
C PHE B 497 26.47 -7.02 12.47
N LEU B 498 25.15 -6.86 12.60
CA LEU B 498 24.31 -7.97 13.02
C LEU B 498 24.11 -8.97 11.89
N TYR B 499 23.98 -8.46 10.66
CA TYR B 499 23.97 -9.26 9.44
C TYR B 499 24.93 -10.44 9.57
N HIS B 500 26.12 -10.20 10.13
CA HIS B 500 27.14 -11.21 10.30
C HIS B 500 27.19 -11.77 11.72
N LYS B 501 26.11 -11.63 12.49
CA LYS B 501 26.06 -12.17 13.84
C LYS B 501 27.19 -11.62 14.71
N GLY B 502 27.51 -10.35 14.51
CA GLY B 502 28.50 -9.68 15.34
C GLY B 502 29.94 -9.92 14.95
N HIS B 503 30.20 -10.57 13.82
CA HIS B 503 31.56 -10.80 13.33
C HIS B 503 31.62 -10.33 11.88
N PRO B 504 31.67 -9.02 11.67
CA PRO B 504 31.67 -8.49 10.30
C PRO B 504 33.00 -8.71 9.62
N PRO B 505 33.06 -8.64 8.30
CA PRO B 505 34.33 -8.86 7.61
C PRO B 505 35.28 -7.70 7.82
N SER B 506 36.54 -7.91 7.43
CA SER B 506 37.56 -6.87 7.57
C SER B 506 37.30 -5.73 6.60
N GLU B 507 37.04 -6.06 5.33
CA GLU B 507 36.80 -5.05 4.31
C GLU B 507 35.56 -4.23 4.66
N PRO B 508 35.65 -2.91 4.77
CA PRO B 508 34.45 -2.10 4.99
C PRO B 508 33.48 -2.21 3.81
N CYS B 509 32.19 -2.06 4.12
CA CYS B 509 31.14 -2.12 3.11
C CYS B 509 30.83 -0.69 2.68
N GLY B 510 31.29 -0.31 1.48
CA GLY B 510 31.10 1.02 0.96
C GLY B 510 29.76 1.18 0.26
N THR B 511 29.65 2.30 -0.45
CA THR B 511 28.41 2.63 -1.14
C THR B 511 27.88 1.52 -2.03
N PRO B 512 28.66 0.94 -2.96
CA PRO B 512 28.09 -0.09 -3.84
C PRO B 512 27.72 -1.36 -3.11
N CYS B 513 28.45 -1.73 -2.06
CA CYS B 513 28.08 -2.89 -1.25
C CYS B 513 26.79 -2.65 -0.49
N ARG B 514 26.61 -1.44 0.04
CA ARG B 514 25.40 -1.10 0.76
C ARG B 514 24.17 -1.25 -0.13
N LEU B 515 24.18 -0.58 -1.29
CA LEU B 515 23.01 -0.60 -2.16
C LEU B 515 22.68 -2.02 -2.63
N ALA B 516 23.70 -2.84 -2.85
CA ALA B 516 23.46 -4.23 -3.21
C ALA B 516 22.81 -4.98 -2.06
N THR B 517 23.34 -4.81 -0.84
CA THR B 517 22.75 -5.45 0.33
C THR B 517 21.30 -5.02 0.51
N LEU B 518 21.05 -3.71 0.54
CA LEU B 518 19.68 -3.22 0.70
C LEU B 518 18.80 -3.72 -0.44
N CYS B 519 19.34 -3.77 -1.66
CA CYS B 519 18.56 -4.26 -2.78
C CYS B 519 18.03 -5.67 -2.52
N ALA B 520 18.85 -6.53 -1.93
CA ALA B 520 18.42 -7.89 -1.66
C ALA B 520 17.31 -7.95 -0.62
N GLN B 521 17.17 -6.92 0.21
CA GLN B 521 16.11 -6.90 1.21
C GLN B 521 14.75 -6.57 0.62
N LEU B 522 14.72 -6.00 -0.59
CA LEU B 522 13.49 -5.70 -1.30
C LEU B 522 13.19 -6.70 -2.41
N SER B 523 14.10 -7.65 -2.65
CA SER B 523 14.01 -8.54 -3.79
C SER B 523 13.60 -9.93 -3.34
N ALA B 524 12.33 -10.05 -2.95
CA ALA B 524 11.76 -11.36 -2.67
C ALA B 524 11.47 -12.15 -3.94
N ARG B 525 11.50 -11.50 -5.09
CA ARG B 525 11.25 -12.14 -6.38
C ARG B 525 12.54 -12.18 -7.18
N ALA B 526 12.87 -13.36 -7.71
CA ALA B 526 14.11 -13.51 -8.45
C ALA B 526 14.03 -12.80 -9.80
N ASP B 527 15.16 -12.24 -10.23
CA ASP B 527 15.30 -11.63 -11.55
C ASP B 527 14.24 -10.54 -11.76
N SER B 528 14.26 -9.57 -10.85
CA SER B 528 13.33 -8.43 -10.90
C SER B 528 14.09 -7.16 -10.55
N PRO B 529 14.81 -6.58 -11.52
CA PRO B 529 15.57 -5.36 -11.22
C PRO B 529 14.70 -4.19 -10.79
N ALA B 530 13.43 -4.17 -11.20
CA ALA B 530 12.57 -3.04 -10.90
C ALA B 530 12.38 -2.84 -9.40
N LEU B 531 12.55 -3.89 -8.60
CA LEU B 531 12.33 -3.77 -7.16
C LEU B 531 13.33 -2.82 -6.52
N CYS B 532 14.52 -2.71 -7.10
CA CYS B 532 15.56 -1.82 -6.57
C CYS B 532 15.66 -0.52 -7.34
N ARG B 533 14.62 -0.18 -8.12
CA ARG B 533 14.62 1.04 -8.92
C ARG B 533 14.90 2.28 -8.07
N HIS B 534 14.55 2.23 -6.78
CA HIS B 534 14.67 3.40 -5.92
C HIS B 534 16.02 3.49 -5.21
N LEU B 535 16.89 2.49 -5.35
CA LEU B 535 18.21 2.53 -4.73
C LEU B 535 19.30 3.00 -5.68
N MET B 536 19.07 2.93 -6.98
CA MET B 536 20.04 3.34 -7.99
C MET B 536 20.77 4.63 -7.61
C1 NAG C . -2.27 16.06 -21.43
C2 NAG C . -1.83 16.34 -22.88
C3 NAG C . -2.19 15.17 -23.79
C4 NAG C . -1.55 13.91 -23.24
C5 NAG C . -2.19 13.68 -21.87
C6 NAG C . -1.80 12.39 -21.19
C7 NAG C . -3.72 17.81 -23.40
C8 NAG C . -4.14 19.15 -23.92
N2 NAG C . -2.41 17.58 -23.37
O3 NAG C . -1.77 15.47 -25.13
O4 NAG C . -1.70 12.77 -24.09
O5 NAG C . -1.79 14.76 -21.02
O6 NAG C . -0.84 12.57 -20.17
O7 NAG C . -4.54 16.97 -23.03
H1 NAG C . -3.24 16.07 -21.39
H2 NAG C . -0.85 16.43 -22.89
H3 NAG C . -3.16 15.06 -23.78
H4 NAG C . -0.60 14.08 -23.11
H5 NAG C . -3.16 13.71 -21.97
H61 NAG C . -2.60 11.99 -20.80
H62 NAG C . -1.43 11.78 -21.86
H81 NAG C . -3.76 19.85 -23.35
H82 NAG C . -5.12 19.22 -23.90
H83 NAG C . -3.83 19.26 -24.83
HN2 NAG C . -1.84 18.24 -23.65
HO3 NAG C . -2.38 15.17 -25.69
C1 NAG C . -0.92 12.91 -25.29
C2 NAG C . 0.23 11.81 -25.38
C3 NAG C . 0.45 11.20 -26.79
C4 NAG C . -0.62 11.50 -27.83
C5 NAG C . -1.21 12.85 -27.57
C6 NAG C . -2.31 13.24 -28.53
C7 NAG C . 2.14 13.34 -25.53
C8 NAG C . 3.42 13.80 -24.90
N2 NAG C . 1.48 12.37 -24.88
O3 NAG C . 0.54 9.78 -26.63
O4 NAG C . -0.06 11.47 -29.14
O5 NAG C . -1.81 12.74 -26.29
O6 NAG C . -3.45 13.73 -27.83
O7 NAG C . 1.72 13.83 -26.58
H1 NAG C . -0.52 13.80 -25.34
H2 NAG C . -0.02 11.08 -24.78
H3 NAG C . 1.31 11.52 -27.13
H4 NAG C . -1.32 10.82 -27.78
H5 NAG C . -0.51 13.53 -27.56
H61 NAG C . -2.56 12.45 -29.06
H62 NAG C . -1.98 13.92 -29.14
H81 NAG C . 3.82 14.50 -25.45
H82 NAG C . 4.04 13.05 -24.84
H83 NAG C . 3.24 14.16 -24.01
HN2 NAG C . 1.83 12.04 -24.11
HO3 NAG C . -0.25 9.46 -26.38
HO4 NAG C . 0.82 11.62 -29.08
HO6 NAG C . -3.73 13.11 -27.26
C1 FUC C . 0.46 12.77 -20.77
C2 FUC C . 1.60 12.65 -19.68
C3 FUC C . 1.85 11.19 -19.24
C4 FUC C . 2.02 10.29 -20.48
C5 FUC C . 0.77 10.45 -21.36
C6 FUC C . 0.72 9.61 -22.63
O2 FUC C . 1.34 13.49 -18.56
O3 FUC C . 3.05 11.13 -18.48
O4 FUC C . 3.19 10.67 -21.20
O5 FUC C . 0.67 11.81 -21.79
H1 FUC C . 0.50 13.74 -21.27
H2 FUC C . 2.52 13.02 -20.15
H3 FUC C . 1.00 10.84 -18.65
H4 FUC C . 2.08 9.23 -20.16
H5 FUC C . -0.10 10.22 -20.72
H61 FUC C . 1.57 9.86 -23.27
H62 FUC C . -0.20 9.81 -23.17
H63 FUC C . 0.76 8.55 -22.39
HO2 FUC C . 0.38 13.56 -18.49
HO3 FUC C . 2.79 10.83 -17.61
HO4 FUC C . 3.01 10.42 -22.12
C1 NAG D . -20.68 47.34 -8.35
C2 NAG D . -21.25 48.75 -8.27
C3 NAG D . -22.28 48.83 -7.13
C4 NAG D . -23.36 47.79 -7.35
C5 NAG D . -22.76 46.40 -7.59
C6 NAG D . -23.79 45.44 -8.13
C7 NAG D . -20.08 50.84 -8.86
C8 NAG D . -18.94 51.74 -8.53
N2 NAG D . -20.20 49.74 -8.08
O3 NAG D . -22.84 50.14 -7.09
O4 NAG D . -24.25 47.72 -6.22
O5 NAG D . -21.73 46.43 -8.58
O6 NAG D . -24.50 46.07 -9.21
O7 NAG D . -20.87 51.07 -9.77
H1 NAG D . -20.24 47.12 -7.51
H2 NAG D . -21.72 48.95 -9.10
H3 NAG D . -21.82 48.66 -6.28
H4 NAG D . -23.89 48.05 -8.14
H5 NAG D . -22.41 46.06 -6.75
H61 NAG D . -24.43 45.20 -7.44
H62 NAG D . -23.35 44.63 -8.46
H81 NAG D . -18.10 51.26 -8.62
H82 NAG D . -19.03 52.07 -7.61
H83 NAG D . -18.95 52.51 -9.14
HN2 NAG D . -19.59 49.61 -7.42
HO3 NAG D . -23.71 50.08 -7.00
C1 NAG D . -25.64 47.56 -6.64
C2 NAG D . -26.41 46.64 -5.69
C3 NAG D . -27.83 47.17 -5.49
C4 NAG D . -27.78 48.53 -4.80
C5 NAG D . -26.78 49.44 -5.50
C6 NAG D . -25.54 49.72 -4.66
C7 NAG D . -25.85 44.24 -5.58
C8 NAG D . -26.01 42.90 -6.23
N2 NAG D . -26.46 45.27 -6.18
O3 NAG D . -28.58 46.24 -4.70
O4 NAG D . -29.06 49.13 -4.84
O5 NAG D . -26.31 48.86 -6.73
O6 NAG D . -25.71 50.92 -3.91
O7 NAG D . -25.17 44.40 -4.57
H1 NAG D . -25.64 47.15 -7.53
H2 NAG D . -25.97 46.64 -4.81
H3 NAG D . -28.25 47.27 -6.36
H4 NAG D . -27.51 48.40 -3.86
H5 NAG D . -27.21 50.28 -5.71
H61 NAG D . -24.78 49.82 -5.25
H62 NAG D . -25.39 48.97 -4.06
H81 NAG D . -25.66 42.94 -7.15
H82 NAG D . -26.96 42.67 -6.26
H83 NAG D . -25.53 42.23 -5.72
HN2 NAG D . -26.95 45.10 -6.94
HO3 NAG D . -29.23 46.68 -4.28
HO4 NAG D . -29.69 48.53 -4.64
HO6 NAG D . -25.09 51.50 -4.15
C1 FUC D . -24.36 45.62 -10.61
C2 FUC D . -23.02 44.81 -10.97
C3 FUC D . -23.30 43.31 -11.28
C4 FUC D . -24.45 42.66 -10.41
C5 FUC D . -25.61 43.64 -10.12
C6 FUC D . -27.01 43.12 -10.43
O2 FUC D . -21.92 44.97 -10.08
O3 FUC D . -23.67 43.21 -12.66
O4 FUC D . -24.94 41.51 -11.06
O5 FUC D . -25.49 44.82 -10.89
H1 FUC D . -24.47 46.49 -11.26
H2 FUC D . -22.68 45.23 -11.91
H3 FUC D . -22.38 42.75 -11.10
H4 FUC D . -24.01 42.38 -9.43
H5 FUC D . -25.53 43.92 -9.06
H61 FUC D . -27.76 43.89 -10.20
H62 FUC D . -27.21 42.23 -9.83
H63 FUC D . -27.09 42.86 -11.49
HO2 FUC D . -21.15 44.63 -10.54
HO3 FUC D . -23.78 42.26 -12.84
HO4 FUC D . -25.50 41.07 -10.40
C1 NAG E . -5.55 30.55 -19.87
C2 NAG E . -4.50 31.04 -20.87
C3 NAG E . -3.24 30.19 -20.77
C4 NAG E . -2.76 30.07 -19.33
C5 NAG E . -3.91 29.66 -18.42
C6 NAG E . -3.56 29.69 -16.95
C7 NAG E . -5.46 32.09 -22.88
C8 NAG E . -5.96 31.85 -24.27
N2 NAG E . -5.03 31.00 -22.23
O3 NAG E . -2.20 30.77 -21.57
O4 NAG E . -1.73 29.08 -19.28
O5 NAG E . -5.01 30.57 -18.58
O6 NAG E . -2.60 30.69 -16.66
O7 NAG E . -5.45 33.21 -22.38
H1 NAG E . -5.81 29.65 -20.10
H2 NAG E . -4.27 31.97 -20.65
H3 NAG E . -3.43 29.30 -21.11
H4 NAG E . -2.40 30.92 -19.03
H5 NAG E . -4.20 28.75 -18.65
H61 NAG E . -3.21 28.81 -16.69
H62 NAG E . -4.37 29.86 -16.43
H81 NAG E . -5.24 31.47 -24.82
H82 NAG E . -6.25 32.70 -24.67
H83 NAG E . -6.71 31.23 -24.25
HN2 NAG E . -5.06 30.20 -22.65
HO3 NAG E . -1.59 30.14 -21.75
C1 NAG E . -0.63 29.50 -18.41
C2 NAG E . 0.39 28.39 -18.35
C3 NAG E . 1.49 28.76 -17.36
C4 NAG E . 2.01 30.19 -17.57
C5 NAG E . 0.91 31.20 -17.92
C6 NAG E . 1.44 32.49 -18.49
C7 NAG E . 0.26 25.93 -18.28
C8 NAG E . -0.52 24.75 -17.81
N2 NAG E . -0.23 27.13 -17.98
O3 NAG E . 2.56 27.83 -17.49
O4 NAG E . 2.50 30.65 -16.32
O5 NAG E . -0.01 30.67 -18.90
O6 NAG E . 0.40 33.28 -19.03
O7 NAG E . 1.32 25.81 -18.90
H1 NAG E . -0.97 29.67 -17.51
H2 NAG E . 0.80 28.29 -19.24
H3 NAG E . 1.13 28.69 -16.45
H4 NAG E . 2.72 30.20 -18.23
H5 NAG E . 0.40 31.40 -17.11
H61 NAG E . 2.09 32.28 -19.19
H62 NAG E . 1.89 32.99 -17.78
H81 NAG E . -0.08 23.93 -18.08
H82 NAG E . -1.42 24.78 -18.21
H83 NAG E . -0.60 24.78 -16.84
HN2 NAG E . -1.03 27.16 -17.51
HO3 NAG E . 2.50 27.21 -16.85
HO6 NAG E . -0.39 32.95 -18.78
C1 BMA E . 3.92 30.72 -15.99
C2 BMA E . 4.67 29.40 -16.37
C3 BMA E . 6.05 29.51 -15.70
C4 BMA E . 6.79 30.79 -16.20
C5 BMA E . 5.89 32.04 -16.01
C6 BMA E . 6.48 33.35 -16.58
O2 BMA E . 4.89 29.27 -17.76
O3 BMA E . 6.89 28.34 -15.86
O4 BMA E . 8.01 30.96 -15.50
O5 BMA E . 4.62 31.80 -16.66
O6 BMA E . 7.42 33.95 -15.63
H1 BMA E . 4.02 30.87 -14.90
H2 BMA E . 4.11 28.54 -15.97
H3 BMA E . 5.92 29.62 -14.62
H4 BMA E . 6.97 30.67 -17.29
H5 BMA E . 5.73 32.21 -14.94
H61 BMA E . 5.65 34.02 -16.81
H62 BMA E . 6.98 33.10 -17.52
HO2 BMA E . 4.30 28.56 -18.06
HO4 BMA E . 7.85 31.70 -14.90
C1 MAN E . 6.37 27.18 -15.13
C2 MAN E . 6.81 27.24 -13.60
C3 MAN E . 8.23 26.68 -13.37
C4 MAN E . 8.47 25.39 -14.18
C5 MAN E . 8.17 25.66 -15.65
C6 MAN E . 8.43 24.46 -16.55
O2 MAN E . 5.95 26.43 -12.80
O3 MAN E . 8.47 26.45 -11.99
O4 MAN E . 9.82 24.98 -14.03
O5 MAN E . 6.78 25.98 -15.78
O6 MAN E . 9.65 24.67 -17.23
H1 MAN E . 5.27 27.16 -15.19
H2 MAN E . 6.79 28.28 -13.27
H3 MAN E . 8.97 27.42 -13.70
H4 MAN E . 7.78 24.62 -13.81
H5 MAN E . 8.79 26.50 -16.00
H61 MAN E . 7.59 24.36 -17.25
H62 MAN E . 8.46 23.57 -15.91
HO2 MAN E . 6.45 26.10 -12.05
HO3 MAN E . 9.22 25.83 -11.97
HO4 MAN E . 9.80 24.01 -14.06
HO6 MAN E . 9.87 23.87 -17.71
C1 MAN E . 6.83 34.52 -14.42
C2 MAN E . 5.62 35.47 -14.79
C3 MAN E . 5.32 36.44 -13.64
C4 MAN E . 6.56 37.23 -13.18
C5 MAN E . 7.84 36.64 -13.80
C6 MAN E . 9.11 37.15 -13.13
O2 MAN E . 4.43 34.71 -14.96
O3 MAN E . 4.73 35.77 -12.52
O4 MAN E . 6.43 38.60 -13.57
O5 MAN E . 7.83 35.21 -13.67
O6 MAN E . 9.02 36.89 -11.73
H1 MAN E . 6.48 33.71 -13.76
H2 MAN E . 5.87 36.03 -15.69
H3 MAN E . 4.57 37.16 -13.99
H4 MAN E . 6.65 37.14 -12.09
H5 MAN E . 7.88 36.92 -14.87
H61 MAN E . 9.21 38.23 -13.34
H62 MAN E . 9.96 36.64 -13.59
HO2 MAN E . 3.76 35.28 -15.38
HO3 MAN E . 5.46 35.31 -12.08
HO4 MAN E . 7.11 39.07 -13.06
HO6 MAN E . 8.53 36.07 -11.62
C1 FUC E . -3.25 31.78 -15.95
C2 FUC E . -2.18 32.61 -15.09
C3 FUC E . -1.69 33.92 -15.71
C4 FUC E . -2.88 34.72 -16.24
C5 FUC E . -3.61 33.91 -17.31
C6 FUC E . -4.91 34.58 -17.77
O2 FUC E . -1.08 31.82 -14.64
O3 FUC E . -1.06 34.72 -14.70
O4 FUC E . -3.76 35.05 -15.17
O5 FUC E . -4.00 32.56 -16.91
H1 FUC E . -4.01 31.36 -15.30
H2 FUC E . -2.70 32.90 -14.17
H3 FUC E . -1.00 33.70 -16.54
H4 FUC E . -2.50 35.63 -16.72
H5 FUC E . -2.91 33.82 -18.16
H61 FUC E . -5.40 33.96 -18.53
H62 FUC E . -4.70 35.56 -18.18
H63 FUC E . -5.59 34.69 -16.91
HO2 FUC E . -1.22 30.94 -15.02
HO3 FUC E . -1.78 35.20 -14.26
HO4 FUC E . -4.09 35.94 -15.38
C1 NAG F . -33.48 12.18 18.26
C2 NAG F . -33.12 10.70 18.34
C3 NAG F . -34.36 9.85 18.05
C4 NAG F . -35.51 10.26 18.97
C5 NAG F . -35.74 11.77 18.91
C6 NAG F . -36.75 12.24 19.93
C7 NAG F . -30.77 10.69 17.62
C8 NAG F . -29.81 10.26 16.57
N2 NAG F . -32.05 10.35 17.42
O3 NAG F . -34.05 8.48 18.25
O4 NAG F . -36.71 9.62 18.56
O5 NAG F . -34.52 12.47 19.18
O6 NAG F . -36.20 12.22 21.24
O7 NAG F . -30.42 11.32 18.62
H1 NAG F . -33.78 12.39 17.35
H2 NAG F . -32.82 10.50 19.24
H3 NAG F . -34.63 9.98 17.13
H4 NAG F . -35.30 10.00 19.89
H5 NAG F . -36.06 12.00 18.01
H61 NAG F . -37.53 11.67 19.90
H62 NAG F . -37.01 13.16 19.71
H81 NAG F . -28.91 10.54 16.82
H82 NAG F . -30.04 10.65 15.71
H83 NAG F . -29.82 9.28 16.49
HN2 NAG F . -32.26 9.90 16.66
HO3 NAG F . -34.52 7.98 17.68
HO6 NAG F . -35.34 12.43 21.21
C1 NAG F . -36.94 8.43 19.34
C2 NAG F . -38.37 8.01 19.09
C3 NAG F . -38.75 6.86 20.03
C4 NAG F . -37.51 6.11 20.50
C5 NAG F . -36.41 6.07 19.42
C6 NAG F . -36.80 5.27 18.20
C7 NAG F . -39.58 9.99 18.28
C8 NAG F . -40.52 11.09 18.63
N2 NAG F . -39.28 9.13 19.26
O3 NAG F . -39.63 5.97 19.36
O4 NAG F . -36.98 6.73 21.67
O5 NAG F . -36.06 7.38 18.95
O6 NAG F . -35.78 5.27 17.22
O7 NAG F . -39.11 9.87 17.15
H1 NAG F . -36.82 8.62 20.29
H2 NAG F . -38.44 7.68 18.17
H3 NAG F . -39.21 7.24 20.80
H4 NAG F . -37.76 5.20 20.71
H5 NAG F . -35.61 5.67 19.81
H61 NAG F . -37.61 5.65 17.82
H62 NAG F . -36.99 4.35 18.48
H81 NAG F . -40.14 11.63 19.35
H82 NAG F . -41.37 10.71 18.93
H83 NAG F . -40.68 11.65 17.85
HN2 NAG F . -39.65 9.26 20.08
HO3 NAG F . -39.95 5.38 19.94
HO4 NAG F . -36.69 6.10 22.22
HO6 NAG F . -35.24 5.97 17.35
C1 NAG G . -9.24 37.88 -44.28
C2 NAG G . -7.77 37.52 -44.02
C3 NAG G . -7.48 37.55 -42.52
C4 NAG G . -7.90 38.88 -41.93
C5 NAG G . -9.35 39.19 -42.29
C6 NAG G . -9.76 40.57 -41.87
C7 NAG G . -6.25 35.92 -45.09
C8 NAG G . -6.09 34.53 -45.62
N2 NAG G . -7.45 36.23 -44.59
O3 NAG G . -6.09 37.35 -42.30
O4 NAG G . -7.76 38.87 -40.51
O5 NAG G . -9.53 39.14 -43.71
O6 NAG G . -8.65 41.46 -41.97
O7 NAG G . -5.34 36.74 -45.12
H1 NAG G . -9.81 37.20 -43.88
H2 NAG G . -7.21 38.21 -44.45
H3 NAG G . -7.98 36.83 -42.09
H4 NAG G . -7.34 39.58 -42.30
H5 NAG G . -9.94 38.53 -41.86
H61 NAG G . -10.07 40.56 -40.94
H62 NAG G . -10.48 40.89 -42.44
H81 NAG G . -6.26 33.89 -44.91
H82 NAG G . -5.19 34.42 -45.96
H83 NAG G . -6.74 34.39 -46.34
HN2 NAG G . -8.10 35.58 -44.58
HO3 NAG G . -5.87 37.65 -41.50
C1 NAG G . -6.75 39.82 -40.06
C2 NAG G . -7.16 40.40 -38.72
C3 NAG G . -6.12 41.42 -38.25
C4 NAG G . -4.72 40.83 -38.27
C5 NAG G . -4.43 40.13 -39.60
C6 NAG G . -3.14 39.33 -39.57
C7 NAG G . -9.40 40.91 -37.84
C8 NAG G . -10.71 41.61 -38.11
N2 NAG G . -8.48 41.01 -38.80
O3 NAG G . -6.45 41.84 -36.93
O4 NAG G . -3.78 41.88 -38.12
O5 NAG G . -5.47 39.20 -39.93
O6 NAG G . -3.38 37.96 -39.86
O7 NAG G . -9.19 40.29 -36.81
H1 NAG G . -6.67 40.55 -40.71
H2 NAG G . -7.20 39.68 -38.06
H3 NAG G . -6.15 42.20 -38.84
H4 NAG G . -4.62 40.20 -37.54
H5 NAG G . -4.37 40.80 -40.31
H61 NAG G . -2.73 39.41 -38.69
H62 NAG G . -2.53 39.69 -40.24
H81 NAG G . -11.11 41.23 -38.92
H82 NAG G . -10.54 42.56 -38.24
H83 NAG G . -11.30 41.46 -37.35
HN2 NAG G . -8.68 41.49 -39.56
HO3 NAG G . -5.70 42.01 -36.48
HO6 NAG G . -3.81 37.59 -39.18
C1 BMA G . -2.82 41.74 -37.06
C2 BMA G . -1.40 41.80 -37.69
C3 BMA G . -0.32 41.90 -36.62
C4 BMA G . -0.65 43.00 -35.61
C5 BMA G . -2.03 42.75 -35.01
C6 BMA G . -2.44 43.82 -34.00
O2 BMA G . -1.27 42.97 -38.50
O3 BMA G . 0.97 42.13 -37.18
O4 BMA G . 0.33 43.02 -34.58
O5 BMA G . -3.00 42.74 -36.08
O6 BMA G . -2.40 45.09 -34.65
H1 BMA G . -2.94 40.74 -36.59
H2 BMA G . -1.24 40.90 -38.30
H3 BMA G . -0.25 40.96 -36.07
H4 BMA G . -0.67 43.97 -36.14
H5 BMA G . -2.04 41.78 -34.49
H61 BMA G . -1.74 43.78 -33.15
H62 BMA G . -3.44 43.57 -33.63
HO2 BMA G . -0.33 43.22 -38.45
HO3 BMA G . 1.54 42.38 -36.44
HO4 BMA G . 0.54 43.95 -34.43
HO6 BMA G . -1.97 45.72 -34.06
C1 FUC G . -8.98 42.60 -42.82
C2 FUC G . -7.63 43.47 -43.05
C3 FUC G . -6.99 43.34 -44.44
C4 FUC G . -8.05 43.43 -45.53
C5 FUC G . -9.07 42.30 -45.38
C6 FUC G . -10.27 42.47 -46.31
O2 FUC G . -6.66 43.29 -42.03
O3 FUC G . -6.10 44.45 -44.63
O4 FUC G . -8.68 44.70 -45.52
O5 FUC G . -9.65 42.17 -44.03
H1 FUC G . -9.73 43.20 -42.30
H2 FUC G . -7.94 44.52 -42.96
H3 FUC G . -6.45 42.38 -44.52
H4 FUC G . -7.55 43.28 -46.51
H5 FUC G . -8.54 41.37 -45.60
H61 FUC G . -10.98 41.65 -46.15
H62 FUC G . -9.93 42.46 -47.35
H63 FUC G . -10.78 43.42 -46.11
HO2 FUC G . -7.12 42.83 -41.30
HO3 FUC G . -6.67 45.23 -44.78
HO4 FUC G . -8.92 44.87 -46.45
C1 NAG H . 5.75 -31.25 -15.89
C2 NAG H . 4.66 -31.87 -16.73
C3 NAG H . 3.36 -31.07 -16.61
C4 NAG H . 3.01 -30.82 -15.14
C5 NAG H . 4.22 -30.35 -14.33
C6 NAG H . 3.99 -30.35 -12.84
C7 NAG H . 5.60 -33.02 -18.70
C8 NAG H . 5.93 -32.90 -20.15
N2 NAG H . 5.05 -31.94 -18.14
O3 NAG H . 2.30 -31.77 -17.22
O4 NAG H . 2.04 -29.78 -15.12
O5 NAG H . 5.35 -31.21 -14.55
O6 NAG H . 2.81 -31.06 -12.48
O7 NAG H . 5.82 -34.04 -18.06
H1 NAG H . 5.91 -30.34 -16.20
H2 NAG H . 4.49 -32.79 -16.42
H3 NAG H . 3.48 -30.22 -17.05
H4 NAG H . 2.64 -31.62 -14.74
H5 NAG H . 4.45 -29.44 -14.61
H61 NAG H . 3.90 -29.43 -12.53
H62 NAG H . 4.75 -30.76 -12.40
H81 NAG H . 6.57 -32.18 -20.28
H82 NAG H . 5.12 -32.72 -20.65
H83 NAG H . 6.33 -33.73 -20.47
HN2 NAG H . 4.91 -31.21 -18.66
HO3 NAG H . 1.57 -31.27 -17.23
C1 NAG H . 0.85 -30.15 -14.39
C2 NAG H . 0.00 -28.90 -14.40
C3 NAG H . -1.28 -29.14 -13.61
C4 NAG H . -1.98 -30.40 -14.11
C5 NAG H . -1.01 -31.57 -14.17
C6 NAG H . -1.60 -32.83 -14.75
C7 NAG H . 0.55 -26.50 -14.19
C8 NAG H . 1.46 -25.51 -13.53
N2 NAG H . 0.76 -27.78 -13.86
O3 NAG H . -2.14 -28.00 -13.74
O4 NAG H . -3.03 -30.75 -13.22
O5 NAG H . 0.13 -31.22 -14.98
O6 NAG H . -0.60 -33.82 -14.93
O7 NAG H . -0.33 -26.17 -14.97
H1 NAG H . 1.09 -30.37 -13.48
H2 NAG H . -0.23 -28.69 -15.33
H3 NAG H . -1.05 -29.24 -12.67
H4 NAG H . -2.35 -30.24 -15.00
H5 NAG H . -0.69 -31.76 -13.27
H61 NAG H . -2.00 -32.63 -15.61
H62 NAG H . -2.29 -33.17 -14.15
H81 NAG H . 1.34 -25.56 -12.56
H82 NAG H . 1.22 -24.61 -13.84
H83 NAG H . 2.38 -25.70 -13.77
HN2 NAG H . 1.44 -27.97 -13.27
HO3 NAG H . -1.78 -27.32 -13.30
HO6 NAG H . -0.85 -34.58 -14.54
C1 BMA H . -4.18 -29.89 -13.36
C2 BMA H . -5.39 -30.80 -13.46
C3 BMA H . -6.69 -29.99 -13.42
C4 BMA H . -6.70 -28.98 -12.28
C5 BMA H . -5.40 -28.17 -12.20
C6 BMA H . -5.32 -27.44 -10.89
O2 BMA H . -5.42 -31.70 -12.36
O3 BMA H . -7.86 -30.83 -13.27
O4 BMA H . -7.80 -28.09 -12.45
O5 BMA H . -4.27 -29.04 -12.25
O6 BMA H . -5.32 -28.45 -9.87
H1 BMA H . -4.09 -29.28 -14.29
H2 BMA H . -5.34 -31.36 -14.41
H3 BMA H . -6.83 -29.45 -14.36
H4 BMA H . -6.80 -29.54 -11.32
H5 BMA H . -5.37 -27.43 -13.02
H61 BMA H . -6.18 -26.77 -10.79
H62 BMA H . -4.39 -26.84 -10.89
HO2 BMA H . -6.06 -32.38 -12.59
HO4 BMA H . -8.59 -28.65 -12.45
C1 MAN H . -8.00 -31.85 -14.28
C2 MAN H . -8.16 -31.15 -15.69
C3 MAN H . -8.73 -32.07 -16.77
C4 MAN H . -9.21 -33.38 -16.17
C5 MAN H . -10.02 -33.05 -14.94
C6 MAN H . -10.85 -34.20 -14.43
O2 MAN H . -6.88 -30.74 -16.22
O3 MAN H . -7.77 -32.31 -17.81
O4 MAN H . -10.02 -34.07 -17.11
O5 MAN H . -9.09 -32.68 -13.91
O6 MAN H . -11.66 -34.68 -15.49
H1 MAN H . -7.14 -32.52 -14.28
H2 MAN H . -8.81 -30.27 -15.58
H3 MAN H . -9.58 -31.58 -17.24
H4 MAN H . -8.33 -33.98 -15.87
H5 MAN H . -10.69 -32.20 -15.17
H61 MAN H . -11.46 -33.85 -13.58
H62 MAN H . -10.15 -34.97 -14.06
HO2 MAN H . -6.31 -31.52 -16.26
HO3 MAN H . -8.19 -32.97 -18.38
HO4 MAN H . -9.77 -35.01 -17.02
HO6 MAN H . -12.50 -34.22 -15.44
C1 MAN H . -5.49 -27.90 -8.55
C2 MAN H . -5.72 -29.12 -7.58
C3 MAN H . -7.20 -29.37 -7.13
C4 MAN H . -8.23 -28.27 -7.48
C5 MAN H . -7.84 -27.49 -8.73
C6 MAN H . -8.76 -26.31 -9.00
O2 MAN H . -4.98 -28.94 -6.37
O3 MAN H . -7.25 -29.59 -5.73
O4 MAN H . -9.49 -28.89 -7.71
O5 MAN H . -6.55 -26.95 -8.52
O6 MAN H . -8.07 -25.38 -9.83
H1 MAN H . -4.60 -27.33 -8.25
H2 MAN H . -5.36 -30.02 -8.10
H3 MAN H . -7.54 -30.30 -7.59
H4 MAN H . -8.28 -27.56 -6.65
H5 MAN H . -7.85 -28.15 -9.61
H61 MAN H . -9.04 -25.86 -8.04
H62 MAN H . -9.67 -26.69 -9.48
HO2 MAN H . -4.59 -29.79 -6.11
HO3 MAN H . -6.62 -30.31 -5.56
HO4 MAN H . -10.07 -28.20 -8.06
HO6 MAN H . -7.37 -24.97 -9.29
C1 FUC H . 3.20 -32.11 -11.56
C2 FUC H . 1.92 -32.73 -10.78
C3 FUC H . 1.38 -34.07 -11.33
C4 FUC H . 2.54 -35.02 -11.58
C5 FUC H . 3.49 -34.42 -12.62
C6 FUC H . 4.74 -35.26 -12.83
O2 FUC H . 0.86 -31.77 -10.62
O3 FUC H . 0.56 -34.66 -10.32
O4 FUC H . 3.23 -35.29 -10.38
O5 FUC H . 3.98 -33.09 -12.29
H1 FUC H . 3.91 -31.69 -10.84
H2 FUC H . 2.27 -32.93 -9.76
H3 FUC H . 0.82 -33.89 -12.26
H4 FUC H . 2.13 -35.95 -12.01
H5 FUC H . 2.92 -34.35 -13.56
H61 FUC H . 5.40 -34.79 -13.57
H62 FUC H . 4.47 -36.26 -13.17
H63 FUC H . 5.29 -35.35 -11.88
HO2 FUC H . 1.30 -30.90 -10.51
HO3 FUC H . 1.09 -34.70 -9.52
HO4 FUC H . 3.58 -36.20 -10.48
C1 NAG I . 33.48 -10.82 21.43
C2 NAG I . 32.96 -9.42 21.18
C3 NAG I . 34.12 -8.49 20.86
C4 NAG I . 35.21 -8.57 21.93
C5 NAG I . 35.58 -10.01 22.23
C6 NAG I . 36.47 -10.15 23.44
C7 NAG I . 30.66 -9.35 20.32
C8 NAG I . 29.81 -9.34 19.09
N2 NAG I . 31.98 -9.41 20.10
O3 NAG I . 33.63 -7.15 20.76
O4 NAG I . 36.36 -7.88 21.47
O5 NAG I . 34.41 -10.80 22.50
O6 NAG I . 37.59 -10.98 23.18
O7 NAG I . 30.19 -9.31 21.44
H1 NAG I . 33.92 -11.16 20.63
H2 NAG I . 32.54 -9.09 22.00
H3 NAG I . 34.51 -8.75 20.00
H4 NAG I . 34.88 -8.14 22.75
H5 NAG I . 36.05 -10.39 21.46
H61 NAG I . 35.95 -10.53 24.18
H62 NAG I . 36.79 -9.26 23.70
H81 NAG I . 29.96 -10.15 18.58
H82 NAG I . 30.02 -8.57 18.55
H83 NAG I . 28.87 -9.31 19.36
HN2 NAG I . 32.28 -9.43 19.25
HO3 NAG I . 34.29 -6.62 20.47
HO6 NAG I . 37.81 -11.42 23.93
C1 NAG I . 36.68 -6.78 22.34
C2 NAG I . 38.09 -6.29 22.04
C3 NAG I . 38.46 -5.14 22.97
C4 NAG I . 37.40 -4.05 22.91
C5 NAG I . 35.99 -4.62 23.07
C6 NAG I . 34.90 -3.60 22.78
C7 NAG I . 39.35 -8.19 21.13
C8 NAG I . 40.37 -9.25 21.40
N2 NAG I . 39.05 -7.38 22.15
O3 NAG I . 39.72 -4.64 22.58
O4 NAG I . 37.56 -3.08 23.95
O5 NAG I . 35.76 -5.71 22.16
O6 NAG I . 34.79 -2.66 23.84
O7 NAG I . 38.82 -8.07 20.03
H1 NAG I . 36.64 -7.08 23.28
H2 NAG I . 38.09 -5.96 21.12
H3 NAG I . 38.52 -5.48 23.88
H4 NAG I . 37.46 -3.59 22.04
H5 NAG I . 35.89 -4.94 23.98
H61 NAG I . 34.05 -4.07 22.69
H62 NAG I . 35.11 -3.13 21.95
H81 NAG I . 40.04 -9.83 22.13
H82 NAG I . 41.21 -8.84 21.67
H83 NAG I . 40.51 -9.79 20.61
HN2 NAG I . 39.48 -7.51 22.94
HO3 NAG I . 39.75 -4.56 21.69
HO6 NAG I . 35.14 -1.89 23.58
C1 BMA I . 38.89 -2.65 24.32
C2 BMA I . 39.58 -1.88 23.17
C3 BMA I . 38.73 -0.66 22.78
C4 BMA I . 37.97 -0.12 23.99
C5 BMA I . 38.73 -0.42 25.29
C6 BMA I . 38.05 0.20 26.50
O2 BMA I . 39.73 -2.70 22.02
O3 BMA I . 37.76 -0.91 21.72
O4 BMA I . 37.79 1.28 23.87
O5 BMA I . 38.79 -1.85 25.50
O6 BMA I . 38.52 -0.45 27.67
H1 BMA I . 39.50 -3.55 24.56
H2 BMA I . 40.56 -1.54 23.52
H3 BMA I . 39.38 0.15 22.41
H4 BMA I . 37.00 -0.64 24.04
H5 BMA I . 39.75 -0.01 25.22
H61 BMA I . 36.96 0.08 26.38
H62 BMA I . 38.28 1.27 26.50
HO2 BMA I . 40.62 -2.49 21.67
HO4 BMA I . 37.53 1.43 22.94
C1 MAN I . 38.24 -0.93 20.35
C2 MAN I . 39.04 0.37 19.98
C3 MAN I . 38.94 0.68 18.48
C4 MAN I . 37.48 0.75 17.99
C5 MAN I . 36.53 0.13 19.03
C6 MAN I . 35.16 -0.21 18.47
O2 MAN I . 40.44 0.20 20.24
O3 MAN I . 39.68 -0.25 17.70
O4 MAN I . 37.10 2.10 17.74
O5 MAN I . 37.12 -1.09 19.50
O6 MAN I . 34.70 0.90 17.70
H1 MAN I . 38.87 -1.82 20.17
H2 MAN I . 38.64 1.20 20.57
H3 MAN I . 39.40 1.66 18.30
H4 MAN I . 37.39 0.15 17.06
H5 MAN I . 36.41 0.83 19.87
H61 MAN I . 34.49 -0.42 19.31
H62 MAN I . 35.26 -1.12 17.86
HO2 MAN I . 40.74 0.92 20.82
HO3 MAN I . 40.28 -0.70 18.32
HO4 MAN I . 36.68 2.09 16.86
HO6 MAN I . 34.92 0.72 16.78
C1 MAN I . 38.27 0.43 28.80
C2 MAN I . 38.82 -0.26 30.08
C3 MAN I . 38.25 0.41 31.33
C4 MAN I . 36.71 0.46 31.32
C5 MAN I . 36.15 0.04 29.95
C6 MAN I . 34.68 0.40 29.78
O2 MAN I . 40.24 -0.11 30.17
O3 MAN I . 38.79 1.73 31.52
O4 MAN I . 36.19 -0.40 32.32
O5 MAN I . 36.87 0.73 28.90
O6 MAN I . 34.24 -0.09 28.52
H1 MAN I . 38.75 1.40 28.65
H2 MAN I . 38.53 -1.32 30.07
H3 MAN I . 38.56 -0.17 32.21
H4 MAN I . 36.40 1.52 31.51
H5 MAN I . 36.26 -1.04 29.83
H61 MAN I . 34.58 1.50 29.85
H62 MAN I . 34.13 -0.05 30.61
HO2 MAN I . 40.43 0.75 30.56
HO3 MAN I . 38.42 2.04 32.36
HO4 MAN I . 35.30 -0.06 32.51
HO6 MAN I . 34.96 0.04 27.89
C1 NAG J . 8.24 -40.09 -38.93
C2 NAG J . 6.98 -39.38 -38.44
C3 NAG J . 6.82 -39.55 -36.93
C4 NAG J . 6.91 -41.02 -36.54
C5 NAG J . 8.17 -41.65 -37.12
C6 NAG J . 8.19 -43.13 -36.91
C7 NAG J . 6.03 -37.32 -39.38
C8 NAG J . 6.26 -35.86 -39.64
N2 NAG J . 7.03 -37.97 -38.78
O3 NAG J . 5.55 -39.03 -36.52
O4 NAG J . 7.00 -41.14 -35.13
O5 NAG J . 8.20 -41.44 -38.54
O6 NAG J . 6.93 -43.67 -37.28
O7 NAG J . 5.00 -37.88 -39.73
H1 NAG J . 9.03 -39.67 -38.53
H2 NAG J . 6.20 -39.77 -38.88
H3 NAG J . 7.52 -39.05 -36.48
H4 NAG J . 6.12 -41.50 -36.86
H5 NAG J . 8.96 -41.24 -36.71
H61 NAG J . 8.37 -43.32 -35.98
H62 NAG J . 8.89 -43.52 -37.47
H81 NAG J . 7.05 -35.74 -40.20
H82 NAG J . 6.40 -35.40 -38.79
H83 NAG J . 5.48 -35.48 -40.09
HN2 NAG J . 7.78 -37.49 -38.54
HO3 NAG J . 5.39 -38.28 -36.97
C1 NAG J . 6.12 -42.11 -34.57
C2 NAG J . 6.69 -42.42 -33.18
C3 NAG J . 5.73 -43.27 -32.37
C4 NAG J . 4.37 -42.60 -32.32
C5 NAG J . 3.86 -42.49 -33.74
C6 NAG J . 2.49 -41.86 -33.83
C7 NAG J . 9.14 -42.40 -33.26
C8 NAG J . 10.38 -43.23 -33.36
N2 NAG J . 7.98 -43.07 -33.28
O3 NAG J . 6.25 -43.43 -31.05
O4 NAG J . 3.45 -43.33 -31.50
O5 NAG J . 4.76 -41.65 -34.46
O6 NAG J . 1.62 -42.62 -34.67
O7 NAG J . 9.19 -41.18 -33.14
H1 NAG J . 6.14 -42.92 -35.12
H2 NAG J . 6.81 -41.57 -32.71
H3 NAG J . 5.65 -44.14 -32.79
H4 NAG J . 4.48 -41.70 -31.95
H5 NAG J . 3.85 -43.38 -34.16
H61 NAG J . 2.57 -40.96 -34.19
H62 NAG J . 2.11 -41.81 -32.93
H81 NAG J . 10.38 -43.72 -34.21
H82 NAG J . 10.42 -43.86 -32.63
H83 NAG J . 11.17 -42.65 -33.33
HN2 NAG J . 8.01 -43.97 -33.37
HO3 NAG J . 6.72 -42.71 -30.83
HO6 NAG J . 0.78 -42.46 -34.44
C1 BMA J . 3.23 -42.86 -30.14
C2 BMA J . 4.07 -41.59 -29.72
C3 BMA J . 3.84 -41.40 -28.23
C4 BMA J . 2.35 -41.11 -28.00
C5 BMA J . 1.49 -42.28 -28.60
C6 BMA J . -0.01 -42.00 -28.62
O2 BMA J . 3.59 -40.41 -30.35
O3 BMA J . 4.71 -40.41 -27.62
O4 BMA J . 2.07 -40.94 -26.63
O5 BMA J . 1.86 -42.52 -29.97
O6 BMA J . -0.58 -42.80 -29.65
H1 BMA J . 3.48 -43.68 -29.45
H2 BMA J . 5.13 -41.77 -29.94
H3 BMA J . 4.07 -42.35 -27.71
H4 BMA J . 2.09 -40.20 -28.57
H5 BMA J . 1.66 -43.19 -28.00
H61 BMA J . -0.16 -40.93 -28.79
H62 BMA J . -0.41 -42.26 -27.62
HO2 BMA J . 2.65 -40.56 -30.53
HO4 BMA J . 2.18 -40.00 -26.46
HO6 BMA J . -0.07 -43.62 -29.70
C1 MAN J . 6.10 -40.84 -27.64
C2 MAN J . 6.46 -41.60 -26.32
C3 MAN J . 7.62 -40.91 -25.59
C4 MAN J . 8.82 -40.67 -26.53
C5 MAN J . 8.39 -40.01 -27.87
C6 MAN J . 8.70 -40.90 -29.08
O2 MAN J . 6.92 -42.92 -26.62
O3 MAN J . 8.03 -41.68 -24.46
O4 MAN J . 9.75 -39.82 -25.88
O5 MAN J . 6.97 -39.72 -27.85
O6 MAN J . 7.96 -40.41 -30.19
H1 MAN J . 6.28 -41.50 -28.50
H2 MAN J . 5.57 -41.63 -25.67
H3 MAN J . 7.28 -39.95 -25.21
H4 MAN J . 9.29 -41.64 -26.75
H5 MAN J . 8.94 -39.08 -27.99
H61 MAN J . 8.43 -41.94 -28.84
H62 MAN J . 9.78 -40.85 -29.25
HO2 MAN J . 7.20 -43.35 -25.81
HO3 MAN J . 8.48 -41.05 -23.88
HO4 MAN J . 10.53 -40.36 -25.71
HO6 MAN J . 7.05 -40.71 -30.09
C1 FUC J . 7.25 -44.69 -38.25
C2 FUC J . 6.01 -45.62 -38.60
C3 FUC J . 6.72 -46.84 -39.15
C4 FUC J . 7.74 -46.50 -40.33
C5 FUC J . 8.49 -45.11 -40.20
C6 FUC J . 9.88 -45.20 -39.52
O2 FUC J . 5.03 -45.16 -39.52
O3 FUC J . 7.46 -47.46 -38.10
O4 FUC J . 8.70 -47.51 -40.40
O5 FUC J . 7.71 -44.13 -39.48
H1 FUC J . 8.08 -45.29 -37.88
H2 FUC J . 5.51 -45.90 -37.67
H3 FUC J . 5.95 -47.54 -39.54
H4 FUC J . 7.17 -46.46 -41.27
H5 FUC J . 8.62 -44.74 -41.22
H61 FUC J . 10.54 -45.86 -40.09
H62 FUC J . 9.77 -45.61 -38.50
H63 FUC J . 10.35 -44.21 -39.45
HO2 FUC J . 4.39 -45.88 -39.60
HO3 FUC J . 8.34 -47.62 -38.45
HO4 FUC J . 8.44 -48.06 -41.16
ZN ZN K . -23.16 24.47 1.71
ZN ZN L . -21.04 24.63 -1.04
ZN ZN M . -1.67 30.18 -58.88
S SO4 N . -22.03 19.90 -7.22
O1 SO4 N . -23.48 19.87 -7.33
O2 SO4 N . -21.44 19.17 -8.34
O3 SO4 N . -21.56 21.28 -7.23
O4 SO4 N . -21.64 19.26 -5.96
S SO4 O . -21.42 37.86 26.37
O1 SO4 O . -22.86 38.09 26.42
O2 SO4 O . -21.13 36.86 25.33
O3 SO4 O . -20.73 39.11 26.05
O4 SO4 O . -20.95 37.36 27.65
S SO4 P . -6.98 7.63 19.36
O1 SO4 P . -8.34 7.88 18.90
O2 SO4 P . -6.25 6.90 18.31
O3 SO4 P . -6.31 8.88 19.65
O4 SO4 P . -7.02 6.80 20.56
S SO4 Q . -33.32 2.37 -4.66
O1 SO4 Q . -34.31 1.50 -5.30
O2 SO4 Q . -32.14 1.59 -4.30
O3 SO4 Q . -32.95 3.43 -5.59
O4 SO4 Q . -33.89 2.97 -3.45
S SO4 R . -11.62 5.92 -16.29
O1 SO4 R . -12.17 5.09 -17.36
O2 SO4 R . -10.25 5.52 -16.02
O3 SO4 R . -11.65 7.31 -16.70
O4 SO4 R . -12.42 5.74 -15.08
S SO4 S . -42.58 40.89 -25.88
O1 SO4 S . -43.83 40.71 -25.14
O2 SO4 S . -42.84 40.77 -27.32
O3 SO4 S . -42.03 42.20 -25.59
O4 SO4 S . -41.62 39.86 -25.48
S SO4 T . -15.01 7.23 23.17
O1 SO4 T . -13.96 6.20 23.10
O2 SO4 T . -14.97 7.85 24.49
O3 SO4 T . -14.76 8.23 22.14
O4 SO4 T . -16.31 6.60 22.95
S SO4 U . -43.92 35.78 6.08
O1 SO4 U . -44.59 36.72 5.18
O2 SO4 U . -43.21 34.79 5.29
O3 SO4 U . -42.99 36.51 6.92
O4 SO4 U . -44.92 35.13 6.91
S SO4 V . 7.72 12.94 -11.68
O1 SO4 V . 7.65 13.44 -13.05
O2 SO4 V . 8.91 12.11 -11.53
O3 SO4 V . 7.79 14.07 -10.76
O4 SO4 V . 6.53 12.15 -11.39
S SO4 W . -12.66 23.75 -39.86
O1 SO4 W . -13.99 24.32 -39.98
O2 SO4 W . -12.69 22.35 -40.28
O3 SO4 W . -11.73 24.49 -40.71
O4 SO4 W . -12.21 23.83 -38.47
ZN ZN X . 23.31 -24.03 5.36
ZN ZN Y . 21.12 -24.48 2.82
ZN ZN Z . -0.81 -33.31 -53.40
C1 NAG AA . 1.21 -17.23 -17.37
C2 NAG AA . 0.83 -15.94 -18.08
C3 NAG AA . 0.20 -16.26 -19.44
C4 NAG AA . 1.13 -17.15 -20.26
C5 NAG AA . 1.52 -18.39 -19.45
C6 NAG AA . 2.55 -19.25 -20.15
C7 NAG AA . 0.18 -13.89 -16.91
C8 NAG AA . -0.88 -13.22 -16.07
N2 NAG AA . -0.08 -15.15 -17.29
O3 NAG AA . -0.04 -15.05 -20.14
O4 NAG AA . 0.49 -17.56 -21.46
O5 NAG AA . 2.10 -17.99 -18.19
O6 NAG AA . 2.68 -20.52 -19.54
O7 NAG AA . 1.22 -13.32 -17.21
H1 NAG AA . 0.42 -17.75 -17.18
H2 NAG AA . 1.64 -15.42 -18.24
H3 NAG AA . -0.64 -16.73 -19.30
H4 NAG AA . 1.95 -16.66 -20.48
H5 NAG AA . 0.72 -18.92 -19.29
H61 NAG AA . 3.42 -18.80 -20.12
H62 NAG AA . 2.29 -19.37 -21.08
H81 NAG AA . -1.02 -13.74 -15.25
H82 NAG AA . -1.72 -13.18 -16.57
H83 NAG AA . -0.59 -12.31 -15.85
HN2 NAG AA . -0.88 -15.53 -17.03
HO3 NAG AA . -0.50 -15.22 -20.89
HO4 NAG AA . 0.29 -18.43 -21.41
HO6 NAG AA . 3.21 -21.03 -20.01
S SO4 BA . 21.71 -19.79 -3.71
O1 SO4 BA . 20.97 -21.04 -3.81
O2 SO4 BA . 23.12 -20.04 -3.98
O3 SO4 BA . 21.19 -18.84 -4.68
O4 SO4 BA . 21.56 -19.24 -2.37
S SO4 CA . 35.00 -9.90 17.04
O1 SO4 CA . 35.25 -9.56 15.65
O2 SO4 CA . 35.30 -11.31 17.28
O3 SO4 CA . 35.85 -9.08 17.91
O4 SO4 CA . 33.60 -9.65 17.36
S SO4 DA . 32.63 -1.88 -1.65
O1 SO4 DA . 32.26 -3.26 -1.94
O2 SO4 DA . 33.14 -1.25 -2.87
O3 SO4 DA . 31.45 -1.14 -1.19
O4 SO4 DA . 33.66 -1.85 -0.62
S SO4 EA . 11.06 -6.32 -13.75
O1 SO4 EA . 11.13 -7.66 -14.30
O2 SO4 EA . 12.03 -6.18 -12.67
O3 SO4 EA . 11.38 -5.35 -14.79
O4 SO4 EA . 9.72 -6.07 -13.24
S SO4 FA . 14.72 -6.03 26.10
O1 SO4 FA . 13.41 -6.65 26.32
O2 SO4 FA . 15.31 -6.57 24.87
O3 SO4 FA . 14.57 -4.59 25.97
O4 SO4 FA . 15.59 -6.33 27.23
S SO4 GA . -8.37 -13.76 -7.74
O1 SO4 GA . -9.20 -14.00 -8.92
O2 SO4 GA . -8.16 -15.01 -7.03
O3 SO4 GA . -7.08 -13.21 -8.16
O4 SO4 GA . -9.05 -12.80 -6.87
S SO4 HA . 12.87 -26.04 -35.40
O1 SO4 HA . 12.07 -26.39 -36.56
O2 SO4 HA . 14.26 -25.92 -35.78
O3 SO4 HA . 12.39 -24.77 -34.85
O4 SO4 HA . 12.73 -27.08 -34.39
#